data_9NII
#
_entry.id   9NII
#
_cell.length_a   109.260
_cell.length_b   119.798
_cell.length_c   176.303
_cell.angle_alpha   90.000
_cell.angle_beta   90.000
_cell.angle_gamma   90.000
#
_symmetry.space_group_name_H-M   'P 2 21 21'
#
loop_
_entity.id
_entity.type
_entity.pdbx_description
1 polymer 'PB TCR alpha chain'
2 polymer 'PB TCR beta chain'
3 non-polymer 1,2-ETHANEDIOL
4 water water
#
loop_
_entity_poly.entity_id
_entity_poly.type
_entity_poly.pdbx_seq_one_letter_code
_entity_poly.pdbx_strand_id
1 'polypeptide(L)'
;MQQLNQSPQSMFIQEGEDVSMNCTSSSIFNTWLWYKQEPGEGPVLLIALYKAGELTSNGRLTAQFGITRKDSFLNISASI
PSDVGIYFCAGQDVGNTNAGKSTFGDGTTLTVKPNIQNPDPAVYQLRDSKSSDKSVCLFTDFDSQTNVSQSKDSDVYITD
KCVLDMRSMDFKSNSAVAWSNKSDFACANAFNNSIIPEDTFFPSPESS
;
G,A,C,E
2 'polypeptide(L)'
;GITQSPRYKITETGRQVTLMCHQTWSHSYMFWYRQDLGHGLRLIYYSAAADITDKGEVPDGYVVSRSKTENFPLTLESAT
RSQTSVYFCASSGVPPVQFFGPGTRLTVLEDLNKVFPPEVAVFEPSEAEISHTQKATLVCLATGFFPDHVELSWWVNGKE
VHSGVCTDPQPLKEQPALNDSRYALSSRLRVSATFWQNPRNHFRCQVQFYGLSENDEWTQDRAKPVTQIVSAEAWGRAD
;
H,B,D,F
#
loop_
_chem_comp.id
_chem_comp.type
_chem_comp.name
_chem_comp.formula
EDO non-polymer 1,2-ETHANEDIOL 'C2 H6 O2'
#
# COMPACT_ATOMS: atom_id res chain seq x y z
N MET A 1 25.29 -17.07 -13.69
CA MET A 1 25.57 -18.46 -13.33
C MET A 1 24.71 -19.40 -14.16
N GLN A 2 23.62 -19.89 -13.57
CA GLN A 2 22.67 -20.73 -14.28
C GLN A 2 21.93 -19.90 -15.33
N GLN A 3 21.64 -20.52 -16.46
CA GLN A 3 21.03 -19.83 -17.60
C GLN A 3 19.88 -20.65 -18.17
N LEU A 4 18.82 -19.96 -18.58
CA LEU A 4 17.63 -20.57 -19.14
C LEU A 4 17.46 -20.06 -20.57
N ASN A 5 17.65 -20.94 -21.55
CA ASN A 5 17.51 -20.61 -22.97
C ASN A 5 16.06 -20.78 -23.38
N GLN A 6 15.38 -19.68 -23.68
CA GLN A 6 13.98 -19.68 -24.06
C GLN A 6 13.86 -19.37 -25.55
N SER A 7 13.08 -20.18 -26.26
CA SER A 7 12.94 -20.04 -27.70
C SER A 7 11.52 -20.42 -28.11
N PRO A 8 10.93 -19.75 -29.11
CA PRO A 8 11.55 -18.67 -29.89
C PRO A 8 11.33 -17.30 -29.29
N GLN A 9 12.14 -16.32 -29.69
CA GLN A 9 12.06 -14.99 -29.09
C GLN A 9 10.72 -14.34 -29.38
N SER A 10 10.16 -14.56 -30.58
CA SER A 10 8.88 -13.98 -30.97
C SER A 10 7.99 -15.05 -31.55
N MET A 11 6.68 -14.82 -31.47
CA MET A 11 5.70 -15.74 -32.04
C MET A 11 4.46 -14.94 -32.42
N PHE A 12 4.16 -14.91 -33.72
CA PHE A 12 2.99 -14.21 -34.24
C PHE A 12 1.99 -15.26 -34.72
N ILE A 13 1.21 -15.78 -33.78
CA ILE A 13 0.21 -16.79 -34.08
C ILE A 13 -1.14 -16.11 -34.25
N GLN A 14 -1.99 -16.69 -35.07
CA GLN A 14 -3.30 -16.13 -35.34
C GLN A 14 -4.33 -16.69 -34.36
N GLU A 15 -5.48 -16.03 -34.29
CA GLU A 15 -6.48 -16.36 -33.29
C GLU A 15 -7.06 -17.75 -33.51
N GLY A 16 -7.11 -18.55 -32.45
CA GLY A 16 -7.67 -19.88 -32.48
C GLY A 16 -6.67 -21.01 -32.57
N GLU A 17 -5.42 -20.72 -32.96
CA GLU A 17 -4.41 -21.75 -33.13
C GLU A 17 -3.66 -21.97 -31.81
N ASP A 18 -2.76 -22.95 -31.81
CA ASP A 18 -2.05 -23.34 -30.62
C ASP A 18 -0.73 -22.57 -30.48
N VAL A 19 -0.23 -22.54 -29.24
CA VAL A 19 1.00 -21.85 -28.89
C VAL A 19 1.96 -22.86 -28.28
N SER A 20 3.26 -22.71 -28.56
CA SER A 20 4.26 -23.61 -28.00
C SER A 20 5.55 -22.86 -27.80
N MET A 21 6.00 -22.78 -26.54
CA MET A 21 7.28 -22.18 -26.19
C MET A 21 8.13 -23.19 -25.44
N ASN A 22 9.40 -23.28 -25.80
CA ASN A 22 10.33 -24.20 -25.17
C ASN A 22 11.27 -23.43 -24.24
N CYS A 23 11.98 -24.18 -23.40
CA CYS A 23 12.85 -23.61 -22.38
C CYS A 23 13.86 -24.67 -21.97
N THR A 24 15.14 -24.45 -22.29
CA THR A 24 16.19 -25.42 -22.03
C THR A 24 17.27 -24.81 -21.15
N SER A 25 18.00 -25.68 -20.45
CA SER A 25 19.05 -25.24 -19.55
C SER A 25 20.20 -26.24 -19.58
N SER A 26 21.39 -25.76 -19.19
CA SER A 26 22.56 -26.61 -19.06
C SER A 26 22.68 -27.24 -17.68
N SER A 27 21.94 -26.73 -16.70
CA SER A 27 21.95 -27.24 -15.34
C SER A 27 20.56 -27.75 -14.98
N ILE A 28 20.50 -28.52 -13.89
CA ILE A 28 19.24 -29.11 -13.45
C ILE A 28 18.45 -28.11 -12.64
N PHE A 29 17.12 -28.22 -12.70
CA PHE A 29 16.23 -27.36 -11.93
C PHE A 29 15.13 -28.23 -11.32
N ASN A 30 15.00 -28.17 -10.00
CA ASN A 30 14.00 -28.98 -9.31
C ASN A 30 12.60 -28.41 -9.42
N THR A 31 12.46 -27.11 -9.72
CA THR A 31 11.16 -26.47 -9.84
C THR A 31 11.18 -25.53 -11.03
N TRP A 32 10.16 -25.63 -11.88
CA TRP A 32 10.04 -24.79 -13.07
C TRP A 32 8.74 -24.00 -12.99
N LEU A 33 8.82 -22.71 -13.30
CA LEU A 33 7.68 -21.81 -13.29
C LEU A 33 7.49 -21.20 -14.67
N TRP A 34 6.28 -20.70 -14.91
CA TRP A 34 5.95 -19.96 -16.12
C TRP A 34 5.20 -18.70 -15.75
N TYR A 35 5.58 -17.58 -16.35
CA TYR A 35 4.96 -16.29 -16.08
C TYR A 35 4.45 -15.67 -17.37
N LYS A 36 3.45 -14.81 -17.23
CA LYS A 36 2.86 -14.08 -18.35
C LYS A 36 2.75 -12.61 -17.97
N GLN A 37 3.50 -11.76 -18.67
CA GLN A 37 3.51 -10.32 -18.43
C GLN A 37 2.71 -9.64 -19.54
N GLU A 38 1.50 -9.21 -19.23
CA GLU A 38 0.68 -8.51 -20.20
C GLU A 38 1.23 -7.11 -20.44
N PRO A 39 0.97 -6.52 -21.61
CA PRO A 39 1.53 -5.20 -21.91
C PRO A 39 1.07 -4.14 -20.92
N GLY A 40 2.04 -3.34 -20.47
CA GLY A 40 1.77 -2.32 -19.47
C GLY A 40 1.55 -2.83 -18.07
N GLU A 41 1.59 -4.15 -17.86
CA GLU A 41 1.37 -4.77 -16.57
C GLU A 41 2.62 -5.54 -16.16
N GLY A 42 2.58 -6.13 -14.97
CA GLY A 42 3.67 -6.91 -14.47
C GLY A 42 3.50 -8.39 -14.73
N PRO A 43 4.56 -9.17 -14.52
CA PRO A 43 4.47 -10.62 -14.72
C PRO A 43 3.66 -11.27 -13.61
N VAL A 44 2.73 -12.13 -14.01
CA VAL A 44 1.90 -12.89 -13.08
C VAL A 44 2.19 -14.36 -13.29
N LEU A 45 2.24 -15.13 -12.20
CA LEU A 45 2.51 -16.56 -12.30
C LEU A 45 1.42 -17.25 -13.11
N LEU A 46 1.84 -18.09 -14.05
CA LEU A 46 0.91 -18.79 -14.93
C LEU A 46 0.69 -20.24 -14.49
N ILE A 47 1.76 -20.95 -14.15
CA ILE A 47 1.66 -22.33 -13.68
C ILE A 47 2.96 -22.69 -12.97
N ALA A 48 2.83 -23.40 -11.85
CA ALA A 48 3.97 -23.89 -11.09
C ALA A 48 4.10 -25.40 -11.27
N LEU A 49 5.33 -25.86 -11.49
CA LEU A 49 5.61 -27.27 -11.76
C LEU A 49 6.62 -27.76 -10.72
N TYR A 50 6.19 -28.70 -9.88
CA TYR A 50 7.03 -29.22 -8.80
C TYR A 50 7.43 -30.68 -8.99
N LYS A 51 6.79 -31.40 -9.92
CA LYS A 51 7.07 -32.81 -10.14
C LYS A 51 7.61 -33.02 -11.55
N ALA A 52 8.72 -33.75 -11.65
CA ALA A 52 9.35 -33.99 -12.94
C ALA A 52 8.55 -34.96 -13.79
N GLY A 53 8.32 -34.60 -15.04
CA GLY A 53 7.62 -35.46 -15.96
C GLY A 53 6.10 -35.46 -15.81
N GLU A 54 5.56 -34.57 -15.00
CA GLU A 54 4.12 -34.52 -14.77
C GLU A 54 3.49 -33.55 -15.76
N LEU A 55 2.58 -34.07 -16.59
CA LEU A 55 1.84 -33.25 -17.55
C LEU A 55 0.67 -32.61 -16.81
N THR A 56 0.82 -31.34 -16.45
CA THR A 56 -0.22 -30.60 -15.77
C THR A 56 -0.96 -29.71 -16.76
N SER A 57 -2.26 -29.53 -16.53
CA SER A 57 -3.09 -28.77 -17.45
C SER A 57 -4.23 -28.10 -16.69
N ASN A 58 -4.38 -26.79 -16.88
CA ASN A 58 -5.50 -26.05 -16.31
C ASN A 58 -6.43 -25.56 -17.41
N GLY A 59 -6.94 -26.47 -18.23
CA GLY A 59 -7.83 -26.12 -19.31
C GLY A 59 -7.10 -25.70 -20.57
N ARG A 60 -6.93 -24.38 -20.76
CA ARG A 60 -6.26 -23.87 -21.95
C ARG A 60 -4.74 -23.99 -21.88
N LEU A 61 -4.18 -24.13 -20.68
CA LEU A 61 -2.74 -24.18 -20.48
C LEU A 61 -2.29 -25.62 -20.23
N THR A 62 -1.10 -25.94 -20.72
CA THR A 62 -0.48 -27.25 -20.50
C THR A 62 1.03 -27.04 -20.40
N ALA A 63 1.63 -27.59 -19.35
CA ALA A 63 3.06 -27.43 -19.14
C ALA A 63 3.62 -28.69 -18.51
N GLN A 64 4.96 -28.82 -18.58
CA GLN A 64 5.68 -29.99 -18.11
C GLN A 64 7.17 -29.69 -18.22
N PHE A 65 7.96 -30.28 -17.32
CA PHE A 65 9.40 -30.27 -17.44
C PHE A 65 9.92 -31.70 -17.30
N GLY A 66 10.83 -32.07 -18.19
CA GLY A 66 11.23 -33.46 -18.34
C GLY A 66 11.93 -34.03 -17.13
N ILE A 67 12.11 -35.36 -17.18
CA ILE A 67 12.82 -36.08 -16.12
C ILE A 67 14.26 -35.61 -16.03
N THR A 68 14.88 -35.28 -17.17
CA THR A 68 16.23 -34.76 -17.18
C THR A 68 16.36 -33.45 -16.42
N ARG A 69 15.25 -32.79 -16.11
CA ARG A 69 15.22 -31.56 -15.31
C ARG A 69 16.02 -30.44 -15.99
N LYS A 70 16.07 -30.45 -17.32
CA LYS A 70 16.74 -29.40 -18.07
C LYS A 70 15.86 -28.75 -19.13
N ASP A 71 14.71 -29.32 -19.45
CA ASP A 71 13.81 -28.78 -20.45
C ASP A 71 12.43 -28.53 -19.85
N SER A 72 11.64 -27.73 -20.54
CA SER A 72 10.26 -27.46 -20.16
C SER A 72 9.56 -26.79 -21.33
N PHE A 73 8.23 -26.92 -21.36
CA PHE A 73 7.45 -26.33 -22.42
C PHE A 73 6.14 -25.78 -21.84
N LEU A 74 5.47 -24.97 -22.65
CA LEU A 74 4.19 -24.37 -22.30
C LEU A 74 3.32 -24.31 -23.54
N ASN A 75 2.07 -24.76 -23.42
CA ASN A 75 1.15 -24.80 -24.55
C ASN A 75 -0.15 -24.10 -24.20
N ILE A 76 -0.56 -23.17 -25.05
CA ILE A 76 -1.84 -22.47 -24.91
C ILE A 76 -2.74 -22.90 -26.06
N SER A 77 -3.96 -23.29 -25.74
CA SER A 77 -4.91 -23.80 -26.73
C SER A 77 -5.95 -22.74 -27.04
N ALA A 78 -6.38 -22.71 -28.31
CA ALA A 78 -7.41 -21.78 -28.78
C ALA A 78 -7.06 -20.34 -28.40
N SER A 79 -6.11 -19.80 -29.16
CA SER A 79 -5.58 -18.47 -28.87
C SER A 79 -6.68 -17.42 -28.87
N ILE A 80 -6.77 -16.68 -27.77
CA ILE A 80 -7.73 -15.59 -27.63
C ILE A 80 -6.93 -14.30 -27.44
N PRO A 81 -7.52 -13.15 -27.76
CA PRO A 81 -6.72 -11.92 -27.82
C PRO A 81 -5.99 -11.57 -26.53
N SER A 82 -6.55 -11.91 -25.36
CA SER A 82 -5.90 -11.51 -24.11
C SER A 82 -4.62 -12.28 -23.83
N ASP A 83 -4.23 -13.21 -24.69
CA ASP A 83 -2.99 -13.96 -24.50
C ASP A 83 -1.75 -13.21 -24.97
N VAL A 84 -1.91 -11.97 -25.45
CA VAL A 84 -0.75 -11.18 -25.89
C VAL A 84 0.08 -10.79 -24.68
N GLY A 85 1.39 -10.88 -24.81
CA GLY A 85 2.28 -10.50 -23.74
C GLY A 85 3.59 -11.27 -23.84
N ILE A 86 4.42 -11.07 -22.82
CA ILE A 86 5.72 -11.73 -22.71
C ILE A 86 5.57 -12.92 -21.78
N TYR A 87 6.25 -14.02 -22.11
CA TYR A 87 6.17 -15.25 -21.34
C TYR A 87 7.56 -15.65 -20.90
N PHE A 88 7.77 -15.72 -19.59
CA PHE A 88 9.05 -16.12 -19.00
C PHE A 88 8.93 -17.50 -18.40
N CYS A 89 9.98 -18.31 -18.59
CA CYS A 89 10.17 -19.51 -17.78
C CYS A 89 11.17 -19.22 -16.68
N ALA A 90 10.93 -19.83 -15.51
CA ALA A 90 11.79 -19.60 -14.36
C ALA A 90 12.09 -20.94 -13.70
N GLY A 91 13.27 -21.02 -13.09
CA GLY A 91 13.67 -22.18 -12.32
C GLY A 91 14.29 -21.75 -11.01
N GLN A 92 13.85 -22.35 -9.90
CA GLN A 92 14.42 -22.05 -8.60
C GLN A 92 15.89 -22.42 -8.59
N ASP A 93 16.74 -21.44 -8.29
CA ASP A 93 18.19 -21.64 -8.25
C ASP A 93 18.54 -22.79 -7.33
N VAL A 94 19.16 -23.83 -7.90
CA VAL A 94 19.51 -25.00 -7.11
C VAL A 94 20.55 -24.63 -6.07
N GLY A 95 20.36 -25.13 -4.87
CA GLY A 95 21.19 -24.80 -3.73
C GLY A 95 20.42 -24.00 -2.69
N ASN A 96 21.15 -23.57 -1.68
CA ASN A 96 20.61 -22.80 -0.57
C ASN A 96 21.06 -21.34 -0.59
N THR A 97 22.30 -21.09 -1.01
CA THR A 97 22.78 -19.71 -1.08
C THR A 97 21.96 -18.90 -2.09
N ASN A 98 21.78 -19.44 -3.29
CA ASN A 98 20.99 -18.80 -4.33
C ASN A 98 19.50 -19.13 -4.24
N ALA A 99 19.08 -19.88 -3.23
CA ALA A 99 17.67 -20.20 -3.05
C ALA A 99 16.86 -18.93 -2.79
N GLY A 100 15.56 -19.03 -3.07
CA GLY A 100 14.68 -17.87 -3.10
C GLY A 100 14.73 -17.12 -4.40
N LYS A 101 15.93 -16.98 -4.97
CA LYS A 101 16.10 -16.42 -6.29
C LYS A 101 15.74 -17.45 -7.35
N SER A 102 15.44 -16.96 -8.55
CA SER A 102 15.12 -17.83 -9.68
C SER A 102 15.69 -17.22 -10.94
N THR A 103 16.24 -18.07 -11.81
CA THR A 103 16.77 -17.62 -13.09
C THR A 103 15.67 -17.66 -14.14
N PHE A 104 15.53 -16.57 -14.87
CA PHE A 104 14.53 -16.43 -15.92
C PHE A 104 15.20 -16.50 -17.29
N GLY A 105 14.38 -16.81 -18.30
CA GLY A 105 14.82 -16.74 -19.67
C GLY A 105 14.65 -15.35 -20.26
N ASP A 106 14.99 -15.23 -21.54
CA ASP A 106 14.82 -13.94 -22.21
C ASP A 106 13.35 -13.64 -22.47
N GLY A 107 12.52 -14.67 -22.57
CA GLY A 107 11.09 -14.49 -22.76
C GLY A 107 10.69 -14.51 -24.23
N THR A 108 9.46 -14.94 -24.46
CA THR A 108 8.87 -14.94 -25.80
C THR A 108 7.73 -13.92 -25.82
N THR A 109 7.81 -12.96 -26.74
CA THR A 109 6.75 -11.99 -26.94
C THR A 109 5.73 -12.57 -27.91
N LEU A 110 4.50 -12.75 -27.45
CA LEU A 110 3.44 -13.34 -28.24
C LEU A 110 2.49 -12.27 -28.75
N THR A 111 2.06 -12.40 -30.00
CA THR A 111 1.07 -11.52 -30.60
C THR A 111 0.00 -12.37 -31.27
N VAL A 112 -1.26 -12.05 -31.01
CA VAL A 112 -2.39 -12.80 -31.53
C VAL A 112 -3.07 -11.94 -32.59
N LYS A 113 -3.17 -12.46 -33.81
CA LYS A 113 -3.74 -11.75 -34.94
C LYS A 113 -5.21 -12.12 -35.13
N PRO A 114 -6.06 -11.15 -35.44
CA PRO A 114 -7.49 -11.44 -35.59
C PRO A 114 -7.79 -12.21 -36.87
N ASN A 115 -8.90 -12.94 -36.85
CA ASN A 115 -9.36 -13.72 -38.00
C ASN A 115 -10.41 -12.89 -38.73
N ILE A 116 -9.99 -12.19 -39.78
CA ILE A 116 -10.88 -11.36 -40.57
C ILE A 116 -11.57 -12.24 -41.60
N GLN A 117 -12.87 -12.49 -41.41
CA GLN A 117 -13.59 -13.40 -42.29
C GLN A 117 -13.99 -12.73 -43.60
N ASN A 118 -14.43 -11.47 -43.55
CA ASN A 118 -14.90 -10.74 -44.71
C ASN A 118 -13.98 -9.55 -44.96
N PRO A 119 -12.91 -9.73 -45.71
CA PRO A 119 -11.99 -8.62 -45.96
C PRO A 119 -12.50 -7.69 -47.06
N ASP A 120 -12.33 -6.38 -46.83
CA ASP A 120 -12.71 -5.36 -47.80
C ASP A 120 -11.61 -4.32 -47.86
N PRO A 121 -10.41 -4.72 -48.33
CA PRO A 121 -9.24 -3.84 -48.22
C PRO A 121 -9.43 -2.54 -48.99
N ALA A 122 -9.04 -1.44 -48.35
CA ALA A 122 -9.19 -0.11 -48.92
C ALA A 122 -8.22 0.84 -48.25
N VAL A 123 -7.92 1.94 -48.93
CA VAL A 123 -7.06 2.99 -48.40
C VAL A 123 -7.85 4.29 -48.46
N TYR A 124 -8.17 4.84 -47.30
CA TYR A 124 -8.94 6.07 -47.19
C TYR A 124 -8.05 7.21 -46.73
N GLN A 125 -8.52 8.43 -46.96
CA GLN A 125 -7.86 9.64 -46.49
C GLN A 125 -8.74 10.33 -45.46
N LEU A 126 -8.20 10.57 -44.27
CA LEU A 126 -8.92 11.22 -43.19
C LEU A 126 -8.36 12.62 -42.97
N ARG A 127 -9.24 13.61 -42.86
CA ARG A 127 -8.85 15.00 -42.66
C ARG A 127 -8.86 15.34 -41.18
N ASP A 128 -7.95 16.22 -40.78
CA ASP A 128 -7.85 16.65 -39.39
C ASP A 128 -9.07 17.50 -39.02
N SER A 129 -9.50 17.37 -37.76
CA SER A 129 -10.71 18.07 -37.31
C SER A 129 -10.47 19.56 -37.10
N LYS A 130 -9.22 20.01 -37.16
CA LYS A 130 -8.86 21.40 -36.97
C LYS A 130 -8.36 22.00 -38.26
N SER A 131 -7.15 21.63 -38.70
CA SER A 131 -6.58 22.11 -39.96
C SER A 131 -6.90 21.12 -41.06
N SER A 132 -7.83 21.50 -41.95
CA SER A 132 -8.15 20.67 -43.12
C SER A 132 -6.96 20.50 -44.05
N ASP A 133 -5.88 21.24 -43.83
CA ASP A 133 -4.69 21.08 -44.65
C ASP A 133 -4.00 19.75 -44.38
N LYS A 134 -4.00 19.31 -43.12
CA LYS A 134 -3.34 18.07 -42.74
C LYS A 134 -4.30 16.89 -42.82
N SER A 135 -3.74 15.72 -43.11
CA SER A 135 -4.56 14.53 -43.28
C SER A 135 -3.70 13.30 -43.03
N VAL A 136 -4.37 12.15 -42.89
CA VAL A 136 -3.71 10.86 -42.73
C VAL A 136 -4.35 9.87 -43.70
N CYS A 137 -3.62 8.80 -43.96
CA CYS A 137 -4.07 7.71 -44.80
C CYS A 137 -4.41 6.50 -43.95
N LEU A 138 -5.51 5.82 -44.28
CA LEU A 138 -6.01 4.69 -43.49
C LEU A 138 -6.16 3.47 -44.39
N PHE A 139 -5.19 2.56 -44.32
CA PHE A 139 -5.31 1.24 -44.92
C PHE A 139 -6.02 0.33 -43.91
N THR A 140 -7.15 -0.25 -44.31
CA THR A 140 -7.96 -1.00 -43.37
C THR A 140 -8.70 -2.13 -44.09
N ASP A 141 -9.27 -3.02 -43.28
CA ASP A 141 -10.10 -4.13 -43.75
C ASP A 141 -9.31 -5.13 -44.60
N PHE A 142 -8.03 -5.28 -44.32
CA PHE A 142 -7.21 -6.33 -44.93
C PHE A 142 -7.04 -7.48 -43.95
N ASP A 143 -6.98 -8.70 -44.47
CA ASP A 143 -6.83 -9.87 -43.63
C ASP A 143 -5.40 -9.97 -43.11
N SER A 144 -5.16 -10.98 -42.26
CA SER A 144 -3.84 -11.15 -41.65
C SER A 144 -2.80 -11.68 -42.62
N GLN A 145 -3.17 -12.03 -43.85
CA GLN A 145 -2.18 -12.45 -44.84
C GLN A 145 -1.35 -11.26 -45.31
N THR A 146 -1.90 -10.06 -45.28
CA THR A 146 -1.21 -8.87 -45.76
C THR A 146 -0.29 -8.32 -44.68
N ASN A 147 0.97 -8.07 -45.04
CA ASN A 147 1.97 -7.56 -44.13
C ASN A 147 2.33 -6.13 -44.55
N VAL A 148 2.23 -5.20 -43.61
CA VAL A 148 2.54 -3.79 -43.86
C VAL A 148 3.99 -3.53 -43.50
N SER A 149 4.73 -2.91 -44.42
CA SER A 149 6.13 -2.58 -44.23
C SER A 149 6.32 -1.06 -44.19
N GLN A 150 7.46 -0.65 -43.67
CA GLN A 150 7.78 0.76 -43.58
C GLN A 150 8.03 1.35 -44.97
N SER A 151 8.21 2.66 -45.01
CA SER A 151 8.41 3.40 -46.25
C SER A 151 9.86 3.80 -46.40
N LYS A 152 10.34 3.79 -47.65
CA LYS A 152 11.70 4.24 -47.94
C LYS A 152 11.85 5.76 -47.81
N ASP A 153 10.76 6.50 -47.91
CA ASP A 153 10.82 7.95 -47.74
C ASP A 153 11.06 8.28 -46.28
N SER A 154 12.14 9.03 -46.02
CA SER A 154 12.48 9.40 -44.65
C SER A 154 11.42 10.31 -44.03
N ASP A 155 10.78 11.15 -44.83
CA ASP A 155 9.78 12.09 -44.34
C ASP A 155 8.36 11.51 -44.37
N VAL A 156 8.22 10.20 -44.51
CA VAL A 156 6.93 9.53 -44.49
C VAL A 156 6.91 8.57 -43.32
N TYR A 157 5.87 8.66 -42.50
CA TYR A 157 5.71 7.81 -41.33
C TYR A 157 4.69 6.71 -41.62
N ILE A 158 5.05 5.48 -41.22
CA ILE A 158 4.24 4.30 -41.48
C ILE A 158 4.02 3.56 -40.16
N THR A 159 2.76 3.19 -39.90
CA THR A 159 2.37 2.48 -38.69
C THR A 159 1.97 1.06 -39.04
N ASP A 160 2.57 0.10 -38.35
CA ASP A 160 2.30 -1.31 -38.59
C ASP A 160 0.90 -1.66 -38.09
N LYS A 161 0.54 -2.94 -38.20
CA LYS A 161 -0.73 -3.43 -37.66
C LYS A 161 -0.81 -3.16 -36.16
N CYS A 162 -1.96 -2.63 -35.73
CA CYS A 162 -2.16 -2.26 -34.34
C CYS A 162 -2.73 -3.42 -33.53
N VAL A 163 -2.39 -3.45 -32.25
CA VAL A 163 -2.96 -4.41 -31.32
C VAL A 163 -4.33 -3.90 -30.88
N LEU A 164 -5.34 -4.75 -31.02
CA LEU A 164 -6.70 -4.36 -30.69
C LEU A 164 -6.90 -4.29 -29.18
N ASP A 165 -8.00 -3.68 -28.77
CA ASP A 165 -8.32 -3.55 -27.36
C ASP A 165 -8.87 -4.87 -26.83
N MET A 166 -8.18 -5.44 -25.83
CA MET A 166 -8.61 -6.72 -25.27
C MET A 166 -9.93 -6.60 -24.54
N ARG A 167 -10.34 -5.40 -24.15
CA ARG A 167 -11.59 -5.28 -23.40
C ARG A 167 -12.78 -5.68 -24.26
N SER A 168 -12.83 -5.18 -25.49
CA SER A 168 -13.89 -5.54 -26.43
C SER A 168 -13.32 -5.66 -27.83
N MET A 169 -13.55 -6.81 -28.48
CA MET A 169 -13.14 -7.04 -29.85
C MET A 169 -14.24 -6.72 -30.85
N ASP A 170 -15.27 -5.99 -30.43
CA ASP A 170 -16.27 -5.51 -31.37
C ASP A 170 -15.61 -4.60 -32.40
N PHE A 171 -16.05 -4.72 -33.66
CA PHE A 171 -15.42 -4.05 -34.79
C PHE A 171 -13.94 -4.46 -34.91
N LYS A 172 -13.71 -5.77 -34.87
CA LYS A 172 -12.35 -6.30 -34.96
C LYS A 172 -11.89 -6.20 -36.41
N SER A 173 -10.91 -5.33 -36.66
CA SER A 173 -10.39 -5.14 -38.01
C SER A 173 -8.91 -4.78 -37.94
N ASN A 174 -8.20 -5.10 -39.01
CA ASN A 174 -6.82 -4.69 -39.18
C ASN A 174 -6.75 -3.32 -39.82
N SER A 175 -5.72 -2.56 -39.46
CA SER A 175 -5.61 -1.20 -39.95
C SER A 175 -4.16 -0.73 -39.86
N ALA A 176 -3.80 0.19 -40.74
CA ALA A 176 -2.48 0.82 -40.76
C ALA A 176 -2.65 2.29 -41.11
N VAL A 177 -1.77 3.11 -40.54
CA VAL A 177 -1.86 4.57 -40.67
C VAL A 177 -0.60 5.09 -41.34
N ALA A 178 -0.78 6.01 -42.28
CA ALA A 178 0.33 6.66 -42.96
C ALA A 178 0.05 8.16 -43.08
N TRP A 179 1.08 8.96 -42.82
CA TRP A 179 0.95 10.41 -42.95
C TRP A 179 2.33 10.99 -43.20
N SER A 180 2.34 12.23 -43.70
CA SER A 180 3.58 12.94 -43.98
C SER A 180 3.26 14.41 -44.21
N ASN A 181 4.30 15.24 -44.16
CA ASN A 181 4.17 16.66 -44.43
C ASN A 181 4.63 17.06 -45.82
N LYS A 182 5.23 16.13 -46.58
CA LYS A 182 5.65 16.44 -47.94
C LYS A 182 4.45 16.78 -48.81
N SER A 183 4.62 17.78 -49.67
CA SER A 183 3.58 18.12 -50.63
C SER A 183 3.41 17.03 -51.69
N ASP A 184 4.42 16.19 -51.89
CA ASP A 184 4.33 15.06 -52.82
C ASP A 184 3.71 13.84 -52.18
N PHE A 185 3.06 13.98 -51.03
CA PHE A 185 2.48 12.85 -50.33
C PHE A 185 1.02 12.68 -50.73
N ALA A 186 0.69 11.52 -51.29
CA ALA A 186 -0.67 11.15 -51.62
C ALA A 186 -0.90 9.73 -51.14
N CYS A 187 -2.12 9.47 -50.63
CA CYS A 187 -2.41 8.16 -50.04
C CYS A 187 -2.32 7.05 -51.07
N ALA A 188 -2.49 7.36 -52.36
CA ALA A 188 -2.46 6.33 -53.38
C ALA A 188 -1.09 5.68 -53.47
N ASN A 189 -0.02 6.41 -53.13
CA ASN A 189 1.34 5.89 -53.20
C ASN A 189 2.04 5.91 -51.86
N ALA A 190 1.29 6.03 -50.77
CA ALA A 190 1.90 6.02 -49.44
C ALA A 190 2.42 4.63 -49.09
N PHE A 191 1.60 3.60 -49.29
CA PHE A 191 2.00 2.21 -49.02
C PHE A 191 2.58 1.54 -50.25
N ASN A 192 3.41 2.26 -51.03
CA ASN A 192 3.95 1.68 -52.25
C ASN A 192 5.03 0.64 -51.99
N ASN A 193 5.66 0.67 -50.81
CA ASN A 193 6.73 -0.26 -50.50
C ASN A 193 6.23 -1.52 -49.81
N SER A 194 4.91 -1.70 -49.72
CA SER A 194 4.32 -2.88 -49.12
C SER A 194 3.49 -3.63 -50.15
N ILE A 195 3.39 -4.95 -49.96
CA ILE A 195 2.54 -5.78 -50.80
C ILE A 195 1.09 -5.62 -50.33
N ILE A 196 0.23 -5.13 -51.22
CA ILE A 196 -1.15 -4.79 -50.90
C ILE A 196 -2.08 -5.65 -51.74
N PRO A 197 -3.22 -6.08 -51.20
CA PRO A 197 -4.20 -6.82 -52.02
C PRO A 197 -4.47 -6.11 -53.34
N GLU A 198 -4.58 -6.91 -54.41
CA GLU A 198 -4.75 -6.36 -55.75
C GLU A 198 -6.08 -5.63 -55.88
N ASP A 199 -7.13 -6.15 -55.27
CA ASP A 199 -8.47 -5.55 -55.34
C ASP A 199 -8.70 -4.54 -54.21
N THR A 200 -7.71 -3.67 -53.99
CA THR A 200 -7.78 -2.71 -52.90
C THR A 200 -8.47 -1.44 -53.38
N PHE A 201 -9.54 -1.06 -52.68
CA PHE A 201 -10.28 0.15 -53.02
C PHE A 201 -9.43 1.38 -52.77
N PHE A 202 -9.27 2.22 -53.80
CA PHE A 202 -8.50 3.47 -53.70
C PHE A 202 -9.42 4.63 -54.06
N PRO A 203 -10.26 5.08 -53.12
CA PRO A 203 -11.14 6.23 -53.41
C PRO A 203 -10.39 7.55 -53.42
N SER A 204 -11.09 8.66 -53.65
CA SER A 204 -10.46 9.96 -53.65
C SER A 204 -11.16 10.89 -52.66
N PRO A 205 -10.43 11.81 -52.03
CA PRO A 205 -10.98 12.84 -51.14
C PRO A 205 -12.16 13.60 -51.76
N GLY B 1 -1.40 -6.92 -1.79
CA GLY B 1 -0.83 -6.60 -3.09
C GLY B 1 0.51 -5.90 -3.00
N ILE B 2 1.16 -5.72 -4.15
CA ILE B 2 2.41 -4.98 -4.24
C ILE B 2 2.15 -3.68 -4.99
N THR B 3 2.68 -2.59 -4.48
CA THR B 3 2.62 -1.29 -5.13
C THR B 3 4.03 -0.80 -5.42
N GLN B 4 4.16 0.00 -6.49
CA GLN B 4 5.42 0.59 -6.88
C GLN B 4 5.23 2.08 -7.11
N SER B 5 6.18 2.87 -6.60
CA SER B 5 6.12 4.32 -6.72
C SER B 5 7.51 4.81 -7.09
N PRO B 6 7.63 5.67 -8.12
CA PRO B 6 6.51 6.06 -8.97
C PRO B 6 6.27 5.08 -10.12
N ARG B 7 5.20 5.27 -10.87
CA ARG B 7 4.96 4.41 -12.03
C ARG B 7 5.72 4.89 -13.26
N TYR B 8 5.85 6.21 -13.43
CA TYR B 8 6.63 6.83 -14.48
C TYR B 8 7.53 7.89 -13.87
N LYS B 9 8.77 7.98 -14.37
CA LYS B 9 9.74 8.89 -13.79
C LYS B 9 10.77 9.29 -14.85
N ILE B 10 11.14 10.56 -14.85
CA ILE B 10 12.21 11.10 -15.68
C ILE B 10 13.23 11.77 -14.76
N THR B 11 14.50 11.43 -14.96
CA THR B 11 15.58 11.99 -14.16
C THR B 11 16.75 12.31 -15.07
N GLU B 12 17.82 12.85 -14.48
CA GLU B 12 19.00 13.29 -15.20
C GLU B 12 20.22 12.48 -14.78
N THR B 13 21.30 12.62 -15.52
CA THR B 13 22.53 11.91 -15.21
C THR B 13 23.21 12.54 -14.00
N GLY B 14 23.53 11.71 -13.01
CA GLY B 14 24.12 12.18 -11.77
C GLY B 14 23.12 12.49 -10.67
N ARG B 15 21.83 12.29 -10.91
CA ARG B 15 20.81 12.57 -9.91
C ARG B 15 20.54 11.32 -9.07
N GLN B 16 20.01 11.55 -7.88
CA GLN B 16 19.69 10.49 -6.94
C GLN B 16 18.19 10.21 -7.02
N VAL B 17 17.84 8.99 -7.39
CA VAL B 17 16.44 8.58 -7.56
C VAL B 17 16.18 7.38 -6.66
N THR B 18 14.98 7.31 -6.10
CA THR B 18 14.57 6.21 -5.24
C THR B 18 13.25 5.65 -5.74
N LEU B 19 13.20 4.35 -5.96
CA LEU B 19 11.98 3.66 -6.34
C LEU B 19 11.46 2.89 -5.14
N MET B 20 10.16 3.03 -4.86
CA MET B 20 9.56 2.48 -3.66
C MET B 20 8.76 1.23 -4.00
N CYS B 21 8.76 0.28 -3.05
CA CYS B 21 8.01 -0.95 -3.19
C CYS B 21 7.37 -1.31 -1.87
N HIS B 22 6.11 -1.71 -1.91
CA HIS B 22 5.34 -2.03 -0.72
C HIS B 22 4.59 -3.34 -0.94
N GLN B 23 4.31 -4.04 0.17
CA GLN B 23 3.57 -5.28 0.12
C GLN B 23 2.85 -5.48 1.44
N THR B 24 1.66 -6.09 1.38
CA THR B 24 0.80 -6.26 2.54
C THR B 24 0.69 -7.71 2.99
N TRP B 25 1.38 -8.64 2.34
CA TRP B 25 1.34 -10.04 2.75
C TRP B 25 2.35 -10.38 3.84
N SER B 26 3.23 -9.44 4.20
CA SER B 26 4.32 -9.68 5.15
C SER B 26 5.26 -10.77 4.63
N HIS B 27 5.44 -10.83 3.31
CA HIS B 27 6.37 -11.78 2.72
C HIS B 27 7.80 -11.48 3.16
N SER B 28 8.59 -12.53 3.36
CA SER B 28 9.95 -12.34 3.85
C SER B 28 10.90 -11.96 2.72
N TYR B 29 10.80 -12.62 1.57
CA TYR B 29 11.68 -12.35 0.44
C TYR B 29 11.12 -11.22 -0.43
N MET B 30 12.01 -10.34 -0.89
CA MET B 30 11.65 -9.29 -1.83
C MET B 30 12.77 -9.12 -2.84
N PHE B 31 12.40 -8.71 -4.05
CA PHE B 31 13.32 -8.66 -5.17
C PHE B 31 13.15 -7.35 -5.93
N TRP B 32 14.21 -6.95 -6.63
CA TRP B 32 14.20 -5.78 -7.50
C TRP B 32 14.83 -6.14 -8.83
N TYR B 33 14.04 -6.08 -9.89
CA TYR B 33 14.50 -6.43 -11.24
C TYR B 33 14.53 -5.20 -12.12
N ARG B 34 15.27 -5.32 -13.23
CA ARG B 34 15.23 -4.38 -14.33
C ARG B 34 15.03 -5.16 -15.62
N GLN B 35 14.12 -4.70 -16.46
CA GLN B 35 13.76 -5.42 -17.68
C GLN B 35 14.18 -4.57 -18.88
N ASP B 36 15.42 -4.76 -19.30
CA ASP B 36 15.95 -4.13 -20.51
C ASP B 36 15.64 -4.98 -21.73
N LEU B 37 15.27 -4.32 -22.82
CA LEU B 37 14.95 -5.03 -24.05
C LEU B 37 16.21 -5.63 -24.67
N HIS B 39 17.73 -8.44 -22.56
CA HIS B 39 18.43 -9.25 -21.58
C HIS B 39 17.46 -9.85 -20.56
N GLY B 40 16.16 -9.60 -20.79
CA GLY B 40 15.11 -10.15 -19.95
C GLY B 40 15.11 -9.54 -18.55
N LEU B 41 14.52 -10.29 -17.61
CA LEU B 41 14.45 -9.86 -16.22
C LEU B 41 15.79 -10.11 -15.54
N ARG B 42 16.42 -9.05 -15.05
CA ARG B 42 17.73 -9.13 -14.42
C ARG B 42 17.63 -8.66 -12.97
N LEU B 43 18.09 -9.51 -12.06
CA LEU B 43 18.01 -9.21 -10.64
C LEU B 43 19.06 -8.17 -10.25
N ILE B 44 18.63 -7.11 -9.56
CA ILE B 44 19.53 -6.07 -9.10
C ILE B 44 19.93 -6.35 -7.65
N TYR B 45 18.92 -6.46 -6.78
CA TYR B 45 19.12 -6.80 -5.38
C TYR B 45 17.95 -7.65 -4.92
N TYR B 46 18.19 -8.48 -3.92
CA TYR B 46 17.12 -9.27 -3.32
C TYR B 46 17.33 -9.33 -1.82
N SER B 47 16.24 -9.27 -1.06
CA SER B 47 16.26 -9.24 0.39
C SER B 47 15.61 -10.49 0.94
N ALA B 48 16.36 -11.27 1.71
CA ALA B 48 15.80 -12.49 2.28
C ALA B 48 14.82 -12.20 3.39
N ALA B 49 15.09 -11.19 4.20
CA ALA B 49 14.20 -10.78 5.29
C ALA B 49 14.55 -9.35 5.67
N ALA B 50 14.08 -8.92 6.85
CA ALA B 50 14.38 -7.58 7.32
C ALA B 50 15.87 -7.43 7.62
N ASP B 51 16.45 -6.31 7.18
CA ASP B 51 17.86 -5.98 7.37
C ASP B 51 18.80 -7.00 6.74
N ILE B 52 18.30 -7.83 5.82
CA ILE B 52 19.11 -8.80 5.11
C ILE B 52 19.05 -8.43 3.62
N THR B 53 20.16 -7.92 3.11
CA THR B 53 20.24 -7.50 1.71
C THR B 53 21.48 -8.10 1.08
N ASP B 54 21.31 -8.72 -0.08
CA ASP B 54 22.40 -9.35 -0.81
C ASP B 54 22.33 -8.95 -2.28
N LYS B 55 23.48 -8.88 -2.93
CA LYS B 55 23.55 -8.42 -4.30
C LYS B 55 22.95 -9.45 -5.26
N GLY B 56 22.64 -8.98 -6.47
CA GLY B 56 22.07 -9.83 -7.49
C GLY B 56 22.96 -9.99 -8.70
N GLU B 57 22.38 -9.94 -9.89
CA GLU B 57 23.18 -10.12 -11.10
C GLU B 57 23.77 -8.80 -11.59
N VAL B 58 23.08 -7.69 -11.37
CA VAL B 58 23.55 -6.37 -11.83
C VAL B 58 23.39 -5.35 -10.70
N PRO B 59 24.16 -5.44 -9.62
CA PRO B 59 24.00 -4.49 -8.51
C PRO B 59 24.75 -3.19 -8.67
N ASP B 60 25.62 -3.06 -9.67
CA ASP B 60 26.44 -1.87 -9.81
C ASP B 60 25.58 -0.66 -10.15
N GLY B 61 25.72 0.39 -9.36
CA GLY B 61 24.96 1.61 -9.55
C GLY B 61 23.67 1.69 -8.76
N TYR B 62 23.39 0.70 -7.90
CA TYR B 62 22.16 0.66 -7.13
C TYR B 62 22.46 0.35 -5.68
N VAL B 63 21.60 0.82 -4.79
CA VAL B 63 21.70 0.59 -3.35
C VAL B 63 20.30 0.35 -2.80
N VAL B 64 20.16 -0.63 -1.92
CA VAL B 64 18.87 -0.98 -1.33
C VAL B 64 19.02 -1.01 0.19
N SER B 65 17.86 -1.12 0.85
CA SER B 65 17.80 -1.29 2.30
C SER B 65 16.47 -1.94 2.64
N ARG B 66 16.45 -2.70 3.73
CA ARG B 66 15.24 -3.38 4.20
C ARG B 66 15.15 -3.18 5.71
N SER B 67 14.89 -1.95 6.13
CA SER B 67 14.73 -1.68 7.56
C SER B 67 13.46 -2.31 8.10
N LYS B 68 12.38 -2.26 7.32
CA LYS B 68 11.13 -2.90 7.65
C LYS B 68 10.79 -3.97 6.62
N THR B 69 9.89 -4.87 7.00
CA THR B 69 9.56 -6.00 6.14
C THR B 69 8.79 -5.54 4.90
N GLU B 70 7.82 -4.63 5.07
CA GLU B 70 6.89 -4.29 4.01
C GLU B 70 7.46 -3.35 2.96
N ASN B 71 8.70 -2.87 3.13
CA ASN B 71 9.28 -1.90 2.21
C ASN B 71 10.61 -2.37 1.69
N PHE B 72 10.88 -2.11 0.42
CA PHE B 72 12.15 -2.44 -0.23
C PHE B 72 12.50 -1.34 -1.22
N PRO B 73 13.03 -0.22 -0.74
CA PRO B 73 13.36 0.88 -1.63
C PRO B 73 14.64 0.63 -2.41
N LEU B 74 14.60 0.94 -3.70
CA LEU B 74 15.75 0.84 -4.59
C LEU B 74 16.21 2.24 -4.95
N THR B 75 17.49 2.51 -4.75
CA THR B 75 18.05 3.84 -4.91
C THR B 75 19.12 3.84 -5.99
N LEU B 76 18.99 4.76 -6.96
CA LEU B 76 20.04 5.02 -7.93
C LEU B 76 20.91 6.14 -7.38
N GLU B 77 22.15 5.80 -6.99
CA GLU B 77 23.01 6.78 -6.35
C GLU B 77 23.35 7.92 -7.29
N SER B 78 23.96 7.61 -8.44
CA SER B 78 24.26 8.59 -9.48
C SER B 78 23.69 8.06 -10.79
N ALA B 79 22.52 8.54 -11.16
CA ALA B 79 21.81 8.01 -12.32
C ALA B 79 22.65 8.15 -13.58
N THR B 80 22.69 7.09 -14.38
CA THR B 80 23.38 7.06 -15.66
C THR B 80 22.39 6.69 -16.76
N ARG B 81 22.74 7.04 -18.00
CA ARG B 81 21.89 6.66 -19.13
C ARG B 81 21.77 5.14 -19.26
N SER B 82 22.73 4.39 -18.73
CA SER B 82 22.65 2.93 -18.76
C SER B 82 21.59 2.39 -17.81
N GLN B 83 21.09 3.21 -16.88
CA GLN B 83 20.08 2.78 -15.93
C GLN B 83 18.66 3.09 -16.39
N THR B 84 18.48 3.39 -17.68
CA THR B 84 17.16 3.59 -18.25
C THR B 84 16.53 2.23 -18.51
N SER B 85 15.42 1.94 -17.82
CA SER B 85 14.81 0.61 -17.91
C SER B 85 13.39 0.66 -17.35
N VAL B 86 12.74 -0.49 -17.37
CA VAL B 86 11.47 -0.72 -16.69
C VAL B 86 11.78 -1.59 -15.48
N TYR B 87 11.62 -1.02 -14.29
CA TYR B 87 12.02 -1.67 -13.05
C TYR B 87 10.82 -2.37 -12.41
N PHE B 88 11.00 -3.65 -12.10
CA PHE B 88 9.96 -4.48 -11.51
C PHE B 88 10.39 -4.90 -10.11
N CYS B 89 9.54 -4.62 -9.13
CA CYS B 89 9.72 -5.14 -7.78
C CYS B 89 9.00 -6.46 -7.63
N ALA B 90 9.50 -7.29 -6.71
CA ALA B 90 8.91 -8.60 -6.47
C ALA B 90 8.98 -8.93 -4.99
N SER B 91 8.11 -9.85 -4.57
CA SER B 91 8.14 -10.38 -3.21
C SER B 91 7.69 -11.82 -3.24
N SER B 92 8.10 -12.58 -2.23
CA SER B 92 7.78 -14.00 -2.16
C SER B 92 7.77 -14.44 -0.72
N GLY B 93 6.74 -15.17 -0.33
CA GLY B 93 6.68 -15.75 1.01
C GLY B 93 7.49 -17.02 1.09
N VAL B 94 6.89 -18.12 0.70
CA VAL B 94 7.60 -19.39 0.54
C VAL B 94 8.06 -19.47 -0.90
N PRO B 95 9.37 -19.62 -1.17
CA PRO B 95 9.86 -19.82 -2.54
C PRO B 95 9.23 -21.05 -3.17
N PRO B 96 9.18 -21.13 -4.52
CA PRO B 96 9.80 -20.23 -5.49
C PRO B 96 8.88 -19.17 -6.10
N VAL B 97 7.57 -19.27 -5.90
CA VAL B 97 6.63 -18.36 -6.57
C VAL B 97 6.89 -16.93 -6.13
N GLN B 98 7.05 -16.04 -7.10
CA GLN B 98 7.24 -14.62 -6.86
C GLN B 98 6.04 -13.83 -7.34
N PHE B 99 5.74 -12.75 -6.62
CA PHE B 99 4.68 -11.82 -6.97
C PHE B 99 5.30 -10.48 -7.34
N PHE B 100 4.94 -9.96 -8.51
CA PHE B 100 5.56 -8.78 -9.07
C PHE B 100 4.63 -7.58 -8.95
N GLY B 101 5.23 -6.39 -8.83
CA GLY B 101 4.47 -5.17 -8.84
C GLY B 101 4.11 -4.74 -10.24
N PRO B 102 3.48 -3.56 -10.34
CA PRO B 102 3.05 -3.08 -11.67
C PRO B 102 4.18 -2.52 -12.52
N GLY B 103 5.33 -2.22 -11.94
CA GLY B 103 6.48 -1.80 -12.71
C GLY B 103 6.67 -0.30 -12.71
N THR B 104 7.93 0.11 -12.83
CA THR B 104 8.30 1.53 -12.89
C THR B 104 9.12 1.75 -14.16
N ARG B 105 8.64 2.66 -15.01
CA ARG B 105 9.33 3.00 -16.25
C ARG B 105 10.21 4.22 -15.97
N LEU B 106 11.52 4.01 -15.90
CA LEU B 106 12.48 5.06 -15.57
C LEU B 106 13.30 5.41 -16.80
N THR B 107 13.47 6.71 -17.03
CA THR B 107 14.26 7.21 -18.16
C THR B 107 15.25 8.23 -17.64
N VAL B 108 16.54 7.94 -17.79
CA VAL B 108 17.62 8.86 -17.41
C VAL B 108 18.07 9.61 -18.65
N LEU B 109 18.23 10.92 -18.52
CA LEU B 109 18.61 11.77 -19.64
C LEU B 109 19.83 12.60 -19.28
N GLU B 110 20.60 12.96 -20.31
CA GLU B 110 21.72 13.86 -20.10
C GLU B 110 21.26 15.30 -19.86
N ASP B 111 20.03 15.62 -20.25
CA ASP B 111 19.49 16.96 -20.13
C ASP B 111 17.99 16.88 -20.30
N LEU B 112 17.29 17.87 -19.73
CA LEU B 112 15.85 17.98 -19.88
C LEU B 112 15.43 18.97 -20.96
N ASN B 113 16.33 19.26 -21.90
CA ASN B 113 15.95 20.06 -23.05
C ASN B 113 15.32 19.24 -24.15
N LYS B 114 15.34 17.91 -24.03
CA LYS B 114 14.77 17.02 -25.03
C LYS B 114 13.37 16.53 -24.67
N VAL B 115 12.94 16.71 -23.41
CA VAL B 115 11.59 16.29 -23.03
C VAL B 115 10.58 17.22 -23.67
N PHE B 116 9.56 16.63 -24.31
CA PHE B 116 8.56 17.38 -25.03
C PHE B 116 7.18 16.75 -24.83
N PRO B 117 6.13 17.56 -24.72
CA PRO B 117 4.78 17.02 -24.61
C PRO B 117 4.25 16.64 -25.98
N PRO B 118 3.25 15.77 -26.04
CA PRO B 118 2.73 15.33 -27.34
C PRO B 118 1.73 16.31 -27.92
N GLU B 119 1.73 16.38 -29.25
CA GLU B 119 0.74 17.14 -30.00
C GLU B 119 -0.28 16.14 -30.56
N VAL B 120 -1.50 16.22 -30.05
CA VAL B 120 -2.53 15.23 -30.34
C VAL B 120 -3.53 15.82 -31.33
N ALA B 121 -3.94 15.00 -32.30
CA ALA B 121 -4.91 15.41 -33.30
C ALA B 121 -5.80 14.23 -33.66
N VAL B 122 -7.10 14.51 -33.84
CA VAL B 122 -8.08 13.51 -34.24
C VAL B 122 -8.45 13.76 -35.70
N PHE B 123 -8.51 12.69 -36.49
CA PHE B 123 -8.82 12.77 -37.90
C PHE B 123 -10.17 12.12 -38.17
N GLU B 124 -11.07 12.87 -38.80
CA GLU B 124 -12.44 12.44 -38.97
C GLU B 124 -12.53 11.35 -40.04
N PRO B 125 -13.50 10.43 -39.91
CA PRO B 125 -13.66 9.39 -40.92
C PRO B 125 -13.96 9.96 -42.29
N SER B 126 -13.63 9.18 -43.32
CA SER B 126 -13.86 9.57 -44.69
C SER B 126 -15.25 9.12 -45.12
N GLU B 127 -15.92 9.94 -45.93
CA GLU B 127 -17.22 9.57 -46.46
C GLU B 127 -17.13 8.35 -47.36
N ALA B 128 -15.97 8.10 -47.97
CA ALA B 128 -15.79 6.91 -48.79
C ALA B 128 -15.93 5.64 -47.95
N GLU B 129 -15.28 5.62 -46.79
CA GLU B 129 -15.43 4.49 -45.88
C GLU B 129 -16.87 4.32 -45.44
N ILE B 130 -17.55 5.44 -45.14
CA ILE B 130 -18.94 5.38 -44.69
C ILE B 130 -19.84 4.87 -45.79
N SER B 131 -19.56 5.25 -47.05
CA SER B 131 -20.35 4.77 -48.17
C SER B 131 -20.01 3.33 -48.55
N HIS B 132 -18.78 2.89 -48.27
CA HIS B 132 -18.33 1.56 -48.68
C HIS B 132 -18.62 0.51 -47.62
N THR B 133 -18.22 0.77 -46.37
CA THR B 133 -18.30 -0.22 -45.31
C THR B 133 -19.41 0.05 -44.30
N GLN B 134 -20.11 1.17 -44.41
CA GLN B 134 -21.11 1.59 -43.41
C GLN B 134 -20.48 1.66 -42.02
N LYS B 135 -19.21 2.00 -41.94
CA LYS B 135 -18.48 2.18 -40.70
C LYS B 135 -17.73 3.51 -40.75
N ALA B 136 -17.22 3.93 -39.60
CA ALA B 136 -16.54 5.22 -39.49
C ALA B 136 -15.35 5.06 -38.55
N THR B 137 -14.14 5.17 -39.09
CA THR B 137 -12.91 5.02 -38.31
C THR B 137 -12.32 6.39 -38.02
N LEU B 138 -12.21 6.73 -36.74
CA LEU B 138 -11.47 7.90 -36.32
C LEU B 138 -10.04 7.49 -36.00
N VAL B 139 -9.08 8.34 -36.37
CA VAL B 139 -7.66 8.08 -36.16
C VAL B 139 -7.09 9.19 -35.30
N CYS B 140 -6.44 8.80 -34.20
CA CYS B 140 -5.81 9.74 -33.28
C CYS B 140 -4.30 9.67 -33.46
N LEU B 141 -3.67 10.84 -33.51
CA LEU B 141 -2.24 10.93 -33.79
C LEU B 141 -1.60 11.83 -32.75
N ALA B 142 -0.62 11.29 -32.03
CA ALA B 142 0.16 12.05 -31.06
C ALA B 142 1.61 12.04 -31.52
N THR B 143 2.17 13.23 -31.74
CA THR B 143 3.48 13.37 -32.34
C THR B 143 4.37 14.28 -31.50
N GLY B 144 5.68 14.09 -31.66
CA GLY B 144 6.66 15.01 -31.12
C GLY B 144 6.82 15.00 -29.61
N PHE B 145 6.69 13.83 -28.98
CA PHE B 145 6.85 13.71 -27.54
C PHE B 145 8.06 12.86 -27.21
N PHE B 146 8.71 13.20 -26.09
CA PHE B 146 9.90 12.50 -25.64
C PHE B 146 9.96 12.61 -24.11
N PRO B 147 10.12 11.49 -23.39
CA PRO B 147 10.20 10.13 -23.94
C PRO B 147 8.83 9.54 -24.28
N ASP B 148 8.76 8.21 -24.32
CA ASP B 148 7.52 7.51 -24.67
C ASP B 148 6.67 7.17 -23.45
N HIS B 149 6.61 8.04 -22.45
CA HIS B 149 5.77 7.84 -21.27
C HIS B 149 4.38 8.43 -21.54
N VAL B 150 3.65 7.76 -22.44
CA VAL B 150 2.33 8.23 -22.84
C VAL B 150 1.33 7.10 -22.69
N GLU B 151 0.10 7.47 -22.34
CA GLU B 151 -1.03 6.54 -22.24
C GLU B 151 -2.18 7.12 -23.03
N LEU B 152 -2.62 6.40 -24.06
CA LEU B 152 -3.69 6.88 -24.93
C LEU B 152 -4.99 6.19 -24.57
N SER B 153 -6.07 6.97 -24.53
CA SER B 153 -7.40 6.47 -24.23
C SER B 153 -8.42 7.25 -25.06
N TRP B 154 -9.54 6.60 -25.37
CA TRP B 154 -10.61 7.23 -26.12
C TRP B 154 -11.76 7.62 -25.19
N TRP B 155 -12.28 8.84 -25.37
CA TRP B 155 -13.39 9.35 -24.60
C TRP B 155 -14.52 9.75 -25.55
N VAL B 156 -15.68 9.11 -25.40
CA VAL B 156 -16.86 9.41 -26.19
C VAL B 156 -17.99 9.76 -25.23
N ASN B 157 -18.35 11.04 -25.19
CA ASN B 157 -19.45 11.56 -24.36
C ASN B 157 -19.25 11.26 -22.88
N GLY B 158 -18.00 11.22 -22.43
CA GLY B 158 -17.72 10.99 -21.04
C GLY B 158 -17.45 9.55 -20.65
N LYS B 159 -17.95 8.59 -21.43
CA LYS B 159 -17.70 7.18 -21.16
C LYS B 159 -16.44 6.76 -21.91
N GLU B 160 -15.91 5.60 -21.54
CA GLU B 160 -14.68 5.09 -22.11
C GLU B 160 -15.00 4.13 -23.25
N VAL B 161 -14.48 4.42 -24.43
CA VAL B 161 -14.61 3.55 -25.58
C VAL B 161 -13.52 2.49 -25.51
N HIS B 162 -13.93 1.23 -25.36
CA HIS B 162 -13.02 0.11 -25.50
C HIS B 162 -13.35 -0.79 -26.67
N SER B 163 -14.54 -0.65 -27.26
CA SER B 163 -14.93 -1.41 -28.44
C SER B 163 -14.49 -0.66 -29.69
N GLY B 164 -14.01 -1.41 -30.68
CA GLY B 164 -13.54 -0.79 -31.91
C GLY B 164 -12.32 0.07 -31.75
N VAL B 165 -11.58 -0.09 -30.66
CA VAL B 165 -10.39 0.71 -30.38
C VAL B 165 -9.16 -0.13 -30.71
N CYS B 166 -8.21 0.46 -31.42
CA CYS B 166 -6.97 -0.23 -31.80
C CYS B 166 -5.83 0.77 -31.69
N THR B 167 -5.00 0.61 -30.67
CA THR B 167 -3.88 1.50 -30.40
C THR B 167 -2.58 0.80 -30.78
N ASP B 168 -1.60 1.61 -31.18
CA ASP B 168 -0.31 1.06 -31.56
C ASP B 168 0.33 0.34 -30.37
N PRO B 169 1.05 -0.74 -30.60
CA PRO B 169 1.72 -1.44 -29.50
C PRO B 169 2.91 -0.64 -28.96
N GLN B 170 3.79 -0.22 -29.86
CA GLN B 170 5.00 0.49 -29.49
C GLN B 170 5.08 1.81 -30.24
N PRO B 171 5.55 2.87 -29.60
CA PRO B 171 5.68 4.17 -30.28
C PRO B 171 6.63 4.09 -31.47
N LEU B 172 6.58 5.14 -32.29
CA LEU B 172 7.34 5.22 -33.53
C LEU B 172 8.35 6.36 -33.41
N LYS B 173 9.64 6.02 -33.45
CA LYS B 173 10.69 7.04 -33.45
C LYS B 173 10.58 7.89 -34.72
N GLU B 174 10.37 9.19 -34.54
CA GLU B 174 10.19 10.08 -35.69
C GLU B 174 11.44 10.11 -36.56
N GLN B 175 12.61 10.21 -35.94
CA GLN B 175 13.89 10.15 -36.63
C GLN B 175 14.64 8.94 -36.06
N PRO B 176 14.37 7.73 -36.58
CA PRO B 176 14.95 6.52 -35.96
C PRO B 176 16.47 6.50 -35.91
N ALA B 177 17.14 7.17 -36.85
CA ALA B 177 18.60 7.23 -36.82
C ALA B 177 19.14 8.17 -35.75
N LEU B 178 18.30 9.07 -35.23
CA LEU B 178 18.76 10.04 -34.24
C LEU B 178 18.69 9.47 -32.84
N ASN B 179 19.64 9.89 -32.00
CA ASN B 179 19.63 9.51 -30.60
C ASN B 179 18.72 10.44 -29.81
N ASP B 180 17.95 9.86 -28.89
CA ASP B 180 16.96 10.61 -28.10
C ASP B 180 15.97 11.33 -29.01
N SER B 181 15.50 10.64 -30.03
CA SER B 181 14.56 11.21 -30.99
C SER B 181 13.14 11.21 -30.41
N ARG B 182 12.34 12.16 -30.89
CA ARG B 182 10.95 12.24 -30.45
C ARG B 182 10.13 11.11 -31.06
N TYR B 183 9.00 10.81 -30.42
CA TYR B 183 8.18 9.66 -30.76
C TYR B 183 6.84 10.10 -31.34
N ALA B 184 6.13 9.12 -31.91
CA ALA B 184 4.79 9.32 -32.42
C ALA B 184 3.96 8.08 -32.12
N LEU B 185 2.68 8.30 -31.80
CA LEU B 185 1.78 7.22 -31.43
C LEU B 185 0.48 7.35 -32.21
N SER B 186 0.01 6.22 -32.75
CA SER B 186 -1.21 6.18 -33.55
C SER B 186 -2.26 5.32 -32.85
N SER B 187 -3.53 5.62 -33.15
CA SER B 187 -4.64 4.88 -32.57
C SER B 187 -5.86 5.07 -33.46
N ARG B 188 -6.85 4.19 -33.26
CA ARG B 188 -8.03 4.17 -34.10
C ARG B 188 -9.27 3.84 -33.27
N LEU B 189 -10.41 4.37 -33.70
CA LEU B 189 -11.70 4.09 -33.08
C LEU B 189 -12.73 3.97 -34.19
N ARG B 190 -13.37 2.80 -34.27
CA ARG B 190 -14.30 2.50 -35.36
C ARG B 190 -15.71 2.37 -34.79
N VAL B 191 -16.63 3.18 -35.32
CA VAL B 191 -18.03 3.16 -34.92
C VAL B 191 -18.88 2.90 -36.15
N SER B 192 -20.17 2.65 -35.92
CA SER B 192 -21.09 2.46 -37.02
C SER B 192 -21.34 3.79 -37.72
N ALA B 193 -21.71 3.70 -39.01
CA ALA B 193 -21.95 4.90 -39.80
C ALA B 193 -23.05 5.75 -39.19
N THR B 194 -24.11 5.11 -38.68
CA THR B 194 -25.20 5.86 -38.08
C THR B 194 -24.78 6.52 -36.77
N PHE B 195 -23.81 5.95 -36.07
CA PHE B 195 -23.35 6.56 -34.82
C PHE B 195 -22.53 7.81 -35.09
N TRP B 196 -21.78 7.85 -36.20
CA TRP B 196 -21.01 9.02 -36.53
C TRP B 196 -21.86 10.12 -37.14
N GLN B 197 -22.93 9.76 -37.85
CA GLN B 197 -23.79 10.77 -38.48
C GLN B 197 -24.57 11.58 -37.45
N ASN B 198 -24.73 11.08 -36.23
CA ASN B 198 -25.34 11.87 -35.16
C ASN B 198 -24.38 12.98 -34.76
N PRO B 199 -24.81 14.25 -34.78
CA PRO B 199 -23.89 15.35 -34.42
C PRO B 199 -23.77 15.60 -32.93
N ARG B 200 -24.60 14.98 -32.09
CA ARG B 200 -24.51 15.18 -30.66
C ARG B 200 -23.41 14.34 -30.02
N ASN B 201 -22.91 13.32 -30.72
CA ASN B 201 -21.86 12.47 -30.17
C ASN B 201 -20.53 13.21 -30.21
N HIS B 202 -19.85 13.25 -29.07
CA HIS B 202 -18.61 14.00 -28.88
C HIS B 202 -17.46 13.01 -28.75
N PHE B 203 -16.48 13.12 -29.65
CA PHE B 203 -15.33 12.24 -29.67
C PHE B 203 -14.10 13.00 -29.18
N ARG B 204 -13.35 12.38 -28.26
CA ARG B 204 -12.18 13.02 -27.68
C ARG B 204 -11.13 11.96 -27.42
N CYS B 205 -9.92 12.20 -27.91
CA CYS B 205 -8.79 11.30 -27.75
C CYS B 205 -7.83 11.88 -26.72
N GLN B 206 -7.68 11.19 -25.59
CA GLN B 206 -6.81 11.64 -24.51
C GLN B 206 -5.47 10.93 -24.55
N VAL B 207 -4.40 11.69 -24.34
CA VAL B 207 -3.05 11.15 -24.25
C VAL B 207 -2.45 11.67 -22.95
N GLN B 208 -2.33 10.79 -21.95
CA GLN B 208 -1.73 11.15 -20.68
C GLN B 208 -0.21 11.11 -20.81
N PHE B 209 0.43 12.27 -20.74
CA PHE B 209 1.87 12.38 -20.86
C PHE B 209 2.49 12.54 -19.48
N TYR B 210 3.54 11.76 -19.23
CA TYR B 210 4.29 11.85 -17.97
C TYR B 210 5.58 12.60 -18.24
N GLY B 211 5.68 13.81 -17.70
CA GLY B 211 6.84 14.65 -17.93
C GLY B 211 7.52 15.09 -16.65
N LEU B 212 7.61 16.40 -16.45
CA LEU B 212 8.32 16.95 -15.31
C LEU B 212 7.37 17.19 -14.14
N SER B 213 7.89 17.04 -12.93
CA SER B 213 7.09 17.29 -11.74
C SER B 213 7.13 18.78 -11.37
N GLU B 214 6.34 19.15 -10.37
CA GLU B 214 6.31 20.54 -9.91
C GLU B 214 7.60 20.92 -9.20
N ASN B 215 8.41 19.96 -8.79
CA ASN B 215 9.66 20.21 -8.10
C ASN B 215 10.85 20.39 -9.05
N ASP B 216 10.59 20.48 -10.35
CA ASP B 216 11.63 20.75 -11.34
C ASP B 216 11.59 22.22 -11.76
N GLU B 217 12.61 22.63 -12.49
CA GLU B 217 12.75 24.01 -12.93
C GLU B 217 12.90 24.08 -14.44
N TRP B 218 12.73 25.29 -14.98
CA TRP B 218 12.83 25.53 -16.41
C TRP B 218 13.51 26.87 -16.63
N THR B 219 14.72 26.83 -17.19
CA THR B 219 15.43 28.04 -17.57
C THR B 219 15.19 28.44 -19.02
N GLN B 220 14.60 27.56 -19.82
CA GLN B 220 14.31 27.88 -21.21
C GLN B 220 13.06 28.75 -21.30
N ASP B 221 12.65 29.07 -22.53
CA ASP B 221 11.54 29.99 -22.76
C ASP B 221 10.19 29.27 -22.88
N ARG B 222 10.15 28.15 -23.59
CA ARG B 222 8.89 27.45 -23.78
C ARG B 222 8.32 26.99 -22.45
N ALA B 223 7.03 26.64 -22.45
CA ALA B 223 6.39 26.15 -21.24
C ALA B 223 7.07 24.86 -20.78
N LYS B 224 7.34 24.79 -19.47
CA LYS B 224 8.08 23.67 -18.91
C LYS B 224 7.33 22.37 -19.21
N PRO B 225 7.95 21.41 -19.92
CA PRO B 225 7.26 20.16 -20.25
C PRO B 225 6.92 19.38 -19.00
N VAL B 226 5.74 19.65 -18.44
CA VAL B 226 5.31 19.01 -17.20
C VAL B 226 4.40 17.83 -17.52
N THR B 227 4.16 17.00 -16.50
CA THR B 227 3.14 15.96 -16.60
C THR B 227 1.79 16.61 -16.84
N GLN B 228 1.17 16.29 -17.96
CA GLN B 228 -0.04 16.97 -18.39
C GLN B 228 -0.83 16.04 -19.30
N ILE B 229 -1.99 16.52 -19.75
CA ILE B 229 -2.87 15.78 -20.65
C ILE B 229 -3.14 16.65 -21.86
N VAL B 230 -2.72 16.18 -23.04
CA VAL B 230 -3.03 16.83 -24.30
C VAL B 230 -4.11 16.00 -24.98
N SER B 231 -5.20 16.64 -25.37
CA SER B 231 -6.35 15.96 -25.93
C SER B 231 -6.80 16.64 -27.22
N ALA B 232 -7.44 15.87 -28.09
CA ALA B 232 -8.00 16.36 -29.33
C ALA B 232 -9.43 15.87 -29.47
N GLU B 233 -10.30 16.71 -30.02
CA GLU B 233 -11.73 16.43 -30.06
C GLU B 233 -12.23 16.44 -31.49
N ALA B 234 -13.44 15.90 -31.67
CA ALA B 234 -14.13 15.85 -32.95
C ALA B 234 -15.59 15.52 -32.72
N TRP B 235 -16.47 16.13 -33.51
CA TRP B 235 -17.91 15.89 -33.43
C TRP B 235 -18.40 15.27 -34.73
N GLY B 236 -19.44 14.44 -34.62
CA GLY B 236 -19.85 13.62 -35.74
C GLY B 236 -20.75 14.29 -36.75
N ARG B 237 -20.19 14.79 -37.85
CA ARG B 237 -21.01 15.42 -38.87
C ARG B 237 -21.90 14.40 -39.54
N ALA B 238 -23.10 14.84 -39.93
CA ALA B 238 -24.07 14.01 -40.66
C ALA B 238 -23.77 13.93 -42.14
N ASP B 239 -22.78 14.68 -42.63
CA ASP B 239 -22.43 14.67 -44.04
C ASP B 239 -21.01 15.19 -44.26
N MET C 1 -14.05 46.03 8.46
CA MET C 1 -14.81 45.11 7.61
C MET C 1 -16.31 45.36 7.72
N GLN C 2 -16.98 45.38 6.57
CA GLN C 2 -18.42 45.46 6.54
C GLN C 2 -19.03 44.16 7.06
N GLN C 3 -20.33 44.19 7.28
CA GLN C 3 -21.06 43.08 7.88
C GLN C 3 -22.30 42.76 7.07
N LEU C 4 -22.53 41.47 6.84
CA LEU C 4 -23.70 40.95 6.15
C LEU C 4 -24.41 39.97 7.06
N ASN C 5 -25.71 40.19 7.28
CA ASN C 5 -26.51 39.37 8.18
C ASN C 5 -27.35 38.42 7.35
N GLN C 6 -27.13 37.11 7.53
CA GLN C 6 -27.83 36.08 6.79
C GLN C 6 -28.81 35.36 7.71
N SER C 7 -30.06 35.24 7.25
CA SER C 7 -31.11 34.56 8.00
C SER C 7 -31.91 33.69 7.05
N PRO C 8 -32.37 32.51 7.51
CA PRO C 8 -32.15 31.97 8.86
C PRO C 8 -30.77 31.34 9.01
N GLN C 9 -30.41 30.97 10.24
CA GLN C 9 -29.17 30.25 10.45
C GLN C 9 -29.28 28.81 9.97
N SER C 10 -30.47 28.21 10.10
CA SER C 10 -30.70 26.84 9.70
C SER C 10 -32.08 26.73 9.06
N MET C 11 -32.22 25.76 8.16
CA MET C 11 -33.49 25.49 7.49
C MET C 11 -33.66 23.99 7.32
N PHE C 12 -34.82 23.47 7.73
CA PHE C 12 -35.14 22.05 7.60
C PHE C 12 -36.51 21.97 6.90
N ILE C 13 -36.48 21.83 5.58
CA ILE C 13 -37.68 21.69 4.77
C ILE C 13 -37.63 20.36 4.04
N GLN C 14 -38.77 19.95 3.51
CA GLN C 14 -38.91 18.66 2.85
C GLN C 14 -38.80 18.80 1.33
N GLU C 15 -38.33 17.73 0.70
CA GLU C 15 -38.23 17.64 -0.75
C GLU C 15 -39.56 18.02 -1.40
N GLY C 16 -39.51 19.03 -2.27
CA GLY C 16 -40.67 19.51 -2.99
C GLY C 16 -41.11 20.91 -2.63
N GLU C 17 -40.78 21.39 -1.43
CA GLU C 17 -41.18 22.71 -1.00
C GLU C 17 -40.23 23.77 -1.56
N ASP C 18 -40.52 25.03 -1.24
CA ASP C 18 -39.69 26.15 -1.67
C ASP C 18 -38.72 26.56 -0.56
N VAL C 19 -37.57 27.06 -0.96
CA VAL C 19 -36.54 27.56 -0.05
C VAL C 19 -36.51 29.08 -0.16
N SER C 20 -36.31 29.75 0.97
CA SER C 20 -36.23 31.22 1.00
C SER C 20 -35.26 31.64 2.09
N MET C 21 -34.23 32.37 1.70
CA MET C 21 -33.25 32.91 2.63
C MET C 21 -33.11 34.41 2.38
N ASN C 22 -33.01 35.17 3.47
CA ASN C 22 -32.82 36.61 3.38
C ASN C 22 -31.38 36.97 3.73
N CYS C 23 -31.03 38.22 3.45
CA CYS C 23 -29.66 38.71 3.62
C CYS C 23 -29.70 40.23 3.60
N THR C 24 -29.36 40.85 4.73
CA THR C 24 -29.40 42.30 4.86
C THR C 24 -28.03 42.83 5.27
N SER C 25 -27.86 44.13 5.12
CA SER C 25 -26.60 44.78 5.42
C SER C 25 -26.86 46.22 5.88
N SER C 26 -25.92 46.75 6.65
CA SER C 26 -25.99 48.13 7.10
C SER C 26 -25.34 49.10 6.11
N SER C 27 -24.39 48.63 5.31
CA SER C 27 -23.78 49.42 4.26
C SER C 27 -24.27 48.95 2.91
N ILE C 28 -24.03 49.77 1.89
CA ILE C 28 -24.50 49.46 0.54
C ILE C 28 -23.57 48.46 -0.12
N PHE C 29 -24.10 47.80 -1.15
CA PHE C 29 -23.34 46.87 -1.98
C PHE C 29 -23.89 46.95 -3.40
N ASN C 30 -22.98 47.13 -4.37
CA ASN C 30 -23.35 47.30 -5.77
C ASN C 30 -23.61 45.98 -6.48
N THR C 31 -22.82 44.94 -6.17
CA THR C 31 -22.99 43.62 -6.77
C THR C 31 -23.07 42.58 -5.68
N TRP C 32 -24.13 41.78 -5.69
CA TRP C 32 -24.36 40.74 -4.69
C TRP C 32 -24.12 39.36 -5.30
N LEU C 33 -23.65 38.43 -4.46
CA LEU C 33 -23.34 37.08 -4.88
C LEU C 33 -24.03 36.08 -3.96
N TRP C 34 -24.20 34.86 -4.48
CA TRP C 34 -24.72 33.75 -3.71
C TRP C 34 -23.90 32.50 -4.02
N TYR C 35 -23.45 31.80 -2.98
CA TYR C 35 -22.61 30.63 -3.13
C TYR C 35 -23.25 29.44 -2.42
N LYS C 36 -23.10 28.25 -3.02
CA LYS C 36 -23.55 27.00 -2.42
C LYS C 36 -22.35 26.12 -2.12
N GLN C 37 -22.22 25.71 -0.87
CA GLN C 37 -21.15 24.81 -0.42
C GLN C 37 -21.76 23.43 -0.15
N GLU C 38 -21.68 22.55 -1.15
CA GLU C 38 -22.19 21.20 -0.97
C GLU C 38 -21.34 20.46 0.07
N PRO C 39 -21.93 19.48 0.76
CA PRO C 39 -21.20 18.80 1.83
C PRO C 39 -19.96 18.09 1.30
N GLY C 40 -18.82 18.34 1.96
CA GLY C 40 -17.56 17.74 1.58
C GLY C 40 -16.74 18.56 0.60
N GLU C 41 -17.37 19.45 -0.15
CA GLU C 41 -16.71 20.28 -1.15
C GLU C 41 -16.73 21.74 -0.71
N GLY C 42 -16.15 22.60 -1.54
CA GLY C 42 -16.08 24.01 -1.25
C GLY C 42 -17.26 24.79 -1.80
N PRO C 43 -17.26 26.09 -1.55
CA PRO C 43 -18.34 26.94 -2.08
C PRO C 43 -18.23 27.08 -3.60
N VAL C 44 -19.37 26.95 -4.27
CA VAL C 44 -19.48 27.10 -5.71
C VAL C 44 -20.47 28.21 -6.00
N LEU C 45 -20.17 29.03 -7.00
CA LEU C 45 -21.01 30.16 -7.34
C LEU C 45 -22.39 29.69 -7.82
N LEU C 46 -23.44 30.30 -7.27
CA LEU C 46 -24.81 30.01 -7.67
C LEU C 46 -25.33 30.99 -8.71
N ILE C 47 -25.27 32.29 -8.41
CA ILE C 47 -25.78 33.31 -9.33
C ILE C 47 -25.12 34.63 -8.98
N ALA C 48 -24.88 35.46 -9.98
CA ALA C 48 -24.27 36.77 -9.82
C ALA C 48 -25.30 37.84 -10.14
N LEU C 49 -25.49 38.78 -9.21
CA LEU C 49 -26.45 39.86 -9.34
C LEU C 49 -25.69 41.18 -9.47
N TYR C 50 -25.82 41.83 -10.63
CA TYR C 50 -25.09 43.05 -10.91
C TYR C 50 -25.95 44.31 -10.94
N LYS C 51 -27.21 44.21 -11.32
CA LYS C 51 -28.10 45.36 -11.45
C LYS C 51 -29.11 45.36 -10.31
N ALA C 52 -29.27 46.52 -9.67
CA ALA C 52 -30.16 46.63 -8.52
C ALA C 52 -31.61 46.53 -8.94
N GLY C 53 -32.42 45.89 -8.08
CA GLY C 53 -33.84 45.74 -8.32
C GLY C 53 -34.22 44.75 -9.39
N GLU C 54 -33.26 44.03 -9.96
CA GLU C 54 -33.55 43.07 -11.03
C GLU C 54 -33.93 41.74 -10.42
N LEU C 55 -35.13 41.26 -10.76
CA LEU C 55 -35.60 39.95 -10.33
C LEU C 55 -35.09 38.92 -11.33
N THR C 56 -34.15 38.08 -10.90
CA THR C 56 -33.50 37.12 -11.77
C THR C 56 -33.90 35.70 -11.37
N SER C 57 -33.97 34.82 -12.36
CA SER C 57 -34.28 33.42 -12.12
C SER C 57 -33.42 32.55 -13.04
N ASN C 58 -32.76 31.56 -12.45
CA ASN C 58 -31.90 30.62 -13.18
C ASN C 58 -32.32 29.21 -12.77
N GLY C 59 -33.08 28.55 -13.63
CA GLY C 59 -33.62 27.24 -13.27
C GLY C 59 -34.66 27.39 -12.20
N ARG C 60 -34.51 26.60 -11.13
CA ARG C 60 -35.39 26.69 -9.97
C ARG C 60 -35.00 27.82 -9.04
N LEU C 61 -33.91 28.54 -9.32
CA LEU C 61 -33.47 29.62 -8.47
C LEU C 61 -34.20 30.92 -8.82
N THR C 62 -34.27 31.82 -7.83
CA THR C 62 -34.79 33.15 -8.03
C THR C 62 -34.10 34.08 -7.04
N ALA C 63 -33.50 35.16 -7.53
CA ALA C 63 -32.72 36.04 -6.67
C ALA C 63 -32.92 37.48 -7.11
N GLN C 64 -32.59 38.39 -6.20
CA GLN C 64 -32.75 39.83 -6.37
C GLN C 64 -32.09 40.53 -5.20
N PHE C 65 -31.48 41.69 -5.47
CA PHE C 65 -31.09 42.62 -4.41
C PHE C 65 -31.70 43.98 -4.72
N GLY C 66 -32.38 44.56 -3.73
CA GLY C 66 -33.18 45.74 -3.95
C GLY C 66 -32.36 46.95 -4.34
N ILE C 67 -33.08 47.96 -4.85
CA ILE C 67 -32.45 49.21 -5.27
C ILE C 67 -31.82 49.93 -4.10
N THR C 68 -32.26 49.64 -2.87
CA THR C 68 -31.60 50.20 -1.69
C THR C 68 -30.19 49.68 -1.51
N ARG C 69 -29.83 48.59 -2.21
CA ARG C 69 -28.50 47.98 -2.12
C ARG C 69 -28.18 47.52 -0.70
N LYS C 70 -29.21 47.09 0.04
CA LYS C 70 -29.01 46.61 1.40
C LYS C 70 -29.67 45.25 1.60
N ASP C 71 -30.73 44.98 0.83
CA ASP C 71 -31.50 43.76 0.96
C ASP C 71 -31.24 42.83 -0.22
N SER C 72 -31.49 41.54 -0.01
CA SER C 72 -31.39 40.53 -1.06
C SER C 72 -31.96 39.23 -0.53
N PHE C 73 -32.27 38.33 -1.46
CA PHE C 73 -32.82 37.03 -1.09
C PHE C 73 -32.47 36.01 -2.17
N LEU C 74 -32.75 34.74 -1.86
CA LEU C 74 -32.55 33.64 -2.78
C LEU C 74 -33.67 32.63 -2.56
N ASN C 75 -34.37 32.27 -3.64
CA ASN C 75 -35.49 31.35 -3.57
C ASN C 75 -35.21 30.13 -4.45
N ILE C 76 -35.36 28.94 -3.89
CA ILE C 76 -35.20 27.69 -4.61
C ILE C 76 -36.56 27.01 -4.69
N SER C 77 -37.00 26.74 -5.92
CA SER C 77 -38.31 26.14 -6.16
C SER C 77 -38.17 24.63 -6.29
N ALA C 78 -39.16 23.91 -5.75
CA ALA C 78 -39.24 22.46 -5.83
C ALA C 78 -37.90 21.82 -5.41
N SER C 79 -37.68 21.85 -4.09
CA SER C 79 -36.40 21.42 -3.55
C SER C 79 -36.13 19.96 -3.86
N ILE C 80 -34.89 19.68 -4.24
CA ILE C 80 -34.44 18.32 -4.53
C ILE C 80 -33.35 17.97 -3.54
N PRO C 81 -33.05 16.68 -3.35
CA PRO C 81 -32.03 16.30 -2.36
C PRO C 81 -30.66 16.91 -2.60
N SER C 82 -30.29 17.19 -3.86
CA SER C 82 -28.96 17.71 -4.16
C SER C 82 -28.74 19.11 -3.61
N ASP C 83 -29.79 19.82 -3.21
CA ASP C 83 -29.67 21.18 -2.72
C ASP C 83 -29.23 21.27 -1.27
N VAL C 84 -28.91 20.15 -0.63
CA VAL C 84 -28.38 20.19 0.73
C VAL C 84 -27.02 20.86 0.73
N GLY C 85 -26.80 21.74 1.69
CA GLY C 85 -25.54 22.43 1.81
C GLY C 85 -25.69 23.72 2.60
N ILE C 86 -24.60 24.49 2.60
CA ILE C 86 -24.55 25.78 3.29
C ILE C 86 -24.52 26.87 2.23
N TYR C 87 -25.44 27.81 2.33
CA TYR C 87 -25.60 28.87 1.34
C TYR C 87 -25.07 30.18 1.91
N PHE C 88 -24.29 30.90 1.09
CA PHE C 88 -23.66 32.14 1.49
C PHE C 88 -24.11 33.27 0.57
N CYS C 89 -24.49 34.40 1.16
CA CYS C 89 -24.72 35.62 0.41
C CYS C 89 -23.51 36.52 0.53
N ALA C 90 -23.07 37.08 -0.58
CA ALA C 90 -21.86 37.89 -0.61
C ALA C 90 -22.10 39.16 -1.40
N GLY C 91 -21.23 40.14 -1.17
CA GLY C 91 -21.28 41.39 -1.90
C GLY C 91 -19.90 41.99 -2.07
N GLN C 92 -19.56 42.38 -3.29
CA GLN C 92 -18.24 42.96 -3.55
C GLN C 92 -18.07 44.24 -2.75
N ASP C 93 -16.98 44.31 -1.99
CA ASP C 93 -16.72 45.47 -1.15
C ASP C 93 -16.64 46.73 -2.00
N VAL C 94 -17.43 47.73 -1.64
CA VAL C 94 -17.43 48.99 -2.36
C VAL C 94 -16.09 49.68 -2.14
N GLY C 95 -15.49 50.17 -3.23
CA GLY C 95 -14.16 50.74 -3.17
C GLY C 95 -13.20 50.05 -4.11
N ASN C 96 -12.54 50.85 -4.97
CA ASN C 96 -11.62 50.30 -5.96
C ASN C 96 -10.49 49.52 -5.31
N THR C 97 -10.04 49.95 -4.13
CA THR C 97 -8.95 49.25 -3.45
C THR C 97 -9.39 47.88 -2.96
N ASN C 98 -10.67 47.72 -2.62
CA ASN C 98 -11.18 46.46 -2.10
C ASN C 98 -12.09 45.79 -3.12
N ALA C 99 -11.64 45.73 -4.37
CA ALA C 99 -12.49 45.17 -5.42
C ALA C 99 -12.58 43.65 -5.33
N GLY C 100 -11.44 42.97 -5.35
CA GLY C 100 -11.45 41.52 -5.23
C GLY C 100 -12.01 41.04 -3.90
N LYS C 101 -11.87 41.85 -2.85
CA LYS C 101 -12.42 41.48 -1.56
C LYS C 101 -13.94 41.43 -1.62
N SER C 102 -14.51 40.43 -0.95
CA SER C 102 -15.96 40.24 -0.88
C SER C 102 -16.33 39.86 0.54
N THR C 103 -17.38 40.50 1.05
CA THR C 103 -17.86 40.23 2.41
C THR C 103 -18.95 39.17 2.35
N PHE C 104 -18.83 38.16 3.19
CA PHE C 104 -19.77 37.04 3.23
C PHE C 104 -20.58 37.07 4.52
N GLY C 105 -21.79 36.51 4.45
CA GLY C 105 -22.59 36.31 5.65
C GLY C 105 -22.14 35.08 6.41
N ASP C 106 -22.85 34.81 7.51
CA ASP C 106 -22.51 33.65 8.32
C ASP C 106 -22.90 32.36 7.62
N GLY C 107 -23.94 32.39 6.79
CA GLY C 107 -24.37 31.23 6.04
C GLY C 107 -25.75 30.74 6.48
N THR C 108 -26.24 29.77 5.72
CA THR C 108 -27.54 29.16 6.01
C THR C 108 -27.46 27.68 5.66
N THR C 109 -27.54 26.82 6.67
CA THR C 109 -27.49 25.38 6.44
C THR C 109 -28.87 24.87 6.05
N LEU C 110 -28.94 24.14 4.94
CA LEU C 110 -30.19 23.63 4.41
C LEU C 110 -30.17 22.10 4.41
N THR C 111 -31.19 21.50 5.02
CA THR C 111 -31.38 20.07 5.03
C THR C 111 -32.70 19.75 4.35
N VAL C 112 -32.68 18.76 3.46
CA VAL C 112 -33.85 18.41 2.65
C VAL C 112 -34.33 17.04 3.12
N LYS C 113 -35.53 17.00 3.69
CA LYS C 113 -36.11 15.75 4.16
C LYS C 113 -36.84 15.05 3.01
N PRO C 114 -36.79 13.73 2.96
CA PRO C 114 -37.38 13.01 1.82
C PRO C 114 -38.89 12.85 1.97
N ASN C 115 -39.53 12.54 0.85
CA ASN C 115 -40.98 12.41 0.76
C ASN C 115 -41.32 10.93 0.78
N ILE C 116 -41.63 10.41 1.97
CA ILE C 116 -41.97 9.00 2.14
C ILE C 116 -43.46 8.83 1.83
N GLN C 117 -43.75 7.97 0.86
CA GLN C 117 -45.13 7.76 0.42
C GLN C 117 -45.82 6.61 1.16
N ASN C 118 -45.13 5.49 1.34
CA ASN C 118 -45.68 4.30 1.99
C ASN C 118 -44.84 4.00 3.23
N PRO C 119 -45.11 4.66 4.34
CA PRO C 119 -44.31 4.44 5.55
C PRO C 119 -44.65 3.12 6.22
N ASP C 120 -43.64 2.54 6.87
CA ASP C 120 -43.80 1.32 7.66
C ASP C 120 -42.83 1.37 8.83
N PRO C 121 -43.08 2.24 9.80
CA PRO C 121 -42.11 2.44 10.88
C PRO C 121 -41.89 1.16 11.69
N ALA C 122 -40.61 0.89 11.97
CA ALA C 122 -40.23 -0.30 12.71
C ALA C 122 -38.87 -0.08 13.33
N VAL C 123 -38.57 -0.88 14.35
CA VAL C 123 -37.26 -0.87 15.01
C VAL C 123 -36.72 -2.28 14.96
N TYR C 124 -35.55 -2.46 14.34
CA TYR C 124 -34.92 -3.75 14.20
C TYR C 124 -33.62 -3.80 14.99
N GLN C 125 -33.23 -5.00 15.38
CA GLN C 125 -31.98 -5.23 16.10
C GLN C 125 -31.01 -5.96 15.19
N LEU C 126 -29.81 -5.39 15.03
CA LEU C 126 -28.79 -5.93 14.14
C LEU C 126 -27.59 -6.40 14.96
N ARG C 127 -27.05 -7.57 14.62
CA ARG C 127 -25.92 -8.14 15.33
C ARG C 127 -24.64 -7.92 14.55
N ASP C 128 -23.52 -7.88 15.28
CA ASP C 128 -22.22 -7.64 14.66
C ASP C 128 -21.82 -8.82 13.80
N SER C 129 -21.16 -8.53 12.68
CA SER C 129 -20.68 -9.58 11.79
C SER C 129 -19.44 -10.28 12.34
N LYS C 130 -18.77 -9.68 13.32
CA LYS C 130 -17.54 -10.23 13.85
C LYS C 130 -17.71 -10.93 15.20
N SER C 131 -18.67 -10.52 16.01
CA SER C 131 -18.82 -11.03 17.36
C SER C 131 -20.17 -11.66 17.66
N SER C 132 -21.24 -11.20 17.03
CA SER C 132 -22.62 -11.61 17.33
C SER C 132 -23.02 -11.30 18.76
N ASP C 133 -22.22 -10.51 19.48
CA ASP C 133 -22.54 -10.06 20.83
C ASP C 133 -22.89 -8.58 20.89
N LYS C 134 -22.21 -7.74 20.14
CA LYS C 134 -22.57 -6.34 20.02
C LYS C 134 -23.77 -6.20 19.10
N SER C 135 -24.57 -5.16 19.34
CA SER C 135 -25.80 -4.98 18.59
C SER C 135 -26.13 -3.49 18.48
N VAL C 136 -26.94 -3.18 17.47
CA VAL C 136 -27.48 -1.84 17.28
C VAL C 136 -28.98 -1.94 17.03
N CYS C 137 -29.70 -0.87 17.36
CA CYS C 137 -31.12 -0.77 17.09
C CYS C 137 -31.33 0.17 15.92
N LEU C 138 -32.14 -0.27 14.95
CA LEU C 138 -32.36 0.46 13.70
C LEU C 138 -33.83 0.86 13.60
N PHE C 139 -34.12 2.13 13.89
CA PHE C 139 -35.43 2.71 13.64
C PHE C 139 -35.45 3.23 12.20
N THR C 140 -36.33 2.67 11.37
CA THR C 140 -36.32 3.00 9.95
C THR C 140 -37.74 2.94 9.38
N ASP C 141 -37.87 3.47 8.16
CA ASP C 141 -39.09 3.42 7.37
C ASP C 141 -40.22 4.26 7.98
N PHE C 142 -39.87 5.37 8.62
CA PHE C 142 -40.83 6.36 9.08
C PHE C 142 -40.80 7.59 8.18
N ASP C 143 -41.92 8.32 8.15
CA ASP C 143 -41.97 9.50 7.29
C ASP C 143 -41.24 10.67 7.94
N SER C 144 -41.11 11.75 7.18
CA SER C 144 -40.35 12.92 7.64
C SER C 144 -41.06 13.68 8.75
N GLN C 145 -42.30 13.31 9.10
CA GLN C 145 -42.99 13.97 10.20
C GLN C 145 -42.43 13.54 11.56
N THR C 146 -41.78 12.39 11.63
CA THR C 146 -41.20 11.90 12.88
C THR C 146 -39.82 12.52 13.09
N ASN C 147 -39.58 13.00 14.30
CA ASN C 147 -38.30 13.62 14.66
C ASN C 147 -37.63 12.76 15.74
N VAL C 148 -36.38 12.40 15.49
CA VAL C 148 -35.61 11.57 16.43
C VAL C 148 -34.82 12.49 17.35
N SER C 149 -35.01 12.33 18.65
CA SER C 149 -34.35 13.14 19.66
C SER C 149 -33.14 12.40 20.24
N GLN C 150 -32.21 13.17 20.77
CA GLN C 150 -31.02 12.59 21.39
C GLN C 150 -31.40 11.89 22.70
N SER C 151 -30.50 11.05 23.19
CA SER C 151 -30.74 10.32 24.41
C SER C 151 -30.39 11.16 25.64
N LYS C 152 -31.15 10.96 26.72
CA LYS C 152 -30.80 11.56 27.99
C LYS C 152 -29.72 10.76 28.70
N ASP C 153 -29.68 9.44 28.50
CA ASP C 153 -28.65 8.61 29.09
C ASP C 153 -27.32 8.82 28.38
N SER C 154 -26.25 8.91 29.16
CA SER C 154 -24.93 9.15 28.58
C SER C 154 -24.44 7.95 27.79
N ASP C 155 -24.61 6.75 28.33
CA ASP C 155 -24.11 5.54 27.70
C ASP C 155 -24.96 5.06 26.53
N VAL C 156 -25.98 5.83 26.14
CA VAL C 156 -26.83 5.50 24.99
C VAL C 156 -26.57 6.53 23.91
N TYR C 157 -26.20 6.05 22.73
CA TYR C 157 -25.83 6.91 21.61
C TYR C 157 -26.85 6.76 20.49
N ILE C 158 -27.33 7.88 19.97
CA ILE C 158 -28.37 7.90 18.95
C ILE C 158 -27.96 8.88 17.86
N THR C 159 -27.82 8.38 16.63
CA THR C 159 -27.54 9.22 15.48
C THR C 159 -28.84 9.67 14.85
N ASP C 160 -28.86 10.93 14.40
CA ASP C 160 -30.04 11.49 13.76
C ASP C 160 -30.20 10.92 12.35
N LYS C 161 -31.26 11.34 11.68
CA LYS C 161 -31.44 10.98 10.28
C LYS C 161 -30.30 11.55 9.45
N CYS C 162 -29.76 10.72 8.55
CA CYS C 162 -28.56 11.04 7.80
C CYS C 162 -28.92 11.69 6.46
N VAL C 163 -27.91 11.86 5.60
CA VAL C 163 -28.08 12.44 4.27
C VAL C 163 -27.68 11.39 3.24
N LEU C 164 -28.49 11.26 2.20
CA LEU C 164 -28.23 10.25 1.18
C LEU C 164 -27.01 10.62 0.35
N ASP C 165 -26.40 9.59 -0.25
CA ASP C 165 -25.29 9.80 -1.17
C ASP C 165 -25.79 10.49 -2.44
N MET C 166 -25.01 11.47 -2.91
CA MET C 166 -25.40 12.21 -4.10
C MET C 166 -25.40 11.35 -5.35
N ARG C 167 -24.49 10.38 -5.44
CA ARG C 167 -24.40 9.49 -6.60
C ARG C 167 -25.28 8.25 -6.46
N SER C 168 -26.32 8.31 -5.63
CA SER C 168 -27.26 7.22 -5.47
C SER C 168 -28.38 7.31 -6.50
N MET C 169 -29.21 6.28 -6.53
CA MET C 169 -30.47 6.31 -7.29
C MET C 169 -31.60 6.91 -6.46
N ASP C 170 -31.28 7.69 -5.42
CA ASP C 170 -32.23 8.13 -4.41
C ASP C 170 -32.92 6.96 -3.72
N PHE C 171 -32.30 5.78 -3.73
CA PHE C 171 -32.86 4.59 -3.10
C PHE C 171 -32.59 4.58 -1.59
N LYS C 172 -33.08 5.62 -0.92
CA LYS C 172 -32.83 5.79 0.50
C LYS C 172 -34.11 6.22 1.20
N SER C 173 -34.24 5.78 2.46
CA SER C 173 -35.36 6.13 3.31
C SER C 173 -34.83 6.67 4.64
N ASN C 174 -35.76 7.16 5.47
CA ASN C 174 -35.37 7.68 6.77
C ASN C 174 -34.99 6.55 7.73
N SER C 175 -33.95 6.78 8.51
CA SER C 175 -33.50 5.78 9.46
C SER C 175 -32.58 6.42 10.49
N ALA C 176 -32.69 5.96 11.74
CA ALA C 176 -31.83 6.38 12.82
C ALA C 176 -31.24 5.15 13.50
N VAL C 177 -30.00 5.28 13.97
CA VAL C 177 -29.25 4.16 14.54
C VAL C 177 -28.96 4.47 16.01
N ALA C 178 -29.24 3.50 16.87
CA ALA C 178 -28.95 3.60 18.30
C ALA C 178 -28.17 2.37 18.74
N TRP C 179 -27.25 2.59 19.68
CA TRP C 179 -26.45 1.49 20.21
C TRP C 179 -25.96 1.87 21.61
N SER C 180 -25.66 0.84 22.40
CA SER C 180 -25.16 1.04 23.75
C SER C 180 -24.53 -0.25 24.24
N ASN C 181 -23.48 -0.13 25.04
CA ASN C 181 -22.81 -1.27 25.65
C ASN C 181 -23.38 -1.63 27.02
N LYS C 182 -24.46 -0.97 27.43
CA LYS C 182 -25.08 -1.26 28.71
C LYS C 182 -25.70 -2.65 28.70
N SER C 183 -25.62 -3.33 29.85
CA SER C 183 -26.23 -4.64 29.98
C SER C 183 -27.75 -4.56 30.00
N ASP C 184 -28.31 -3.43 30.44
CA ASP C 184 -29.75 -3.22 30.47
C ASP C 184 -30.27 -2.50 29.23
N PHE C 185 -29.55 -2.59 28.11
CA PHE C 185 -29.98 -1.92 26.89
C PHE C 185 -30.98 -2.78 26.15
N ALA C 186 -32.07 -2.16 25.70
CA ALA C 186 -33.13 -2.85 24.97
C ALA C 186 -33.64 -1.94 23.86
N CYS C 187 -33.85 -2.52 22.67
CA CYS C 187 -34.26 -1.73 21.52
C CYS C 187 -35.67 -1.18 21.65
N ALA C 188 -36.50 -1.78 22.51
CA ALA C 188 -37.85 -1.27 22.75
C ALA C 188 -37.86 -0.02 23.61
N ASN C 189 -36.72 0.35 24.21
CA ASN C 189 -36.63 1.52 25.06
C ASN C 189 -35.51 2.46 24.64
N ALA C 190 -34.83 2.16 23.52
CA ALA C 190 -33.73 3.01 23.07
C ALA C 190 -34.22 4.40 22.67
N PHE C 191 -35.28 4.46 21.87
CA PHE C 191 -35.83 5.73 21.41
C PHE C 191 -36.96 6.22 22.31
N ASN C 192 -36.74 6.17 23.63
CA ASN C 192 -37.80 6.56 24.56
C ASN C 192 -38.02 8.06 24.55
N ASN C 193 -36.96 8.85 24.37
CA ASN C 193 -37.08 10.30 24.36
C ASN C 193 -37.52 10.84 23.01
N SER C 194 -37.96 9.98 22.10
CA SER C 194 -38.43 10.39 20.77
C SER C 194 -39.89 10.05 20.62
N ILE C 195 -40.65 10.97 20.02
CA ILE C 195 -42.05 10.74 19.70
C ILE C 195 -42.09 9.91 18.42
N ILE C 196 -42.42 8.62 18.56
CA ILE C 196 -42.40 7.69 17.44
C ILE C 196 -43.84 7.32 17.09
N PRO C 197 -44.12 6.88 15.87
CA PRO C 197 -45.49 6.49 15.52
C PRO C 197 -45.97 5.32 16.37
N GLU C 198 -47.19 5.44 16.89
CA GLU C 198 -47.72 4.43 17.81
C GLU C 198 -47.82 3.05 17.17
N ASP C 199 -47.90 2.99 15.84
CA ASP C 199 -47.95 1.73 15.12
C ASP C 199 -46.57 1.20 14.76
N THR C 200 -45.54 1.57 15.52
CA THR C 200 -44.19 1.14 15.20
C THR C 200 -44.03 -0.36 15.44
N PHE C 201 -43.58 -1.07 14.41
CA PHE C 201 -43.35 -2.50 14.52
C PHE C 201 -42.12 -2.78 15.37
N PHE C 202 -42.28 -3.64 16.38
CA PHE C 202 -41.18 -4.00 17.28
C PHE C 202 -40.97 -5.52 17.25
N PRO C 203 -40.37 -6.03 16.17
CA PRO C 203 -40.10 -7.47 16.12
C PRO C 203 -38.86 -7.83 16.90
N SER C 204 -38.96 -8.91 17.67
CA SER C 204 -37.88 -9.35 18.52
C SER C 204 -36.84 -10.12 17.72
N PRO C 205 -35.59 -10.15 18.18
CA PRO C 205 -34.56 -10.94 17.50
C PRO C 205 -34.87 -12.43 17.58
N GLU C 206 -34.16 -13.20 16.74
CA GLU C 206 -34.37 -14.64 16.65
C GLU C 206 -34.14 -15.34 17.99
N GLY D 1 -8.06 24.04 -12.37
CA GLY D 1 -8.60 23.79 -11.05
C GLY D 1 -7.73 24.33 -9.93
N ILE D 2 -8.27 24.37 -8.72
CA ILE D 2 -7.53 24.80 -7.54
C ILE D 2 -7.31 23.59 -6.64
N THR D 3 -6.06 23.35 -6.26
CA THR D 3 -5.69 22.25 -5.39
C THR D 3 -5.20 22.80 -4.05
N GLN D 4 -5.52 22.08 -2.98
CA GLN D 4 -5.06 22.42 -1.64
C GLN D 4 -4.30 21.26 -1.03
N SER D 5 -3.19 21.57 -0.38
CA SER D 5 -2.38 20.55 0.28
C SER D 5 -1.89 21.05 1.62
N PRO D 6 -2.14 20.31 2.71
CA PRO D 6 -2.88 19.06 2.66
C PRO D 6 -4.38 19.25 2.84
N ARG D 7 -5.16 18.18 2.68
CA ARG D 7 -6.59 18.24 2.95
C ARG D 7 -6.90 18.07 4.44
N TYR D 8 -6.04 17.34 5.16
CA TYR D 8 -6.15 17.17 6.60
C TYR D 8 -4.76 17.31 7.21
N LYS D 9 -4.71 17.88 8.41
CA LYS D 9 -3.44 18.11 9.08
C LYS D 9 -3.65 18.16 10.59
N ILE D 10 -2.75 17.53 11.33
CA ILE D 10 -2.71 17.62 12.79
C ILE D 10 -1.35 18.20 13.17
N THR D 11 -1.36 19.32 13.87
CA THR D 11 -0.13 19.99 14.29
C THR D 11 -0.22 20.33 15.77
N GLU D 12 0.93 20.62 16.36
CA GLU D 12 1.04 20.90 17.78
C GLU D 12 1.16 22.41 18.01
N THR D 13 0.82 22.83 19.22
CA THR D 13 0.90 24.24 19.58
C THR D 13 2.35 24.69 19.62
N GLY D 14 2.62 25.86 19.04
CA GLY D 14 3.96 26.40 18.97
C GLY D 14 4.79 25.92 17.81
N ARG D 15 4.20 25.17 16.88
CA ARG D 15 4.90 24.66 15.71
C ARG D 15 4.40 25.38 14.46
N GLN D 16 5.29 25.50 13.47
CA GLN D 16 4.97 26.19 12.23
C GLN D 16 4.42 25.19 11.22
N VAL D 17 3.32 25.55 10.58
CA VAL D 17 2.67 24.70 9.58
C VAL D 17 2.27 25.57 8.40
N THR D 18 2.41 25.03 7.19
CA THR D 18 2.15 25.79 5.97
C THR D 18 1.15 25.02 5.10
N LEU D 19 0.12 25.73 4.63
CA LEU D 19 -0.90 25.17 3.76
C LEU D 19 -0.70 25.73 2.35
N MET D 20 -0.51 24.85 1.38
CA MET D 20 -0.26 25.26 0.01
C MET D 20 -1.55 25.35 -0.78
N CYS D 21 -1.52 26.14 -1.86
CA CYS D 21 -2.66 26.29 -2.74
C CYS D 21 -2.16 26.57 -4.16
N HIS D 22 -2.64 25.79 -5.11
CA HIS D 22 -2.19 25.86 -6.49
C HIS D 22 -3.37 26.13 -7.41
N GLN D 23 -3.12 26.84 -8.51
CA GLN D 23 -4.15 27.12 -9.50
C GLN D 23 -3.52 27.15 -10.88
N THR D 24 -4.34 26.88 -11.90
CA THR D 24 -3.86 26.77 -13.27
C THR D 24 -4.49 27.78 -14.22
N TRP D 25 -5.29 28.72 -13.71
CA TRP D 25 -5.98 29.68 -14.55
C TRP D 25 -5.25 31.01 -14.68
N SER D 26 -4.09 31.16 -14.05
CA SER D 26 -3.35 32.42 -14.04
C SER D 26 -4.18 33.57 -13.49
N HIS D 27 -4.98 33.27 -12.47
CA HIS D 27 -5.77 34.31 -11.81
C HIS D 27 -4.85 35.23 -11.01
N SER D 28 -5.24 36.51 -10.96
CA SER D 28 -4.52 37.55 -10.25
C SER D 28 -4.88 37.57 -8.77
N TYR D 29 -6.16 37.67 -8.46
CA TYR D 29 -6.61 37.71 -7.06
C TYR D 29 -6.69 36.30 -6.50
N MET D 30 -6.03 36.07 -5.37
CA MET D 30 -6.14 34.83 -4.63
C MET D 30 -6.37 35.14 -3.15
N PHE D 31 -7.17 34.31 -2.49
CA PHE D 31 -7.65 34.58 -1.15
C PHE D 31 -7.42 33.37 -0.25
N TRP D 32 -7.57 33.61 1.05
CA TRP D 32 -7.53 32.55 2.06
C TRP D 32 -8.63 32.80 3.08
N TYR D 33 -9.46 31.78 3.33
CA TYR D 33 -10.60 31.92 4.21
C TYR D 33 -10.53 30.90 5.35
N ARG D 34 -11.35 31.15 6.37
CA ARG D 34 -11.38 30.33 7.58
C ARG D 34 -12.84 30.09 7.95
N GLN D 35 -13.21 28.82 8.06
CA GLN D 35 -14.60 28.44 8.36
C GLN D 35 -14.63 27.74 9.71
N ASP D 36 -15.43 28.27 10.64
CA ASP D 36 -15.55 27.77 11.99
C ASP D 36 -16.90 27.10 12.17
N LEU D 37 -16.90 25.92 12.78
CA LEU D 37 -18.11 25.08 12.91
C LEU D 37 -18.62 24.81 11.50
N GLY D 38 -19.82 25.26 11.15
CA GLY D 38 -20.31 25.13 9.79
C GLY D 38 -20.89 26.43 9.28
N HIS D 39 -20.30 27.55 9.68
CA HIS D 39 -20.80 28.86 9.33
C HIS D 39 -19.64 29.84 9.22
N GLY D 40 -19.82 30.85 8.37
CA GLY D 40 -18.85 31.92 8.23
C GLY D 40 -17.72 31.62 7.27
N LEU D 41 -17.23 32.67 6.58
CA LEU D 41 -16.08 32.57 5.68
C LEU D 41 -15.22 33.82 5.91
N ARG D 42 -14.56 33.86 7.07
CA ARG D 42 -13.75 35.02 7.42
C ARG D 42 -12.47 35.05 6.60
N LEU D 43 -12.19 36.19 5.99
CA LEU D 43 -11.01 36.38 5.14
C LEU D 43 -9.80 36.69 6.00
N ILE D 44 -8.71 35.99 5.77
CA ILE D 44 -7.47 36.25 6.51
C ILE D 44 -6.61 37.23 5.71
N TYR D 45 -5.99 36.75 4.65
CA TYR D 45 -5.17 37.57 3.76
C TYR D 45 -5.67 37.40 2.33
N TYR D 46 -5.50 38.45 1.53
CA TYR D 46 -5.76 38.36 0.09
C TYR D 46 -4.57 38.91 -0.66
N SER D 47 -4.49 38.57 -1.95
CA SER D 47 -3.36 38.95 -2.79
C SER D 47 -3.89 39.39 -4.15
N ALA D 48 -3.66 40.67 -4.48
CA ALA D 48 -4.21 41.20 -5.73
C ALA D 48 -3.45 40.67 -6.94
N ALA D 49 -2.14 40.52 -6.82
CA ALA D 49 -1.31 40.00 -7.91
C ALA D 49 -0.03 39.44 -7.31
N ALA D 50 0.96 39.21 -8.14
CA ALA D 50 2.24 38.68 -7.66
C ALA D 50 2.94 39.72 -6.78
N ASP D 51 3.54 39.24 -5.69
CA ASP D 51 4.29 40.08 -4.76
C ASP D 51 3.43 41.17 -4.14
N ILE D 52 2.16 40.87 -3.90
CA ILE D 52 1.22 41.81 -3.31
C ILE D 52 0.47 41.09 -2.20
N THR D 53 0.68 41.52 -0.95
CA THR D 53 0.03 40.93 0.20
C THR D 53 -0.83 41.98 0.89
N ASP D 54 -1.95 41.54 1.46
CA ASP D 54 -2.86 42.45 2.14
C ASP D 54 -3.64 41.67 3.19
N LYS D 55 -4.09 42.39 4.21
CA LYS D 55 -4.80 41.78 5.33
C LYS D 55 -6.27 41.58 5.01
N GLY D 56 -7.04 41.12 6.00
CA GLY D 56 -8.45 40.87 5.83
C GLY D 56 -9.25 41.13 7.10
N GLU D 57 -10.13 40.19 7.45
CA GLU D 57 -10.96 40.38 8.63
C GLU D 57 -10.26 39.88 9.89
N VAL D 58 -9.52 38.78 9.78
CA VAL D 58 -8.79 38.23 10.92
C VAL D 58 -7.33 37.97 10.52
N PRO D 59 -6.53 39.01 10.29
CA PRO D 59 -5.13 38.77 9.87
C PRO D 59 -4.23 38.28 11.00
N ASP D 60 -4.66 38.36 12.25
CA ASP D 60 -3.79 38.04 13.37
C ASP D 60 -3.42 36.56 13.38
N GLY D 61 -2.12 36.27 13.40
CA GLY D 61 -1.62 34.92 13.51
C GLY D 61 -1.31 34.22 12.21
N TYR D 62 -1.25 34.93 11.09
CA TYR D 62 -1.02 34.32 9.79
C TYR D 62 -0.08 35.18 8.97
N VAL D 63 0.73 34.52 8.14
CA VAL D 63 1.64 35.16 7.20
C VAL D 63 1.49 34.47 5.86
N VAL D 64 1.59 35.24 4.78
CA VAL D 64 1.46 34.73 3.42
C VAL D 64 2.65 35.23 2.60
N SER D 65 2.74 34.76 1.36
CA SER D 65 3.73 35.23 0.41
C SER D 65 3.21 34.94 -0.99
N ARG D 66 3.62 35.77 -1.96
CA ARG D 66 3.20 35.65 -3.35
C ARG D 66 4.43 35.80 -4.24
N SER D 67 5.30 34.80 -4.22
CA SER D 67 6.48 34.82 -5.08
C SER D 67 6.12 34.46 -6.52
N LYS D 68 5.21 33.51 -6.70
CA LYS D 68 4.72 33.11 -8.00
C LYS D 68 3.25 33.49 -8.14
N THR D 69 2.75 33.43 -9.37
CA THR D 69 1.39 33.87 -9.66
C THR D 69 0.34 32.82 -9.33
N GLU D 70 0.71 31.54 -9.27
CA GLU D 70 -0.25 30.47 -9.12
C GLU D 70 -0.29 29.87 -7.72
N ASN D 71 0.53 30.38 -6.78
CA ASN D 71 0.63 29.79 -5.45
C ASN D 71 0.46 30.87 -4.41
N PHE D 72 -0.45 30.64 -3.45
CA PHE D 72 -0.73 31.54 -2.34
C PHE D 72 -0.58 30.76 -1.04
N PRO D 73 0.64 30.49 -0.61
CA PRO D 73 0.84 29.69 0.61
C PRO D 73 0.46 30.46 1.86
N LEU D 74 -0.15 29.75 2.81
CA LEU D 74 -0.56 30.31 4.10
C LEU D 74 0.28 29.66 5.19
N THR D 75 0.84 30.48 6.07
CA THR D 75 1.76 30.02 7.11
C THR D 75 1.25 30.44 8.47
N LEU D 76 1.19 29.48 9.40
CA LEU D 76 0.85 29.74 10.79
C LEU D 76 2.14 29.77 11.60
N GLU D 77 2.47 30.94 12.13
CA GLU D 77 3.73 31.10 12.88
C GLU D 77 3.75 30.21 14.11
N SER D 78 2.86 30.47 15.07
CA SER D 78 2.70 29.64 16.26
C SER D 78 1.26 29.14 16.29
N ALA D 79 1.07 27.87 15.95
CA ALA D 79 -0.27 27.30 15.91
C ALA D 79 -0.92 27.34 17.28
N THR D 80 -2.09 27.96 17.35
CA THR D 80 -2.85 28.05 18.59
C THR D 80 -4.12 27.24 18.49
N ARG D 81 -4.69 26.90 19.65
CA ARG D 81 -5.91 26.11 19.68
C ARG D 81 -7.05 26.79 18.93
N SER D 82 -7.07 28.12 18.92
CA SER D 82 -8.12 28.85 18.22
C SER D 82 -8.02 28.72 16.71
N GLN D 83 -6.84 28.39 16.19
CA GLN D 83 -6.62 28.29 14.75
C GLN D 83 -7.06 26.95 14.17
N THR D 84 -7.83 26.17 14.92
CA THR D 84 -8.44 24.94 14.41
C THR D 84 -9.68 25.31 13.62
N SER D 85 -9.64 25.08 12.30
CA SER D 85 -10.71 25.52 11.43
C SER D 85 -10.56 24.83 10.08
N VAL D 86 -11.59 25.01 9.24
CA VAL D 86 -11.55 24.56 7.86
C VAL D 86 -11.08 25.73 7.01
N TYR D 87 -9.86 25.64 6.49
CA TYR D 87 -9.27 26.72 5.71
C TYR D 87 -9.54 26.51 4.23
N PHE D 88 -10.10 27.54 3.59
CA PHE D 88 -10.49 27.49 2.18
C PHE D 88 -9.66 28.47 1.36
N CYS D 89 -9.16 28.01 0.23
CA CYS D 89 -8.42 28.84 -0.72
C CYS D 89 -9.33 29.21 -1.88
N ALA D 90 -9.08 30.38 -2.47
CA ALA D 90 -9.91 30.87 -3.55
C ALA D 90 -9.07 31.67 -4.53
N SER D 91 -9.66 31.97 -5.69
CA SER D 91 -9.00 32.77 -6.71
C SER D 91 -10.07 33.45 -7.56
N SER D 92 -9.68 34.55 -8.20
CA SER D 92 -10.58 35.28 -9.07
C SER D 92 -9.75 36.03 -10.11
N GLY D 93 -9.99 35.73 -11.39
CA GLY D 93 -9.32 36.44 -12.46
C GLY D 93 -9.91 37.82 -12.65
N VAL D 94 -11.23 37.90 -12.76
CA VAL D 94 -11.97 39.15 -12.86
C VAL D 94 -12.95 39.20 -11.70
N PRO D 95 -12.82 40.14 -10.77
CA PRO D 95 -13.73 40.21 -9.63
C PRO D 95 -15.16 40.46 -10.08
N PRO D 96 -16.15 40.12 -9.24
CA PRO D 96 -16.00 39.55 -7.90
C PRO D 96 -16.19 38.03 -7.83
N VAL D 97 -16.43 37.39 -8.98
CA VAL D 97 -16.68 35.95 -8.98
C VAL D 97 -15.44 35.21 -8.50
N GLN D 98 -15.61 34.37 -7.49
CA GLN D 98 -14.51 33.63 -6.87
C GLN D 98 -14.69 32.14 -7.06
N PHE D 99 -13.58 31.45 -7.28
CA PHE D 99 -13.56 29.99 -7.41
C PHE D 99 -12.79 29.42 -6.22
N PHE D 100 -13.44 28.50 -5.50
CA PHE D 100 -12.90 28.00 -4.23
C PHE D 100 -12.23 26.65 -4.42
N GLY D 101 -11.43 26.29 -3.42
CA GLY D 101 -10.74 25.03 -3.40
C GLY D 101 -11.46 24.00 -2.54
N PRO D 102 -10.91 22.79 -2.46
CA PRO D 102 -11.59 21.73 -1.71
C PRO D 102 -11.62 21.98 -0.20
N GLY D 103 -10.63 22.68 0.34
CA GLY D 103 -10.60 22.97 1.75
C GLY D 103 -9.55 22.14 2.48
N THR D 104 -9.25 22.59 3.70
CA THR D 104 -8.24 21.94 4.55
C THR D 104 -8.73 21.94 5.99
N ARG D 105 -8.91 20.76 6.57
CA ARG D 105 -9.31 20.64 7.96
C ARG D 105 -8.06 20.50 8.82
N LEU D 106 -7.77 21.54 9.61
CA LEU D 106 -6.62 21.58 10.49
C LEU D 106 -7.07 21.58 11.94
N THR D 107 -6.46 20.72 12.75
CA THR D 107 -6.72 20.66 14.18
C THR D 107 -5.43 20.90 14.95
N VAL D 108 -5.44 21.87 15.85
CA VAL D 108 -4.28 22.22 16.66
C VAL D 108 -4.54 21.71 18.08
N LEU D 109 -3.55 21.01 18.62
CA LEU D 109 -3.69 20.36 19.92
C LEU D 109 -2.45 20.66 20.78
N GLU D 110 -2.67 20.72 22.09
CA GLU D 110 -1.57 20.78 23.04
C GLU D 110 -1.11 19.40 23.47
N ASP D 111 -1.98 18.39 23.37
CA ASP D 111 -1.67 17.02 23.75
C ASP D 111 -2.00 16.10 22.59
N LEU D 112 -0.97 15.60 21.91
CA LEU D 112 -1.20 14.69 20.79
C LEU D 112 -1.77 13.35 21.23
N ASN D 113 -1.64 13.01 22.52
CA ASN D 113 -2.12 11.72 23.01
C ASN D 113 -3.64 11.60 22.94
N LYS D 114 -4.35 12.65 22.56
CA LYS D 114 -5.79 12.60 22.39
C LYS D 114 -6.19 12.19 20.97
N VAL D 115 -5.23 11.97 20.08
CA VAL D 115 -5.52 11.53 18.71
C VAL D 115 -5.67 10.03 18.71
N PHE D 116 -6.82 9.54 18.24
CA PHE D 116 -7.14 8.12 18.25
C PHE D 116 -7.65 7.69 16.88
N PRO D 117 -7.26 6.51 16.41
CA PRO D 117 -7.84 5.96 15.18
C PRO D 117 -9.22 5.39 15.46
N PRO D 118 -10.02 5.15 14.43
CA PRO D 118 -11.36 4.62 14.63
C PRO D 118 -11.39 3.10 14.72
N GLU D 119 -12.45 2.61 15.36
CA GLU D 119 -12.79 1.18 15.35
C GLU D 119 -14.06 0.99 14.54
N VAL D 120 -13.99 0.10 13.55
CA VAL D 120 -15.04 -0.06 12.55
C VAL D 120 -15.69 -1.43 12.73
N ALA D 121 -17.01 -1.47 12.72
CA ALA D 121 -17.77 -2.71 12.79
C ALA D 121 -18.98 -2.62 11.89
N VAL D 122 -19.28 -3.71 11.20
CA VAL D 122 -20.45 -3.81 10.32
C VAL D 122 -21.48 -4.70 10.99
N PHE D 123 -22.72 -4.24 11.02
CA PHE D 123 -23.83 -4.97 11.62
C PHE D 123 -24.73 -5.49 10.52
N GLU D 124 -24.93 -6.80 10.50
CA GLU D 124 -25.66 -7.44 9.42
C GLU D 124 -27.16 -7.15 9.54
N PRO D 125 -27.89 -7.16 8.44
CA PRO D 125 -29.34 -6.92 8.50
C PRO D 125 -30.05 -7.99 9.33
N SER D 126 -31.22 -7.64 9.82
CA SER D 126 -32.02 -8.56 10.62
C SER D 126 -33.03 -9.29 9.74
N GLU D 127 -33.33 -10.53 10.12
CA GLU D 127 -34.38 -11.28 9.43
C GLU D 127 -35.74 -10.65 9.61
N ALA D 128 -35.93 -9.82 10.65
CA ALA D 128 -37.18 -9.11 10.84
C ALA D 128 -37.42 -8.11 9.73
N GLU D 129 -36.38 -7.34 9.37
CA GLU D 129 -36.52 -6.39 8.27
C GLU D 129 -36.69 -7.09 6.94
N ILE D 130 -36.06 -8.26 6.77
CA ILE D 130 -36.15 -8.98 5.50
C ILE D 130 -37.55 -9.53 5.31
N SER D 131 -38.12 -10.14 6.35
CA SER D 131 -39.46 -10.71 6.24
C SER D 131 -40.51 -9.63 6.08
N HIS D 132 -40.31 -8.48 6.73
CA HIS D 132 -41.34 -7.45 6.79
C HIS D 132 -41.37 -6.61 5.52
N THR D 133 -40.22 -6.10 5.09
CA THR D 133 -40.15 -5.14 4.00
C THR D 133 -39.45 -5.65 2.75
N GLN D 134 -38.99 -6.91 2.74
CA GLN D 134 -38.20 -7.45 1.64
C GLN D 134 -36.99 -6.58 1.34
N LYS D 135 -36.40 -6.00 2.37
CA LYS D 135 -35.24 -5.14 2.25
C LYS D 135 -34.28 -5.44 3.39
N ALA D 136 -32.98 -5.33 3.10
CA ALA D 136 -31.93 -5.61 4.07
C ALA D 136 -31.06 -4.38 4.23
N THR D 137 -30.83 -3.99 5.49
CA THR D 137 -30.07 -2.78 5.80
C THR D 137 -28.83 -3.14 6.61
N LEU D 138 -27.66 -2.83 6.06
CA LEU D 138 -26.40 -2.94 6.79
C LEU D 138 -26.08 -1.61 7.46
N VAL D 139 -25.41 -1.68 8.60
CA VAL D 139 -25.07 -0.49 9.38
C VAL D 139 -23.59 -0.56 9.74
N CYS D 140 -22.87 0.53 9.50
CA CYS D 140 -21.47 0.65 9.86
C CYS D 140 -21.31 1.60 11.03
N LEU D 141 -20.34 1.31 11.90
CA LEU D 141 -20.13 2.08 13.12
C LEU D 141 -18.64 2.33 13.29
N ALA D 142 -18.22 3.58 13.12
CA ALA D 142 -16.84 4.01 13.35
C ALA D 142 -16.82 4.82 14.63
N THR D 143 -16.14 4.31 15.66
CA THR D 143 -16.21 4.90 16.99
C THR D 143 -14.81 5.18 17.53
N GLY D 144 -14.74 6.11 18.46
CA GLY D 144 -13.54 6.35 19.23
C GLY D 144 -12.39 6.99 18.49
N PHE D 145 -12.67 7.80 17.47
CA PHE D 145 -11.63 8.45 16.69
C PHE D 145 -11.58 9.94 16.99
N PHE D 146 -10.37 10.51 16.99
CA PHE D 146 -10.17 11.92 17.21
C PHE D 146 -8.95 12.35 16.39
N PRO D 147 -9.07 13.40 15.58
CA PRO D 147 -10.28 14.21 15.45
C PRO D 147 -11.27 13.63 14.46
N ASP D 148 -12.18 14.46 13.94
CA ASP D 148 -13.19 14.05 12.97
C ASP D 148 -12.65 14.02 11.53
N HIS D 149 -11.37 13.71 11.34
CA HIS D 149 -10.80 13.62 9.99
C HIS D 149 -10.99 12.18 9.49
N VAL D 150 -12.20 11.92 8.98
CA VAL D 150 -12.59 10.59 8.52
C VAL D 150 -13.36 10.69 7.22
N GLU D 151 -13.31 9.60 6.45
CA GLU D 151 -14.06 9.49 5.19
C GLU D 151 -14.59 8.07 5.10
N LEU D 152 -15.90 7.91 5.23
CA LEU D 152 -16.54 6.61 5.19
C LEU D 152 -17.08 6.32 3.80
N SER D 153 -16.86 5.09 3.33
CA SER D 153 -17.31 4.67 2.02
C SER D 153 -17.68 3.20 2.06
N TRP D 154 -18.63 2.81 1.22
CA TRP D 154 -19.10 1.43 1.14
C TRP D 154 -18.55 0.75 -0.11
N TRP D 155 -18.11 -0.49 0.04
CA TRP D 155 -17.56 -1.27 -1.06
C TRP D 155 -18.30 -2.61 -1.13
N VAL D 156 -18.78 -2.95 -2.32
CA VAL D 156 -19.49 -4.20 -2.56
C VAL D 156 -18.85 -4.89 -3.75
N ASN D 157 -18.35 -6.11 -3.55
CA ASN D 157 -17.73 -6.91 -4.60
C ASN D 157 -16.56 -6.17 -5.25
N GLY D 158 -15.78 -5.46 -4.44
CA GLY D 158 -14.60 -4.78 -4.91
C GLY D 158 -14.84 -3.42 -5.54
N LYS D 159 -16.08 -3.05 -5.81
CA LYS D 159 -16.40 -1.75 -6.40
C LYS D 159 -17.20 -0.92 -5.42
N GLU D 160 -16.94 0.39 -5.41
CA GLU D 160 -17.62 1.28 -4.50
C GLU D 160 -19.08 1.48 -4.91
N VAL D 161 -19.94 1.66 -3.91
CA VAL D 161 -21.38 1.78 -4.13
C VAL D 161 -21.89 3.05 -3.48
N HIS D 162 -22.96 3.60 -4.05
CA HIS D 162 -23.57 4.81 -3.54
C HIS D 162 -25.08 4.65 -3.39
N SER D 163 -25.68 3.80 -4.23
CA SER D 163 -27.11 3.54 -4.15
C SER D 163 -27.45 2.89 -2.81
N GLY D 164 -28.41 3.48 -2.09
CA GLY D 164 -28.80 2.98 -0.80
C GLY D 164 -27.90 3.39 0.35
N VAL D 165 -26.83 4.14 0.09
CA VAL D 165 -25.90 4.55 1.12
C VAL D 165 -26.43 5.82 1.80
N CYS D 166 -26.34 5.86 3.13
CA CYS D 166 -26.69 7.04 3.90
C CYS D 166 -25.72 7.16 5.06
N THR D 167 -24.95 8.24 5.08
CA THR D 167 -23.94 8.47 6.09
C THR D 167 -24.28 9.72 6.89
N ASP D 168 -23.96 9.71 8.17
CA ASP D 168 -24.26 10.85 9.02
C ASP D 168 -23.50 12.08 8.52
N PRO D 169 -24.12 13.26 8.56
CA PRO D 169 -23.46 14.46 8.05
C PRO D 169 -22.27 14.88 8.90
N GLN D 170 -22.45 14.91 10.21
CA GLN D 170 -21.40 15.27 11.14
C GLN D 170 -21.24 14.16 12.17
N PRO D 171 -20.03 14.00 12.71
CA PRO D 171 -19.82 12.96 13.73
C PRO D 171 -20.58 13.25 15.01
N LEU D 172 -20.49 12.28 15.92
CA LEU D 172 -21.21 12.30 17.18
C LEU D 172 -20.18 12.23 18.31
N LYS D 173 -20.19 13.24 19.18
CA LYS D 173 -19.28 13.25 20.32
C LYS D 173 -19.68 12.18 21.33
N GLU D 174 -18.72 11.32 21.69
CA GLU D 174 -19.02 10.22 22.61
C GLU D 174 -19.29 10.75 24.03
N GLN D 175 -18.46 11.68 24.50
CA GLN D 175 -18.61 12.32 25.80
C GLN D 175 -18.70 13.82 25.57
N PRO D 176 -19.88 14.33 25.25
CA PRO D 176 -20.00 15.77 24.94
C PRO D 176 -19.62 16.68 26.10
N ALA D 177 -19.73 16.20 27.35
CA ALA D 177 -19.28 16.96 28.50
C ALA D 177 -17.77 16.91 28.70
N LEU D 178 -17.04 16.22 27.82
CA LEU D 178 -15.59 16.08 27.91
C LEU D 178 -14.93 16.91 26.81
N ASN D 179 -13.88 17.64 27.18
CA ASN D 179 -13.19 18.48 26.22
C ASN D 179 -12.37 17.63 25.27
N ASP D 180 -12.45 17.94 23.97
CA ASP D 180 -11.77 17.19 22.92
C ASP D 180 -12.15 15.72 22.97
N SER D 181 -13.46 15.46 22.99
CA SER D 181 -13.97 14.10 23.08
C SER D 181 -13.78 13.36 21.76
N ARG D 182 -13.61 12.04 21.87
CA ARG D 182 -13.53 11.20 20.69
C ARG D 182 -14.91 11.14 20.01
N TYR D 183 -14.88 10.92 18.69
CA TYR D 183 -16.09 10.99 17.89
C TYR D 183 -16.53 9.60 17.44
N ALA D 184 -17.79 9.51 17.03
CA ALA D 184 -18.37 8.30 16.48
C ALA D 184 -19.20 8.65 15.27
N LEU D 185 -19.11 7.82 14.22
CA LEU D 185 -19.80 8.06 12.97
C LEU D 185 -20.55 6.81 12.53
N SER D 186 -21.75 7.00 12.01
CA SER D 186 -22.60 5.91 11.56
C SER D 186 -22.93 6.07 10.08
N SER D 187 -23.20 4.95 9.43
CA SER D 187 -23.64 4.93 8.05
C SER D 187 -24.48 3.68 7.82
N ARG D 188 -25.29 3.71 6.76
CA ARG D 188 -26.18 2.60 6.44
C ARG D 188 -26.09 2.28 4.96
N LEU D 189 -26.17 0.99 4.63
CA LEU D 189 -26.27 0.51 3.27
C LEU D 189 -27.51 -0.39 3.18
N ARG D 190 -28.43 -0.04 2.29
CA ARG D 190 -29.69 -0.75 2.16
C ARG D 190 -29.75 -1.42 0.80
N VAL D 191 -29.80 -2.76 0.80
CA VAL D 191 -29.92 -3.56 -0.41
C VAL D 191 -31.25 -4.30 -0.37
N SER D 192 -31.63 -4.87 -1.51
CA SER D 192 -32.86 -5.64 -1.57
C SER D 192 -32.69 -6.95 -0.81
N ALA D 193 -33.82 -7.62 -0.57
CA ALA D 193 -33.78 -8.89 0.15
C ALA D 193 -33.02 -9.95 -0.64
N THR D 194 -33.39 -10.14 -1.91
CA THR D 194 -32.78 -11.18 -2.73
C THR D 194 -31.29 -10.92 -2.93
N PHE D 195 -30.86 -9.66 -2.87
CA PHE D 195 -29.44 -9.35 -3.02
C PHE D 195 -28.65 -9.81 -1.81
N TRP D 196 -29.15 -9.51 -0.60
CA TRP D 196 -28.46 -9.93 0.61
C TRP D 196 -28.53 -11.43 0.81
N GLN D 197 -29.63 -12.07 0.36
CA GLN D 197 -29.77 -13.51 0.48
C GLN D 197 -28.80 -14.28 -0.42
N ASN D 198 -28.00 -13.58 -1.23
CA ASN D 198 -27.00 -14.24 -2.05
C ASN D 198 -25.67 -14.26 -1.29
N PRO D 199 -25.15 -15.42 -0.91
CA PRO D 199 -23.94 -15.45 -0.07
C PRO D 199 -22.66 -15.07 -0.80
N ARG D 200 -22.72 -14.81 -2.11
CA ARG D 200 -21.53 -14.49 -2.89
C ARG D 200 -21.21 -13.01 -2.91
N ASN D 201 -22.11 -12.15 -2.44
CA ASN D 201 -21.86 -10.72 -2.42
C ASN D 201 -21.05 -10.35 -1.18
N HIS D 202 -19.96 -9.63 -1.39
CA HIS D 202 -19.01 -9.27 -0.34
C HIS D 202 -19.16 -7.80 -0.01
N PHE D 203 -19.68 -7.51 1.17
CA PHE D 203 -19.87 -6.14 1.63
C PHE D 203 -18.68 -5.71 2.49
N ARG D 204 -18.43 -4.41 2.52
CA ARG D 204 -17.28 -3.88 3.25
C ARG D 204 -17.46 -2.39 3.47
N CYS D 205 -17.35 -1.97 4.74
CA CYS D 205 -17.38 -0.56 5.11
C CYS D 205 -15.95 -0.09 5.35
N GLN D 206 -15.53 0.90 4.58
CA GLN D 206 -14.15 1.41 4.65
C GLN D 206 -14.15 2.80 5.24
N VAL D 207 -13.29 3.04 6.22
CA VAL D 207 -13.18 4.32 6.91
C VAL D 207 -11.74 4.79 6.80
N GLN D 208 -11.51 5.84 6.01
CA GLN D 208 -10.20 6.45 5.87
C GLN D 208 -9.99 7.47 6.98
N PHE D 209 -8.96 7.27 7.79
CA PHE D 209 -8.66 8.15 8.92
C PHE D 209 -7.35 8.88 8.66
N TYR D 210 -7.36 10.19 8.84
CA TYR D 210 -6.19 11.04 8.65
C TYR D 210 -5.69 11.46 10.02
N GLY D 211 -4.54 10.93 10.42
CA GLY D 211 -3.97 11.23 11.72
C GLY D 211 -2.59 11.85 11.64
N LEU D 212 -1.66 11.35 12.44
CA LEU D 212 -0.30 11.88 12.46
C LEU D 212 0.53 11.28 11.32
N SER D 213 1.69 11.87 11.10
CA SER D 213 2.64 11.37 10.11
C SER D 213 3.71 10.52 10.79
N GLU D 214 4.48 9.82 9.95
CA GLU D 214 5.58 9.01 10.49
C GLU D 214 6.67 9.88 11.08
N ASN D 215 6.79 11.13 10.63
CA ASN D 215 7.81 12.04 11.12
C ASN D 215 7.50 12.59 12.51
N ASP D 216 6.25 12.46 12.96
CA ASP D 216 5.91 12.89 14.31
C ASP D 216 6.53 11.95 15.34
N GLU D 217 6.52 12.38 16.60
CA GLU D 217 7.11 11.64 17.70
C GLU D 217 6.02 11.12 18.62
N TRP D 218 5.92 9.80 18.74
CA TRP D 218 4.96 9.16 19.62
C TRP D 218 5.68 8.62 20.85
N THR D 219 5.35 9.17 22.03
CA THR D 219 5.97 8.77 23.28
C THR D 219 5.15 7.75 24.06
N GLN D 220 3.85 7.64 23.79
CA GLN D 220 3.00 6.68 24.50
C GLN D 220 3.26 5.27 24.00
N ASP D 221 2.64 4.28 24.67
CA ASP D 221 2.73 2.89 24.26
C ASP D 221 1.70 2.51 23.21
N ARG D 222 0.53 3.16 23.22
CA ARG D 222 -0.47 2.96 22.19
C ARG D 222 0.14 3.15 20.81
N ALA D 223 -0.25 2.30 19.88
CA ALA D 223 0.26 2.37 18.51
C ALA D 223 0.06 3.77 17.94
N LYS D 224 1.09 4.26 17.25
CA LYS D 224 1.11 5.63 16.76
C LYS D 224 -0.13 5.90 15.92
N PRO D 225 -0.96 6.89 16.27
CA PRO D 225 -2.21 7.11 15.53
C PRO D 225 -1.93 7.71 14.16
N VAL D 226 -1.39 6.91 13.25
CA VAL D 226 -0.98 7.41 11.95
C VAL D 226 -2.20 7.51 11.03
N THR D 227 -1.99 8.09 9.84
CA THR D 227 -3.02 8.09 8.80
C THR D 227 -3.19 6.67 8.28
N GLN D 228 -4.32 6.04 8.58
CA GLN D 228 -4.53 4.64 8.25
C GLN D 228 -5.97 4.43 7.82
N ILE D 229 -6.25 3.23 7.35
CA ILE D 229 -7.57 2.84 6.87
C ILE D 229 -8.04 1.65 7.70
N VAL D 230 -9.13 1.84 8.44
CA VAL D 230 -9.74 0.79 9.24
C VAL D 230 -11.08 0.44 8.62
N SER D 231 -11.36 -0.86 8.49
CA SER D 231 -12.54 -1.31 7.79
C SER D 231 -13.11 -2.56 8.46
N ALA D 232 -14.34 -2.89 8.10
CA ALA D 232 -15.03 -4.08 8.59
C ALA D 232 -15.79 -4.71 7.43
N GLU D 233 -15.86 -6.04 7.44
CA GLU D 233 -16.39 -6.80 6.31
C GLU D 233 -17.64 -7.57 6.70
N ALA D 234 -18.37 -8.00 5.68
CA ALA D 234 -19.60 -8.78 5.87
C ALA D 234 -19.91 -9.51 4.58
N TRP D 235 -20.58 -10.66 4.71
CA TRP D 235 -20.95 -11.48 3.57
C TRP D 235 -22.44 -11.81 3.65
N GLY D 236 -23.05 -12.00 2.47
CA GLY D 236 -24.45 -12.34 2.43
C GLY D 236 -24.74 -13.71 3.02
N ARG D 237 -25.96 -13.90 3.47
CA ARG D 237 -26.39 -15.18 4.00
C ARG D 237 -27.71 -15.57 3.37
N ALA D 238 -27.86 -16.88 3.12
CA ALA D 238 -29.13 -17.39 2.59
C ALA D 238 -30.27 -17.16 3.56
N ASP D 239 -29.98 -17.21 4.86
CA ASP D 239 -30.99 -16.95 5.88
C ASP D 239 -30.31 -16.63 7.21
N GLN E 2 41.01 18.30 1.46
CA GLN E 2 40.04 19.14 0.79
C GLN E 2 39.38 20.12 1.77
N GLN E 3 39.27 21.37 1.35
CA GLN E 3 38.69 22.42 2.18
C GLN E 3 37.59 23.14 1.42
N LEU E 4 36.60 23.63 2.16
CA LEU E 4 35.45 24.34 1.61
C LEU E 4 35.40 25.74 2.21
N ASN E 5 35.46 26.75 1.35
CA ASN E 5 35.46 28.15 1.78
C ASN E 5 34.11 28.78 1.53
N GLN E 6 33.58 29.45 2.54
CA GLN E 6 32.26 30.08 2.50
C GLN E 6 32.39 31.57 2.77
N SER E 7 31.65 32.37 2.01
CA SER E 7 31.66 33.81 2.15
C SER E 7 30.26 34.34 1.90
N PRO E 8 29.82 35.36 2.66
CA PRO E 8 30.57 36.04 3.73
C PRO E 8 30.63 35.19 5.00
N GLN E 9 31.47 35.58 5.95
CA GLN E 9 31.53 34.86 7.23
C GLN E 9 30.25 35.06 8.03
N SER E 10 29.74 36.28 8.08
CA SER E 10 28.50 36.59 8.77
C SER E 10 27.73 37.64 7.97
N MET E 11 26.43 37.70 8.21
CA MET E 11 25.57 38.64 7.49
C MET E 11 24.58 39.27 8.46
N PHE E 12 24.45 40.59 8.36
CA PHE E 12 23.56 41.39 9.22
C PHE E 12 22.77 42.30 8.28
N ILE E 13 21.66 41.78 7.76
CA ILE E 13 20.90 42.48 6.73
C ILE E 13 19.52 42.85 7.22
N GLN E 14 18.73 43.48 6.34
CA GLN E 14 17.44 44.04 6.67
C GLN E 14 16.32 43.21 6.08
N GLU E 15 15.16 43.22 6.76
CA GLU E 15 14.01 42.46 6.30
C GLU E 15 13.56 42.94 4.93
N GLY E 16 13.34 42.00 4.02
CA GLY E 16 12.95 42.28 2.67
C GLY E 16 14.06 42.17 1.65
N GLU E 17 15.31 42.26 2.08
CA GLU E 17 16.44 42.18 1.16
C GLU E 17 16.70 40.74 0.74
N ASP E 18 17.24 40.59 -0.47
CA ASP E 18 17.63 39.28 -0.97
C ASP E 18 19.01 38.91 -0.45
N VAL E 19 19.19 37.64 -0.09
CA VAL E 19 20.42 37.14 0.51
C VAL E 19 21.14 36.26 -0.51
N SER E 20 22.47 36.38 -0.55
CA SER E 20 23.29 35.66 -1.52
C SER E 20 24.47 35.04 -0.78
N MET E 21 24.62 33.72 -0.90
CA MET E 21 25.62 32.97 -0.15
C MET E 21 26.57 32.26 -1.10
N ASN E 22 27.86 32.35 -0.82
CA ASN E 22 28.90 31.78 -1.67
C ASN E 22 29.59 30.61 -0.97
N CYS E 23 30.05 29.66 -1.77
CA CYS E 23 30.72 28.46 -1.26
C CYS E 23 31.61 27.93 -2.37
N THR E 24 32.93 28.03 -2.20
CA THR E 24 33.89 27.64 -3.22
C THR E 24 34.87 26.62 -2.64
N SER E 25 35.51 25.89 -3.55
CA SER E 25 36.52 24.90 -3.18
C SER E 25 37.56 24.82 -4.28
N SER E 26 38.77 24.39 -3.90
CA SER E 26 39.85 24.21 -4.86
C SER E 26 39.84 22.81 -5.49
N SER E 27 39.07 21.88 -4.94
CA SER E 27 38.87 20.57 -5.53
C SER E 27 37.43 20.42 -5.96
N ILE E 28 37.18 19.46 -6.86
CA ILE E 28 35.86 19.26 -7.44
C ILE E 28 35.02 18.38 -6.53
N PHE E 29 33.72 18.70 -6.47
CA PHE E 29 32.73 17.92 -5.74
C PHE E 29 31.59 17.61 -6.68
N ASN E 30 31.08 16.37 -6.61
CA ASN E 30 30.02 15.95 -7.51
C ASN E 30 28.62 16.09 -6.91
N THR E 31 28.52 16.39 -5.62
CA THR E 31 27.23 16.68 -4.99
C THR E 31 27.45 17.76 -3.94
N TRP E 32 26.57 18.76 -3.92
CA TRP E 32 26.64 19.84 -2.96
C TRP E 32 25.35 19.90 -2.16
N LEU E 33 25.47 20.14 -0.86
CA LEU E 33 24.32 20.23 0.02
C LEU E 33 24.40 21.51 0.84
N TRP E 34 23.23 22.03 1.19
CA TRP E 34 23.12 23.22 2.03
C TRP E 34 22.28 22.91 3.26
N TYR E 35 22.81 23.24 4.43
CA TYR E 35 22.15 23.00 5.70
C TYR E 35 21.88 24.33 6.42
N LYS E 36 20.87 24.31 7.30
CA LYS E 36 20.54 25.45 8.14
C LYS E 36 20.55 25.00 9.59
N GLN E 37 21.38 25.63 10.41
CA GLN E 37 21.42 25.34 11.85
C GLN E 37 20.70 26.48 12.56
N GLU E 38 19.42 26.26 12.85
CA GLU E 38 18.65 27.25 13.58
C GLU E 38 19.15 27.32 15.03
N PRO E 39 19.04 28.49 15.67
CA PRO E 39 19.61 28.65 17.02
C PRO E 39 18.99 27.68 18.02
N GLY E 40 19.85 26.95 18.72
CA GLY E 40 19.43 25.97 19.69
C GLY E 40 19.25 24.55 19.14
N GLU E 41 19.03 24.42 17.83
CA GLU E 41 18.85 23.13 17.19
C GLU E 41 20.14 22.70 16.51
N GLY E 42 20.07 21.61 15.76
CA GLY E 42 21.17 21.16 14.95
C GLY E 42 20.96 21.47 13.49
N PRO E 43 21.95 21.17 12.65
CA PRO E 43 21.80 21.43 11.22
C PRO E 43 20.70 20.59 10.60
N VAL E 44 19.93 21.20 9.72
CA VAL E 44 18.84 20.54 9.00
C VAL E 44 19.01 20.81 7.52
N LEU E 45 18.82 19.77 6.70
CA LEU E 45 19.04 19.89 5.27
C LEU E 45 18.04 20.87 4.65
N LEU E 46 18.56 21.78 3.82
CA LEU E 46 17.70 22.69 3.07
C LEU E 46 17.45 22.14 1.66
N ILE E 47 18.52 21.85 0.92
CA ILE E 47 18.41 21.38 -0.45
C ILE E 47 19.68 20.63 -0.80
N ALA E 48 19.52 19.53 -1.53
CA ALA E 48 20.63 18.71 -2.00
C ALA E 48 20.78 18.90 -3.51
N LEU E 49 22.01 19.18 -3.94
CA LEU E 49 22.34 19.38 -5.34
C LEU E 49 23.14 18.19 -5.83
N TYR E 50 22.62 17.49 -6.84
CA TYR E 50 23.24 16.25 -7.31
C TYR E 50 23.89 16.38 -8.67
N LYS E 51 23.28 17.12 -9.61
CA LYS E 51 23.82 17.25 -10.96
C LYS E 51 24.45 18.62 -11.15
N ALA E 52 25.57 18.67 -11.84
CA ALA E 52 26.21 19.93 -12.16
C ALA E 52 25.31 20.79 -13.04
N GLY E 53 25.28 22.08 -12.76
CA GLY E 53 24.38 22.98 -13.46
C GLY E 53 22.96 22.97 -12.95
N GLU E 54 22.68 22.24 -11.88
CA GLU E 54 21.33 22.13 -11.34
C GLU E 54 20.88 23.45 -10.74
N LEU E 55 19.60 23.73 -10.87
CA LEU E 55 18.98 24.92 -10.27
C LEU E 55 17.68 24.48 -9.63
N THR E 56 17.63 24.50 -8.29
CA THR E 56 16.43 24.11 -7.56
C THR E 56 16.05 25.22 -6.58
N SER E 57 14.75 25.49 -6.50
CA SER E 57 14.21 26.53 -5.63
C SER E 57 13.13 25.92 -4.76
N ASN E 58 13.40 25.86 -3.45
CA ASN E 58 12.45 25.34 -2.46
C ASN E 58 11.90 26.52 -1.67
N GLY E 59 10.67 26.92 -2.00
CA GLY E 59 10.10 28.09 -1.35
C GLY E 59 10.81 29.35 -1.80
N ARG E 60 11.25 30.15 -0.83
CA ARG E 60 12.02 31.35 -1.13
C ARG E 60 13.50 31.07 -1.31
N LEU E 61 13.94 29.83 -1.11
CA LEU E 61 15.34 29.48 -1.32
C LEU E 61 15.63 29.26 -2.80
N THR E 62 16.91 29.35 -3.14
CA THR E 62 17.38 29.06 -4.49
C THR E 62 18.85 28.69 -4.42
N ALA E 63 19.17 27.45 -4.76
CA ALA E 63 20.54 26.97 -4.78
C ALA E 63 20.89 26.48 -6.18
N GLN E 64 22.17 26.60 -6.54
CA GLN E 64 22.60 26.14 -7.85
C GLN E 64 23.93 25.40 -7.71
N PHE E 65 24.12 24.44 -8.61
CA PHE E 65 25.34 23.65 -8.70
C PHE E 65 26.22 24.26 -9.77
N GLY E 66 27.38 24.78 -9.38
CA GLY E 66 28.28 25.38 -10.35
C GLY E 66 28.79 24.36 -11.34
N ILE E 67 28.80 24.74 -12.61
CA ILE E 67 29.22 23.80 -13.66
C ILE E 67 30.71 23.52 -13.60
N THR E 68 31.49 24.37 -12.93
CA THR E 68 32.89 24.07 -12.69
C THR E 68 33.08 22.99 -11.63
N ARG E 69 32.00 22.55 -10.98
CA ARG E 69 32.01 21.57 -9.90
C ARG E 69 32.88 22.02 -8.72
N LYS E 70 33.16 23.32 -8.63
CA LYS E 70 33.94 23.87 -7.53
C LYS E 70 33.24 25.02 -6.83
N ASP E 71 32.04 25.39 -7.26
CA ASP E 71 31.31 26.52 -6.70
C ASP E 71 29.86 26.13 -6.46
N SER E 72 29.26 26.73 -5.43
CA SER E 72 27.84 26.58 -5.17
C SER E 72 27.34 27.83 -4.46
N PHE E 73 26.10 28.20 -4.76
CA PHE E 73 25.51 29.42 -4.23
C PHE E 73 24.13 29.13 -3.68
N LEU E 74 23.74 29.89 -2.66
CA LEU E 74 22.43 29.78 -2.04
C LEU E 74 21.82 31.17 -1.97
N ASN E 75 20.56 31.30 -2.39
CA ASN E 75 19.86 32.58 -2.41
C ASN E 75 18.62 32.51 -1.54
N ILE E 76 18.36 33.60 -0.82
CA ILE E 76 17.15 33.75 -0.02
C ILE E 76 16.45 35.02 -0.49
N SER E 77 15.26 34.86 -1.09
CA SER E 77 14.51 36.00 -1.59
C SER E 77 13.52 36.48 -0.53
N ALA E 78 13.45 37.80 -0.36
CA ALA E 78 12.57 38.42 0.62
C ALA E 78 12.83 37.84 2.02
N SER E 79 14.00 38.18 2.54
CA SER E 79 14.46 37.60 3.80
C SER E 79 13.60 38.10 4.96
N ILE E 80 13.50 37.26 5.98
CA ILE E 80 12.73 37.57 7.17
C ILE E 80 13.55 37.18 8.39
N PRO E 81 13.28 37.80 9.55
CA PRO E 81 14.02 37.41 10.77
C PRO E 81 13.89 35.93 11.11
N SER E 82 12.90 35.23 10.58
CA SER E 82 12.79 33.79 10.79
C SER E 82 13.98 33.05 10.20
N ASP E 83 14.66 33.65 9.21
CA ASP E 83 15.78 32.98 8.55
C ASP E 83 17.05 32.98 9.38
N VAL E 84 16.99 33.42 10.65
CA VAL E 84 18.19 33.47 11.48
C VAL E 84 18.76 32.08 11.65
N GLY E 85 20.07 31.98 11.66
CA GLY E 85 20.75 30.71 11.83
C GLY E 85 22.07 30.70 11.09
N ILE E 86 22.74 29.56 11.16
CA ILE E 86 24.01 29.35 10.48
C ILE E 86 23.76 28.44 9.28
N TYR E 87 24.22 28.88 8.12
CA TYR E 87 24.02 28.16 6.87
C TYR E 87 25.30 27.46 6.46
N PHE E 88 25.24 26.15 6.26
CA PHE E 88 26.40 25.34 5.91
C PHE E 88 26.25 24.81 4.50
N CYS E 89 27.33 24.89 3.72
CA CYS E 89 27.42 24.17 2.46
C CYS E 89 28.27 22.93 2.68
N ALA E 90 27.90 21.84 2.01
CA ALA E 90 28.57 20.56 2.18
C ALA E 90 28.84 19.94 0.83
N GLY E 91 30.02 19.33 0.70
CA GLY E 91 30.36 18.56 -0.47
C GLY E 91 30.68 17.13 -0.11
N GLN E 92 30.07 16.17 -0.80
CA GLN E 92 30.34 14.77 -0.53
C GLN E 92 31.77 14.43 -0.93
N ASP E 93 32.54 13.90 0.02
CA ASP E 93 33.93 13.55 -0.24
C ASP E 93 34.00 12.52 -1.37
N VAL E 94 34.77 12.86 -2.41
CA VAL E 94 34.77 12.05 -3.61
C VAL E 94 35.44 10.70 -3.37
N GLY E 95 35.06 9.72 -4.19
CA GLY E 95 35.60 8.37 -4.09
C GLY E 95 34.69 7.44 -3.32
N ASN E 96 34.67 6.16 -3.71
CA ASN E 96 33.84 5.19 -3.01
C ASN E 96 34.24 5.11 -1.54
N THR E 97 35.54 5.13 -1.27
CA THR E 97 36.03 5.32 0.09
C THR E 97 35.84 6.79 0.48
N ASN E 98 35.40 6.98 1.72
CA ASN E 98 35.00 8.28 2.27
C ASN E 98 33.78 8.85 1.57
N ALA E 99 32.95 8.00 0.96
CA ALA E 99 31.77 8.51 0.25
C ALA E 99 30.67 8.92 1.21
N GLY E 100 30.43 8.13 2.27
CA GLY E 100 29.44 8.50 3.26
C GLY E 100 29.77 9.79 3.99
N LYS E 101 31.04 10.20 3.98
CA LYS E 101 31.44 11.43 4.62
C LYS E 101 31.12 12.64 3.73
N SER E 102 31.17 13.81 4.35
CA SER E 102 30.97 15.07 3.62
C SER E 102 31.84 16.14 4.25
N THR E 103 32.44 16.99 3.41
CA THR E 103 33.20 18.12 3.87
C THR E 103 32.26 19.33 4.02
N PHE E 104 32.34 20.00 5.15
CA PHE E 104 31.50 21.16 5.44
C PHE E 104 32.35 22.42 5.49
N GLY E 105 31.76 23.53 5.07
CA GLY E 105 32.39 24.83 5.23
C GLY E 105 32.25 25.33 6.66
N ASP E 106 32.97 26.43 6.94
CA ASP E 106 32.89 27.02 8.27
C ASP E 106 31.54 27.66 8.55
N GLY E 107 30.66 27.75 7.56
CA GLY E 107 29.34 28.29 7.75
C GLY E 107 29.28 29.81 7.60
N THR E 108 28.05 30.31 7.46
CA THR E 108 27.79 31.74 7.41
C THR E 108 26.61 32.05 8.31
N THR E 109 26.81 32.94 9.27
CA THR E 109 25.78 33.30 10.23
C THR E 109 24.90 34.40 9.64
N LEU E 110 23.60 34.19 9.65
CA LEU E 110 22.63 35.13 9.10
C LEU E 110 21.84 35.76 10.23
N THR E 111 21.79 37.10 10.24
CA THR E 111 21.00 37.86 11.19
C THR E 111 20.22 38.91 10.41
N VAL E 112 18.90 38.95 10.62
CA VAL E 112 18.01 39.81 9.85
C VAL E 112 17.43 40.85 10.79
N LYS E 113 17.76 42.13 10.54
CA LYS E 113 17.13 43.20 11.29
C LYS E 113 15.67 43.35 10.85
N PRO E 114 14.77 43.70 11.76
CA PRO E 114 13.37 43.88 11.35
C PRO E 114 13.20 45.18 10.58
N ASN E 115 12.00 45.35 10.05
CA ASN E 115 11.62 46.56 9.31
C ASN E 115 10.48 47.21 10.10
N ILE E 116 10.85 48.13 11.01
CA ILE E 116 9.87 48.76 11.87
C ILE E 116 9.26 49.95 11.13
N GLN E 117 7.97 49.87 10.83
CA GLN E 117 7.31 50.95 10.09
C GLN E 117 6.99 52.14 11.00
N ASN E 118 6.56 51.86 12.24
CA ASN E 118 6.20 52.89 13.20
C ASN E 118 7.07 52.72 14.44
N PRO E 119 8.33 53.17 14.38
CA PRO E 119 9.20 53.02 15.55
C PRO E 119 8.92 54.08 16.59
N ASP E 120 8.91 53.66 17.85
CA ASP E 120 8.58 54.53 18.99
C ASP E 120 9.64 54.38 20.07
N PRO E 121 10.88 54.77 19.77
CA PRO E 121 11.99 54.45 20.68
C PRO E 121 11.80 55.08 22.06
N ALA E 122 12.08 54.29 23.08
CA ALA E 122 11.87 54.74 24.46
C ALA E 122 12.77 53.96 25.40
N VAL E 123 13.00 54.55 26.57
CA VAL E 123 13.79 53.93 27.63
C VAL E 123 12.94 53.91 28.89
N TYR E 124 12.60 52.72 29.36
CA TYR E 124 11.73 52.55 30.53
C TYR E 124 12.52 51.99 31.70
N GLN E 125 11.98 52.21 32.90
CA GLN E 125 12.52 51.64 34.12
C GLN E 125 11.47 50.70 34.72
N LEU E 126 11.89 49.47 35.03
CA LEU E 126 11.00 48.43 35.51
C LEU E 126 11.43 48.03 36.92
N ARG E 127 10.45 47.96 37.83
CA ARG E 127 10.71 47.57 39.21
C ARG E 127 10.44 46.08 39.40
N ASP E 128 11.08 45.51 40.43
CA ASP E 128 10.94 44.09 40.71
C ASP E 128 9.55 43.78 41.24
N SER E 129 9.01 42.64 40.81
CA SER E 129 7.72 42.18 41.35
C SER E 129 7.83 41.83 42.82
N LYS E 130 9.01 41.46 43.29
CA LYS E 130 9.26 41.27 44.70
C LYS E 130 9.65 42.60 45.36
N SER E 131 9.59 42.62 46.69
CA SER E 131 9.91 43.81 47.46
C SER E 131 11.42 44.01 47.46
N SER E 132 11.91 44.69 46.41
CA SER E 132 13.33 44.99 46.30
C SER E 132 13.50 46.35 45.64
N ASP E 133 14.65 46.97 45.90
CA ASP E 133 15.04 48.19 45.23
C ASP E 133 15.76 47.93 43.91
N LYS E 134 15.78 46.68 43.45
CA LYS E 134 16.40 46.35 42.19
C LYS E 134 15.52 46.81 41.03
N SER E 135 16.16 47.10 39.89
CA SER E 135 15.44 47.61 38.74
C SER E 135 16.29 47.40 37.49
N VAL E 136 15.61 47.37 36.34
CA VAL E 136 16.25 47.22 35.04
C VAL E 136 15.76 48.33 34.13
N CYS E 137 16.61 48.69 33.16
CA CYS E 137 16.26 49.68 32.14
C CYS E 137 16.04 48.96 30.82
N LEU E 138 14.96 49.32 30.11
CA LEU E 138 14.59 48.69 28.85
C LEU E 138 14.60 49.75 27.75
N PHE E 139 15.70 49.79 26.98
CA PHE E 139 15.74 50.55 25.74
C PHE E 139 15.05 49.71 24.66
N THR E 140 13.92 50.19 24.16
CA THR E 140 13.06 49.40 23.29
C THR E 140 12.50 50.26 22.17
N ASP E 141 11.86 49.59 21.20
CA ASP E 141 11.13 50.22 20.09
C ASP E 141 12.00 51.12 19.24
N PHE E 142 13.32 50.90 19.26
CA PHE E 142 14.22 51.72 18.46
C PHE E 142 14.35 51.14 17.05
N ASP E 143 14.66 52.02 16.10
CA ASP E 143 14.77 51.62 14.71
C ASP E 143 15.91 50.62 14.52
N SER E 144 15.78 49.76 13.52
CA SER E 144 16.80 48.76 13.24
C SER E 144 18.12 49.38 12.80
N GLN E 145 18.10 50.64 12.37
CA GLN E 145 19.34 51.30 11.99
C GLN E 145 20.20 51.64 13.21
N THR E 146 19.56 52.05 14.30
CA THR E 146 20.29 52.37 15.52
C THR E 146 20.88 51.10 16.14
N ASN E 147 22.18 51.12 16.41
CA ASN E 147 22.90 49.98 16.95
C ASN E 147 23.18 50.20 18.43
N VAL E 148 22.77 49.25 19.26
CA VAL E 148 23.03 49.31 20.69
C VAL E 148 24.48 48.91 20.94
N SER E 149 25.22 49.78 21.61
CA SER E 149 26.62 49.54 21.92
C SER E 149 26.77 48.95 23.31
N GLN E 150 27.82 48.16 23.50
CA GLN E 150 28.10 47.56 24.80
C GLN E 150 28.58 48.63 25.78
N SER E 151 28.60 48.28 27.06
CA SER E 151 29.02 49.20 28.10
C SER E 151 30.54 49.13 28.29
N LYS E 152 31.10 50.24 28.78
CA LYS E 152 32.51 50.30 29.10
C LYS E 152 32.80 50.38 30.59
N ASP E 153 31.80 50.69 31.41
CA ASP E 153 31.96 50.78 32.86
C ASP E 153 31.58 49.46 33.50
N SER E 154 32.34 49.06 34.52
CA SER E 154 32.03 47.83 35.25
C SER E 154 30.75 48.02 36.05
N ASP E 155 30.15 46.89 36.43
CA ASP E 155 28.89 46.82 37.16
C ASP E 155 27.73 47.44 36.40
N VAL E 156 27.90 47.73 35.12
CA VAL E 156 26.85 48.28 34.26
C VAL E 156 26.71 47.31 33.10
N TYR E 157 25.65 46.50 33.11
CA TYR E 157 25.44 45.45 32.14
C TYR E 157 24.38 45.87 31.13
N ILE E 158 24.72 45.80 29.84
CA ILE E 158 23.79 46.11 28.76
C ILE E 158 23.77 44.92 27.82
N THR E 159 22.59 44.33 27.63
CA THR E 159 22.46 43.23 26.70
C THR E 159 22.27 43.75 25.28
N ASP E 160 22.57 42.88 24.31
CA ASP E 160 22.38 43.24 22.92
C ASP E 160 20.89 43.24 22.58
N LYS E 161 20.57 43.85 21.44
CA LYS E 161 19.16 43.98 21.05
C LYS E 161 18.55 42.62 20.73
N CYS E 162 17.28 42.48 21.09
CA CYS E 162 16.50 41.27 20.83
C CYS E 162 15.36 41.61 19.88
N VAL E 163 15.15 40.75 18.89
CA VAL E 163 14.17 40.99 17.82
C VAL E 163 12.87 40.27 18.19
N LEU E 164 11.82 41.04 18.43
CA LEU E 164 10.51 40.51 18.81
C LEU E 164 9.57 40.61 17.62
N ASP E 165 9.84 39.84 16.58
CA ASP E 165 9.12 39.94 15.31
C ASP E 165 7.83 39.11 15.33
N MET E 166 6.92 39.51 16.21
CA MET E 166 5.58 38.93 16.24
C MET E 166 4.81 39.44 15.02
N ARG E 167 4.50 38.53 14.11
CA ARG E 167 3.85 38.89 12.84
C ARG E 167 2.72 37.94 12.49
N ASP E 170 2.26 42.40 12.10
CA ASP E 170 1.64 42.63 13.40
C ASP E 170 2.41 43.68 14.21
N PHE E 171 3.47 43.25 14.89
CA PHE E 171 4.25 44.16 15.73
C PHE E 171 5.64 43.58 15.95
N LYS E 172 6.66 44.26 15.45
CA LYS E 172 8.06 43.93 15.73
C LYS E 172 8.63 44.96 16.69
N SER E 173 9.61 44.53 17.49
CA SER E 173 10.15 45.39 18.54
C SER E 173 11.60 45.00 18.82
N ASN E 174 12.53 45.90 18.53
CA ASN E 174 13.90 45.76 19.00
C ASN E 174 13.99 46.30 20.42
N SER E 175 14.52 45.49 21.33
CA SER E 175 14.58 45.86 22.73
C SER E 175 15.88 45.39 23.35
N ALA E 176 16.45 46.23 24.22
CA ALA E 176 17.66 45.91 24.94
C ALA E 176 17.45 46.18 26.42
N VAL E 177 18.08 45.36 27.25
CA VAL E 177 17.93 45.42 28.70
C VAL E 177 19.25 45.87 29.31
N ALA E 178 19.16 46.76 30.30
CA ALA E 178 20.33 47.19 31.05
C ALA E 178 19.96 47.31 32.53
N TRP E 179 20.93 46.99 33.39
CA TRP E 179 20.72 47.06 34.83
C TRP E 179 22.08 47.24 35.49
N SER E 180 22.05 47.63 36.77
CA SER E 180 23.27 47.86 37.51
C SER E 180 22.98 47.80 39.00
N ASN E 181 23.99 47.38 39.76
CA ASN E 181 23.93 47.36 41.21
C ASN E 181 24.61 48.57 41.83
N LYS E 182 25.21 49.44 41.00
CA LYS E 182 25.89 50.62 41.51
C LYS E 182 24.89 51.63 42.07
N SER E 183 25.41 52.56 42.87
CA SER E 183 24.56 53.56 43.50
C SER E 183 24.22 54.71 42.56
N ASP E 184 25.19 55.17 41.79
CA ASP E 184 24.99 56.31 40.89
C ASP E 184 24.58 55.87 39.49
N PHE E 185 23.56 55.01 39.42
CA PHE E 185 23.07 54.48 38.15
C PHE E 185 21.66 54.99 37.90
N ALA E 186 21.46 55.63 36.75
CA ALA E 186 20.15 56.04 36.27
C ALA E 186 19.95 55.51 34.86
N CYS E 187 18.70 55.26 34.50
CA CYS E 187 18.43 54.73 33.16
C CYS E 187 18.84 55.71 32.07
N ALA E 188 18.88 57.00 32.38
CA ALA E 188 19.39 57.98 31.44
C ALA E 188 20.92 57.92 31.34
N ASN E 189 21.59 57.53 32.42
CA ASN E 189 23.04 57.38 32.38
C ASN E 189 23.44 56.22 31.49
N ALA E 190 22.70 55.12 31.54
CA ALA E 190 22.93 54.00 30.64
C ALA E 190 22.50 54.37 29.22
N PHE E 191 22.85 53.50 28.27
CA PHE E 191 22.57 53.71 26.85
C PHE E 191 23.16 55.03 26.35
N ASN E 192 24.26 55.47 26.95
CA ASN E 192 24.90 56.73 26.58
C ASN E 192 26.05 56.54 25.60
N ASN E 193 26.87 55.50 25.78
CA ASN E 193 27.91 55.20 24.82
C ASN E 193 27.33 54.82 23.46
N SER E 194 26.07 54.40 23.42
CA SER E 194 25.42 54.05 22.18
C SER E 194 24.81 55.29 21.53
N ILE E 195 24.29 55.11 20.32
CA ILE E 195 23.73 56.22 19.55
C ILE E 195 22.21 56.20 19.70
N ILE E 196 21.73 56.82 20.76
CA ILE E 196 20.28 56.92 20.98
C ILE E 196 19.73 58.10 20.19
N PRO E 197 18.59 57.93 19.51
CA PRO E 197 17.98 59.06 18.80
C PRO E 197 17.56 60.18 19.73
N GLU E 198 17.08 61.29 19.15
CA GLU E 198 16.67 62.45 19.93
C GLU E 198 15.17 62.49 20.22
N ASP E 199 14.36 61.80 19.43
CA ASP E 199 12.92 61.72 19.67
C ASP E 199 12.54 60.60 20.63
N THR E 200 13.51 60.10 21.40
CA THR E 200 13.25 58.97 22.29
C THR E 200 12.46 59.44 23.51
N PHE E 201 11.45 58.65 23.88
CA PHE E 201 10.63 58.91 25.07
C PHE E 201 11.40 58.41 26.28
N PHE E 202 11.82 59.33 27.15
CA PHE E 202 12.60 59.01 28.34
C PHE E 202 11.83 59.45 29.58
N PRO E 203 10.92 58.60 30.09
CA PRO E 203 10.16 58.98 31.29
C PRO E 203 11.01 58.99 32.53
N SER E 204 10.38 59.41 33.62
CA SER E 204 10.99 59.54 34.93
C SER E 204 10.17 58.76 35.96
N PRO E 205 10.81 57.94 36.80
CA PRO E 205 10.12 57.17 37.83
C PRO E 205 9.77 58.01 39.06
N GLY F 1 13.63 8.60 15.02
CA GLY F 1 14.46 9.79 15.09
C GLY F 1 15.84 9.52 15.63
N ILE F 2 16.70 10.54 15.58
CA ILE F 2 18.06 10.47 16.10
C ILE F 2 18.12 11.31 17.37
N THR F 3 18.64 10.72 18.45
CA THR F 3 18.67 11.36 19.75
C THR F 3 20.08 11.32 20.32
N GLN F 4 20.35 12.24 21.24
CA GLN F 4 21.64 12.35 21.93
C GLN F 4 21.41 12.39 23.43
N SER F 5 22.33 11.78 24.17
CA SER F 5 22.26 11.79 25.62
C SER F 5 23.68 11.66 26.15
N PRO F 6 24.10 12.56 27.06
CA PRO F 6 23.30 13.66 27.59
C PRO F 6 23.20 14.85 26.64
N ARG F 7 22.18 15.70 26.84
CA ARG F 7 22.10 16.96 26.12
C ARG F 7 23.02 18.02 26.72
N TYR F 8 23.20 17.99 28.04
CA TYR F 8 24.13 18.86 28.74
C TYR F 8 24.94 18.01 29.71
N LYS F 9 26.23 18.34 29.86
CA LYS F 9 27.11 17.55 30.70
C LYS F 9 28.23 18.43 31.24
N ILE F 10 28.59 18.18 32.51
CA ILE F 10 29.72 18.85 33.15
C ILE F 10 30.64 17.77 33.70
N THR F 11 31.93 17.84 33.33
CA THR F 11 32.91 16.85 33.74
C THR F 11 34.17 17.54 34.25
N GLU F 12 34.83 16.89 35.20
CA GLU F 12 36.09 17.39 35.72
C GLU F 12 37.23 16.99 34.81
N THR F 13 38.32 17.76 34.89
CA THR F 13 39.52 17.46 34.11
C THR F 13 40.10 16.11 34.53
N GLY F 14 40.29 15.23 33.55
CA GLY F 14 40.87 13.93 33.78
C GLY F 14 39.87 12.78 33.84
N ARG F 15 38.58 13.07 33.79
CA ARG F 15 37.56 12.03 33.84
C ARG F 15 37.22 11.56 32.43
N GLN F 16 36.57 10.40 32.36
CA GLN F 16 36.15 9.80 31.09
C GLN F 16 34.64 9.95 30.97
N VAL F 17 34.19 10.69 29.96
CA VAL F 17 32.77 10.87 29.70
C VAL F 17 32.43 10.19 28.37
N THR F 18 31.17 9.79 28.26
CA THR F 18 30.67 9.11 27.07
C THR F 18 29.38 9.79 26.64
N LEU F 19 29.35 10.24 25.39
CA LEU F 19 28.15 10.79 24.77
C LEU F 19 27.49 9.71 23.92
N MET F 20 26.18 9.58 24.05
CA MET F 20 25.44 8.53 23.36
C MET F 20 24.65 9.13 22.20
N CYS F 21 24.47 8.31 21.16
CA CYS F 21 23.71 8.70 19.98
C CYS F 21 22.87 7.52 19.54
N HIS F 22 21.56 7.71 19.44
CA HIS F 22 20.63 6.65 19.08
C HIS F 22 19.82 7.08 17.86
N GLN F 23 19.55 6.12 16.98
CA GLN F 23 18.77 6.38 15.77
C GLN F 23 17.85 5.20 15.51
N THR F 24 16.66 5.49 14.98
CA THR F 24 15.63 4.50 14.76
C THR F 24 15.38 4.22 13.28
N TRP F 25 16.25 4.68 12.39
CA TRP F 25 16.06 4.49 10.96
C TRP F 25 16.88 3.36 10.38
N SER F 26 17.62 2.63 11.22
CA SER F 26 18.53 1.57 10.75
C SER F 26 19.56 2.10 9.77
N HIS F 27 19.98 3.35 9.95
CA HIS F 27 20.97 3.95 9.05
C HIS F 27 22.34 3.31 9.28
N SER F 28 23.01 2.96 8.19
CA SER F 28 24.33 2.33 8.29
C SER F 28 25.42 3.33 8.66
N TYR F 29 25.29 4.57 8.21
CA TYR F 29 26.30 5.59 8.46
C TYR F 29 25.92 6.44 9.67
N MET F 30 26.90 6.69 10.54
CA MET F 30 26.72 7.59 11.67
C MET F 30 27.99 8.40 11.87
N PHE F 31 27.83 9.60 12.42
CA PHE F 31 28.91 10.58 12.49
C PHE F 31 28.89 11.27 13.85
N TRP F 32 30.05 11.76 14.26
CA TRP F 32 30.20 12.59 15.46
C TRP F 32 31.02 13.82 15.10
N TYR F 33 30.40 14.99 15.24
CA TYR F 33 31.06 16.27 14.99
C TYR F 33 31.19 17.05 16.29
N ARG F 34 32.16 17.97 16.31
CA ARG F 34 32.24 19.00 17.32
C ARG F 34 32.17 20.36 16.64
N GLN F 35 31.47 21.30 17.28
CA GLN F 35 31.25 22.63 16.71
C GLN F 35 31.73 23.67 17.73
N ASP F 36 32.89 24.26 17.44
CA ASP F 36 33.46 25.31 18.26
C ASP F 36 33.28 26.66 17.59
N LEU F 37 33.34 27.72 18.39
CA LEU F 37 33.33 29.09 17.88
C LEU F 37 34.63 29.33 17.14
N GLY F 38 34.60 29.21 15.81
CA GLY F 38 35.80 29.35 15.02
C GLY F 38 35.84 28.35 13.88
N HIS F 39 35.11 27.25 14.05
CA HIS F 39 35.00 26.23 13.01
C HIS F 39 33.54 25.85 12.82
N GLY F 40 33.26 25.28 11.66
CA GLY F 40 31.90 24.87 11.34
C GLY F 40 31.47 23.58 12.00
N LEU F 41 31.81 22.46 11.38
CA LEU F 41 31.45 21.12 11.89
C LEU F 41 32.64 20.21 11.58
N ARG F 42 33.53 20.04 12.53
CA ARG F 42 34.70 19.19 12.35
C ARG F 42 34.39 17.77 12.78
N LEU F 43 34.62 16.83 11.87
CA LEU F 43 34.33 15.42 12.10
C LEU F 43 35.35 14.83 13.07
N ILE F 44 34.86 14.07 14.04
CA ILE F 44 35.70 13.38 15.01
C ILE F 44 35.90 11.93 14.57
N TYR F 45 34.80 11.18 14.52
CA TYR F 45 34.79 9.81 14.02
C TYR F 45 33.54 9.60 13.20
N TYR F 46 33.54 8.54 12.40
CA TYR F 46 32.34 8.16 11.66
C TYR F 46 32.36 6.65 11.45
N SER F 47 31.16 6.09 11.30
CA SER F 47 30.99 4.64 11.20
C SER F 47 30.14 4.34 9.98
N ALA F 48 30.74 3.68 8.97
CA ALA F 48 30.02 3.37 7.75
C ALA F 48 29.03 2.22 7.93
N ALA F 49 29.25 1.37 8.92
CA ALA F 49 28.37 0.24 9.22
C ALA F 49 28.76 -0.31 10.59
N ALA F 50 28.06 -1.37 11.00
CA ALA F 50 28.35 -1.98 12.29
C ALA F 50 29.74 -2.60 12.30
N ASP F 51 30.44 -2.41 13.42
CA ASP F 51 31.81 -2.87 13.65
C ASP F 51 32.83 -2.24 12.72
N ILE F 52 32.48 -1.12 12.09
CA ILE F 52 33.37 -0.38 11.20
C ILE F 52 33.38 1.07 11.65
N THR F 53 34.53 1.55 12.12
CA THR F 53 34.71 2.92 12.54
C THR F 53 36.01 3.47 11.96
N ASP F 54 35.96 4.71 11.47
CA ASP F 54 37.12 5.33 10.85
C ASP F 54 37.37 6.70 11.46
N LYS F 55 38.62 7.14 11.41
CA LYS F 55 39.00 8.42 11.98
C LYS F 55 38.47 9.58 11.13
N GLY F 56 38.32 10.73 11.78
CA GLY F 56 37.85 11.92 11.11
C GLY F 56 38.91 13.01 11.06
N GLU F 57 38.47 14.27 11.13
CA GLU F 57 39.42 15.38 11.07
C GLU F 57 40.10 15.61 12.42
N VAL F 58 39.35 15.53 13.51
CA VAL F 58 39.90 15.79 14.84
C VAL F 58 39.61 14.60 15.77
N PRO F 59 40.22 13.45 15.55
CA PRO F 59 39.93 12.27 16.37
C PRO F 59 40.75 12.16 17.65
N ASP F 60 41.85 12.91 17.77
CA ASP F 60 42.72 12.78 18.93
C ASP F 60 41.98 13.07 20.22
N GLY F 61 42.16 12.20 21.21
CA GLY F 61 41.48 12.32 22.48
C GLY F 61 40.12 11.68 22.55
N TYR F 62 39.62 11.15 21.44
CA TYR F 62 38.30 10.53 21.39
C TYR F 62 38.42 9.07 20.96
N VAL F 63 37.38 8.30 21.28
CA VAL F 63 37.31 6.87 20.98
C VAL F 63 35.85 6.51 20.82
N VAL F 64 35.54 5.68 19.83
CA VAL F 64 34.17 5.29 19.53
C VAL F 64 34.11 3.77 19.35
N SER F 65 32.88 3.29 19.11
CA SER F 65 32.62 1.90 18.78
C SER F 65 31.26 1.83 18.10
N ARG F 66 30.99 0.71 17.43
CA ARG F 66 29.72 0.55 16.73
C ARG F 66 29.35 -0.94 16.75
N SER F 67 28.92 -1.42 17.92
CA SER F 67 28.46 -2.80 18.02
C SER F 67 27.12 -2.99 17.33
N LYS F 68 26.19 -2.08 17.56
CA LYS F 68 24.86 -2.13 16.95
C LYS F 68 24.71 -1.01 15.94
N THR F 69 23.71 -1.16 15.07
CA THR F 69 23.45 -0.14 14.07
C THR F 69 22.87 1.13 14.70
N GLU F 70 22.01 0.97 15.70
CA GLU F 70 21.24 2.09 16.24
C GLU F 70 22.03 2.97 17.20
N ASN F 71 23.23 2.55 17.63
CA ASN F 71 23.99 3.30 18.62
C ASN F 71 25.39 3.59 18.10
N PHE F 72 25.91 4.76 18.46
CA PHE F 72 27.28 5.16 18.11
C PHE F 72 27.83 5.98 19.27
N PRO F 73 28.37 5.31 20.29
CA PRO F 73 28.82 6.01 21.50
C PRO F 73 30.17 6.69 21.28
N LEU F 74 30.22 7.99 21.51
CA LEU F 74 31.47 8.74 21.53
C LEU F 74 32.01 8.76 22.97
N THR F 75 33.30 8.50 23.12
CA THR F 75 33.91 8.39 24.44
C THR F 75 35.17 9.25 24.50
N LEU F 76 35.24 10.11 25.52
CA LEU F 76 36.41 10.91 25.77
C LEU F 76 37.32 10.18 26.76
N GLU F 77 38.54 9.88 26.34
CA GLU F 77 39.46 9.11 27.17
C GLU F 77 39.76 9.84 28.48
N SER F 78 40.45 10.98 28.39
CA SER F 78 40.76 11.80 29.55
C SER F 78 40.37 13.23 29.22
N ALA F 79 39.31 13.72 29.87
CA ALA F 79 38.72 15.00 29.51
C ALA F 79 39.70 16.15 29.70
N THR F 80 39.83 16.98 28.67
CA THR F 80 40.64 18.19 28.72
C THR F 80 39.74 19.40 28.54
N ARG F 81 40.19 20.55 29.05
CA ARG F 81 39.41 21.78 28.89
C ARG F 81 39.26 22.18 27.44
N SER F 82 40.17 21.70 26.57
CA SER F 82 40.04 21.94 25.13
C SER F 82 38.90 21.14 24.51
N GLN F 83 38.45 20.07 25.17
CA GLN F 83 37.32 19.30 24.69
C GLN F 83 35.98 19.92 25.04
N THR F 84 35.98 21.07 25.71
CA THR F 84 34.76 21.83 25.91
C THR F 84 34.24 22.31 24.56
N SER F 85 33.06 21.82 24.17
CA SER F 85 32.51 22.12 22.86
C SER F 85 31.04 21.69 22.83
N VAL F 86 30.42 21.91 21.69
CA VAL F 86 29.09 21.39 21.39
C VAL F 86 29.26 20.21 20.44
N TYR F 87 28.76 19.05 20.83
CA TYR F 87 28.96 17.82 20.08
C TYR F 87 27.66 17.46 19.35
N PHE F 88 27.74 17.34 18.04
CA PHE F 88 26.60 16.97 17.21
C PHE F 88 26.81 15.59 16.63
N CYS F 89 25.76 14.78 16.65
CA CYS F 89 25.75 13.46 16.04
C CYS F 89 24.83 13.45 14.83
N ALA F 90 25.15 12.61 13.86
CA ALA F 90 24.36 12.54 12.63
C ALA F 90 24.41 11.13 12.08
N SER F 91 23.34 10.74 11.41
CA SER F 91 23.24 9.46 10.72
C SER F 91 22.95 9.70 9.24
N SER F 92 23.05 8.63 8.46
N SER F 92 23.04 8.63 8.46
CA SER F 92 22.80 8.69 7.03
CA SER F 92 22.77 8.73 7.03
C SER F 92 22.43 7.31 6.52
C SER F 92 22.45 7.33 6.48
N GLY F 93 21.30 7.21 5.83
CA GLY F 93 20.91 5.96 5.22
C GLY F 93 21.60 5.78 3.89
N VAL F 94 21.23 6.61 2.92
CA VAL F 94 21.91 6.70 1.63
C VAL F 94 22.67 8.02 1.62
N PRO F 95 24.00 8.00 1.48
CA PRO F 95 24.76 9.25 1.45
C PRO F 95 24.32 10.12 0.28
N PRO F 96 24.56 11.45 0.34
CA PRO F 96 25.28 12.16 1.41
C PRO F 96 24.39 12.89 2.42
N VAL F 97 23.06 12.82 2.25
CA VAL F 97 22.17 13.55 3.15
C VAL F 97 22.34 13.03 4.57
N GLN F 98 22.59 13.95 5.50
CA GLN F 98 22.82 13.61 6.90
C GLN F 98 21.73 14.19 7.78
N PHE F 99 21.21 13.39 8.69
CA PHE F 99 20.21 13.81 9.66
C PHE F 99 20.88 13.96 11.02
N PHE F 100 20.89 15.18 11.55
CA PHE F 100 21.65 15.49 12.74
C PHE F 100 20.79 15.34 13.99
N GLY F 101 21.47 15.28 15.14
CA GLY F 101 20.82 15.26 16.43
C GLY F 101 20.72 16.66 17.00
N PRO F 102 20.16 16.77 18.22
CA PRO F 102 19.98 18.09 18.84
C PRO F 102 21.27 18.70 19.39
N GLY F 103 22.34 17.91 19.54
CA GLY F 103 23.59 18.41 20.06
C GLY F 103 23.75 18.13 21.54
N THR F 104 24.98 18.35 22.00
CA THR F 104 25.35 18.10 23.40
C THR F 104 26.35 19.17 23.82
N ARG F 105 26.01 19.93 24.86
CA ARG F 105 26.89 20.96 25.38
C ARG F 105 27.69 20.36 26.53
N LEU F 106 29.00 20.19 26.32
CA LEU F 106 29.91 19.61 27.30
C LEU F 106 30.90 20.67 27.74
N THR F 107 31.00 20.87 29.05
CA THR F 107 31.91 21.85 29.63
C THR F 107 32.88 21.13 30.56
N VAL F 108 34.17 21.18 30.23
CA VAL F 108 35.21 20.54 31.03
C VAL F 108 35.83 21.60 31.93
N LEU F 109 35.81 21.33 33.24
CA LEU F 109 36.30 22.27 34.23
C LEU F 109 37.32 21.58 35.13
N GLU F 110 38.27 22.36 35.62
CA GLU F 110 39.25 21.85 36.59
C GLU F 110 38.75 21.98 38.03
N ASP F 111 37.79 22.86 38.28
CA ASP F 111 37.24 23.09 39.62
C ASP F 111 35.73 23.14 39.50
N LEU F 112 35.05 22.15 40.09
CA LEU F 112 33.59 22.12 40.08
C LEU F 112 32.98 23.20 40.97
N ASN F 113 33.77 23.80 41.85
CA ASN F 113 33.27 24.88 42.69
C ASN F 113 32.88 26.12 41.89
N LYS F 114 33.24 26.19 40.61
CA LYS F 114 32.85 27.31 39.76
C LYS F 114 31.45 27.16 39.19
N VAL F 115 30.79 26.03 39.42
CA VAL F 115 29.43 25.83 38.94
C VAL F 115 28.46 26.52 39.90
N PHE F 116 27.53 27.29 39.34
CA PHE F 116 26.56 28.04 40.14
C PHE F 116 25.19 28.03 39.48
N PRO F 117 24.11 27.93 40.26
CA PRO F 117 22.77 28.06 39.71
C PRO F 117 22.41 29.52 39.52
N PRO F 118 21.40 29.82 38.71
CA PRO F 118 20.99 31.21 38.50
C PRO F 118 20.01 31.70 39.55
N GLU F 119 20.09 32.99 39.82
CA GLU F 119 19.08 33.71 40.59
C GLU F 119 18.19 34.46 39.61
N VAL F 120 16.89 34.20 39.68
CA VAL F 120 15.93 34.68 38.69
C VAL F 120 15.07 35.77 39.32
N ALA F 121 14.81 36.82 38.54
CA ALA F 121 13.95 37.92 38.96
C ALA F 121 13.13 38.38 37.76
N VAL F 122 11.89 38.80 38.04
CA VAL F 122 10.97 39.30 37.02
C VAL F 122 10.58 40.72 37.39
N PHE F 123 10.64 41.62 36.41
CA PHE F 123 10.41 43.04 36.64
C PHE F 123 9.12 43.45 35.96
N GLU F 124 8.27 44.18 36.68
CA GLU F 124 6.95 44.50 36.18
C GLU F 124 7.03 45.62 35.13
N PRO F 125 6.13 45.59 34.14
CA PRO F 125 6.11 46.67 33.14
C PRO F 125 5.87 48.02 33.81
N SER F 126 6.33 49.07 33.14
CA SER F 126 6.17 50.43 33.65
C SER F 126 4.87 51.03 33.15
N GLU F 127 4.29 51.92 33.96
CA GLU F 127 3.05 52.56 33.54
C GLU F 127 3.26 53.48 32.34
N ALA F 128 4.49 53.97 32.16
CA ALA F 128 4.80 54.82 31.02
C ALA F 128 4.62 54.07 29.71
N GLU F 129 5.05 52.80 29.65
CA GLU F 129 4.88 52.02 28.44
C GLU F 129 3.40 51.72 28.18
N ILE F 130 2.63 51.48 29.24
CA ILE F 130 1.22 51.15 29.08
C ILE F 130 0.46 52.33 28.52
N SER F 131 0.75 53.55 29.00
CA SER F 131 0.03 54.73 28.53
C SER F 131 0.49 55.15 27.14
N HIS F 132 1.74 54.86 26.77
CA HIS F 132 2.28 55.29 25.50
C HIS F 132 2.01 54.30 24.37
N THR F 133 2.12 53.00 24.65
CA THR F 133 2.01 51.98 23.62
C THR F 133 0.80 51.07 23.77
N GLN F 134 0.04 51.16 24.87
CA GLN F 134 -1.03 50.22 25.20
C GLN F 134 -0.54 48.77 25.18
N LYS F 135 0.75 48.59 25.49
CA LYS F 135 1.36 47.27 25.59
C LYS F 135 2.25 47.24 26.82
N ALA F 136 2.41 46.06 27.41
CA ALA F 136 3.19 45.87 28.62
C ALA F 136 4.29 44.86 28.37
N THR F 137 5.50 45.18 28.83
CA THR F 137 6.68 44.33 28.63
C THR F 137 7.21 43.89 29.98
N LEU F 138 7.16 42.59 30.25
CA LEU F 138 7.82 42.01 31.40
C LEU F 138 9.26 41.68 31.03
N VAL F 139 10.17 41.85 31.98
CA VAL F 139 11.59 41.56 31.80
C VAL F 139 12.03 40.56 32.84
N CYS F 140 12.60 39.45 32.40
CA CYS F 140 13.19 38.46 33.28
C CYS F 140 14.71 38.59 33.24
N LEU F 141 15.34 38.39 34.40
CA LEU F 141 16.79 38.57 34.51
C LEU F 141 17.36 37.42 35.34
N ALA F 142 18.05 36.50 34.67
CA ALA F 142 18.75 35.41 35.34
C ALA F 142 20.23 35.74 35.44
N THR F 143 20.77 35.72 36.66
CA THR F 143 22.13 36.19 36.90
C THR F 143 22.90 35.19 37.77
N GLY F 144 24.20 35.14 37.55
CA GLY F 144 25.08 34.35 38.40
C GLY F 144 25.14 32.87 38.12
N PHE F 145 24.84 32.45 36.89
CA PHE F 145 24.87 31.05 36.53
C PHE F 145 26.13 30.73 35.73
N PHE F 146 26.65 29.53 35.93
CA PHE F 146 27.83 29.02 35.25
C PHE F 146 27.72 27.50 35.34
N PRO F 147 27.79 26.79 34.21
CA PRO F 147 28.09 27.29 32.87
C PRO F 147 26.89 27.88 32.15
N ASP F 148 27.07 28.11 30.85
CA ASP F 148 26.00 28.62 29.99
C ASP F 148 25.07 27.48 29.56
N HIS F 149 24.56 26.74 30.53
CA HIS F 149 23.63 25.65 30.26
C HIS F 149 22.28 26.06 30.84
N VAL F 150 21.55 26.88 30.08
CA VAL F 150 20.29 27.46 30.54
C VAL F 150 19.25 27.38 29.43
N GLU F 151 17.99 27.23 29.83
CA GLU F 151 16.85 27.26 28.91
C GLU F 151 15.75 28.06 29.59
N LEU F 152 15.42 29.22 29.02
CA LEU F 152 14.43 30.11 29.60
C LEU F 152 13.09 29.97 28.88
N SER F 153 12.01 30.05 29.65
CA SER F 153 10.67 29.92 29.10
C SER F 153 9.71 30.74 29.97
N TRP F 154 8.72 31.35 29.33
CA TRP F 154 7.69 32.12 30.01
C TRP F 154 6.43 31.27 30.14
N TRP F 155 5.75 31.40 31.28
CA TRP F 155 4.53 30.67 31.54
C TRP F 155 3.48 31.65 32.05
N VAL F 156 2.26 31.55 31.51
CA VAL F 156 1.16 32.42 31.88
C VAL F 156 -0.06 31.53 32.17
N ASN F 157 -0.56 31.59 33.40
CA ASN F 157 -1.74 30.83 33.81
C ASN F 157 -1.55 29.33 33.56
N GLY F 158 -0.40 28.82 33.97
CA GLY F 158 -0.12 27.40 33.82
C GLY F 158 0.03 26.91 32.40
N LYS F 159 0.27 27.81 31.45
CA LYS F 159 0.47 27.45 30.06
C LYS F 159 1.69 28.17 29.51
N GLU F 160 2.55 27.43 28.83
CA GLU F 160 3.75 28.01 28.25
C GLU F 160 3.38 28.85 27.02
N VAL F 161 3.92 30.05 26.95
CA VAL F 161 3.62 30.98 25.86
C VAL F 161 4.86 31.15 25.00
N HIS F 162 4.62 31.43 23.72
CA HIS F 162 5.69 31.72 22.76
C HIS F 162 5.51 33.06 22.08
N SER F 163 4.28 33.49 21.82
CA SER F 163 4.04 34.79 21.22
C SER F 163 4.45 35.91 22.17
N GLY F 164 5.23 36.86 21.65
CA GLY F 164 5.64 38.01 22.44
C GLY F 164 6.85 37.79 23.32
N VAL F 165 7.56 36.67 23.15
CA VAL F 165 8.73 36.36 23.96
C VAL F 165 9.98 36.72 23.17
N CYS F 166 10.94 37.36 23.83
CA CYS F 166 12.22 37.68 23.22
C CYS F 166 13.32 37.35 24.24
N THR F 167 13.95 36.20 24.08
CA THR F 167 15.06 35.79 24.91
C THR F 167 16.37 36.11 24.22
N ASP F 168 17.35 36.56 25.00
CA ASP F 168 18.64 36.94 24.45
C ASP F 168 19.27 35.76 23.70
N PRO F 169 19.80 35.97 22.50
CA PRO F 169 20.44 34.85 21.79
C PRO F 169 21.76 34.44 22.43
N GLN F 170 22.46 35.37 23.06
CA GLN F 170 23.74 35.11 23.71
C GLN F 170 23.69 35.63 25.14
N PRO F 171 24.40 34.99 26.06
CA PRO F 171 24.42 35.48 27.45
C PRO F 171 25.30 36.72 27.61
N LEU F 172 25.62 37.05 28.86
CA LEU F 172 26.41 38.23 29.17
C LEU F 172 27.43 37.84 30.22
N LYS F 173 28.71 37.88 29.86
CA LYS F 173 29.79 37.60 30.81
C LYS F 173 29.80 38.64 31.91
N GLU F 174 29.48 38.23 33.15
CA GLU F 174 29.40 39.19 34.25
C GLU F 174 30.73 39.90 34.48
N GLN F 175 31.84 39.18 34.31
CA GLN F 175 33.18 39.74 34.42
C GLN F 175 33.98 39.28 33.22
N PRO F 176 34.02 40.08 32.14
CA PRO F 176 34.73 39.63 30.94
C PRO F 176 36.21 39.44 31.14
N ALA F 177 36.82 40.15 32.09
CA ALA F 177 38.25 39.96 32.34
C ALA F 177 38.51 38.68 33.11
N LEU F 178 37.54 38.19 33.88
CA LEU F 178 37.71 36.98 34.67
C LEU F 178 37.44 35.76 33.82
N ASN F 179 38.43 34.89 33.69
CA ASN F 179 38.22 33.60 33.04
C ASN F 179 37.34 32.72 33.91
N ASP F 180 36.45 31.96 33.27
CA ASP F 180 35.46 31.14 33.97
C ASP F 180 34.59 32.00 34.89
N SER F 181 34.03 33.07 34.32
CA SER F 181 33.14 33.96 35.06
C SER F 181 31.69 33.54 34.85
N ARG F 182 30.86 33.84 35.84
CA ARG F 182 29.44 33.52 35.74
C ARG F 182 28.76 34.42 34.71
N TYR F 183 27.64 33.94 34.20
CA TYR F 183 26.93 34.60 33.11
C TYR F 183 25.62 35.20 33.59
N ALA F 184 25.00 35.99 32.72
CA ALA F 184 23.70 36.60 32.97
C ALA F 184 22.91 36.61 31.68
N LEU F 185 21.59 36.38 31.80
CA LEU F 185 20.72 36.30 30.64
C LEU F 185 19.43 37.07 30.95
N SER F 186 18.91 37.75 29.92
CA SER F 186 17.68 38.52 30.06
C SER F 186 16.67 38.06 29.02
N SER F 187 15.39 38.29 29.32
CA SER F 187 14.32 37.93 28.40
C SER F 187 13.16 38.91 28.59
N ARG F 188 12.35 39.04 27.55
CA ARG F 188 11.22 39.95 27.55
C ARG F 188 9.96 39.20 27.14
N LEU F 189 8.83 39.62 27.72
CA LEU F 189 7.52 39.09 27.34
C LEU F 189 6.57 40.27 27.19
N ARG F 190 6.09 40.51 25.97
CA ARG F 190 5.19 41.61 25.69
C ARG F 190 3.76 41.10 25.56
N VAL F 191 2.85 41.66 26.37
CA VAL F 191 1.44 41.37 26.29
C VAL F 191 0.68 42.69 26.19
N SER F 192 -0.61 42.59 25.89
CA SER F 192 -1.44 43.79 25.77
C SER F 192 -1.59 44.48 27.12
N ALA F 193 -1.92 45.77 27.06
CA ALA F 193 -2.14 46.54 28.29
C ALA F 193 -3.27 45.93 29.12
N THR F 194 -4.43 45.71 28.48
CA THR F 194 -5.58 45.17 29.20
C THR F 194 -5.27 43.81 29.81
N PHE F 195 -4.34 43.05 29.22
CA PHE F 195 -3.98 41.75 29.76
C PHE F 195 -3.14 41.91 31.02
N TRP F 196 -2.19 42.84 31.02
CA TRP F 196 -1.37 43.05 32.22
C TRP F 196 -2.17 43.73 33.32
N GLN F 197 -3.07 44.64 32.96
N GLN F 197 -3.07 44.64 32.96
CA GLN F 197 -3.89 45.33 33.95
CA GLN F 197 -3.89 45.33 33.95
C GLN F 197 -4.89 44.42 34.64
C GLN F 197 -4.89 44.42 34.64
N ASN F 198 -4.99 43.15 34.23
CA ASN F 198 -5.87 42.20 34.87
C ASN F 198 -5.12 41.55 36.03
N PRO F 199 -5.49 41.81 37.28
CA PRO F 199 -4.74 41.24 38.41
C PRO F 199 -4.91 39.74 38.58
N ARG F 200 -5.74 39.09 37.77
CA ARG F 200 -5.94 37.65 37.86
C ARG F 200 -5.02 36.85 36.96
N ASN F 201 -4.14 37.51 36.20
CA ASN F 201 -3.19 36.83 35.34
C ASN F 201 -1.87 36.62 36.08
N HIS F 202 -1.38 35.39 36.04
CA HIS F 202 -0.15 35.00 36.73
C HIS F 202 0.96 34.78 35.72
N PHE F 203 2.07 35.46 35.92
CA PHE F 203 3.23 35.37 35.03
C PHE F 203 4.38 34.67 35.75
N ARG F 204 5.04 33.76 35.05
CA ARG F 204 6.20 33.08 35.61
C ARG F 204 7.29 32.97 34.53
N CYS F 205 8.52 33.24 34.93
CA CYS F 205 9.69 33.09 34.08
C CYS F 205 10.47 31.87 34.53
N GLN F 206 10.42 30.81 33.74
CA GLN F 206 11.07 29.56 34.08
C GLN F 206 12.47 29.50 33.49
N VAL F 207 13.47 29.24 34.32
CA VAL F 207 14.86 29.12 33.90
C VAL F 207 15.33 27.73 34.28
N GLN F 208 15.49 26.87 33.28
CA GLN F 208 16.05 25.53 33.48
C GLN F 208 17.56 25.62 33.42
N PHE F 209 18.22 25.21 34.50
CA PHE F 209 19.67 25.23 34.59
C PHE F 209 20.19 23.79 34.65
N TYR F 210 21.15 23.47 33.78
CA TYR F 210 21.77 22.15 33.75
C TYR F 210 23.13 22.25 34.43
N GLY F 211 23.26 21.60 35.57
CA GLY F 211 24.49 21.66 36.34
C GLY F 211 25.07 20.30 36.65
N LEU F 212 25.51 20.11 37.89
CA LEU F 212 26.12 18.84 38.29
C LEU F 212 25.05 17.76 38.41
N SER F 213 25.45 16.53 38.11
CA SER F 213 24.57 15.40 38.30
C SER F 213 24.50 15.04 39.79
N GLU F 214 23.36 14.50 40.21
CA GLU F 214 23.17 14.18 41.62
C GLU F 214 24.06 13.03 42.09
N ASN F 215 24.76 12.35 41.17
CA ASN F 215 25.75 11.35 41.60
C ASN F 215 27.10 11.98 41.87
N ASP F 216 27.34 13.20 41.41
CA ASP F 216 28.62 13.86 41.63
C ASP F 216 28.79 14.22 43.10
N GLU F 217 30.05 14.45 43.49
CA GLU F 217 30.40 14.76 44.87
C GLU F 217 30.58 16.26 45.05
N TRP F 218 30.33 16.73 46.27
CA TRP F 218 30.45 18.14 46.61
C TRP F 218 31.20 18.27 47.93
N THR F 219 32.28 19.06 47.92
CA THR F 219 33.09 19.29 49.12
C THR F 219 32.74 20.60 49.83
N GLN F 220 32.13 21.55 49.15
CA GLN F 220 31.85 22.86 49.73
C GLN F 220 30.60 22.81 50.60
N ASP F 221 30.42 23.87 51.40
CA ASP F 221 29.27 23.96 52.28
C ASP F 221 28.03 24.46 51.57
N ARG F 222 28.20 25.22 50.49
CA ARG F 222 27.06 25.64 49.69
C ARG F 222 26.37 24.42 49.10
N ALA F 223 25.09 24.62 48.73
CA ALA F 223 24.32 23.55 48.13
C ALA F 223 24.94 23.15 46.79
N LYS F 224 24.86 21.86 46.49
CA LYS F 224 25.46 21.34 45.27
C LYS F 224 24.73 21.92 44.05
N PRO F 225 25.44 22.57 43.12
CA PRO F 225 24.75 23.16 41.97
C PRO F 225 24.24 22.10 41.00
N VAL F 226 23.16 21.46 41.38
CA VAL F 226 22.56 20.38 40.60
C VAL F 226 21.65 20.97 39.53
N THR F 227 21.47 20.22 38.45
CA THR F 227 20.46 20.53 37.45
C THR F 227 19.10 20.74 38.09
N GLN F 228 18.57 21.95 37.97
CA GLN F 228 17.36 22.33 38.67
C GLN F 228 16.66 23.42 37.89
N ILE F 229 15.46 23.77 38.34
CA ILE F 229 14.67 24.84 37.75
C ILE F 229 14.51 25.95 38.76
N VAL F 230 14.88 27.17 38.38
CA VAL F 230 14.72 28.36 39.20
C VAL F 230 13.73 29.27 38.50
N SER F 231 12.74 29.76 39.24
CA SER F 231 11.65 30.54 38.68
C SER F 231 11.42 31.81 39.48
N ALA F 232 10.78 32.78 38.84
CA ALA F 232 10.34 34.01 39.46
C ALA F 232 8.97 34.36 38.91
N GLU F 233 8.04 34.71 39.79
CA GLU F 233 6.65 34.92 39.41
C GLU F 233 6.25 36.38 39.60
N ALA F 234 5.11 36.74 39.02
CA ALA F 234 4.59 38.10 39.10
C ALA F 234 3.11 38.10 38.75
N TRP F 235 2.33 38.86 39.51
CA TRP F 235 0.92 39.06 39.24
C TRP F 235 0.70 40.38 38.52
N GLY F 236 -0.38 40.44 37.73
CA GLY F 236 -0.73 41.69 37.08
C GLY F 236 -1.17 42.74 38.08
N ARG F 237 -0.99 44.00 37.68
CA ARG F 237 -1.36 45.15 38.50
C ARG F 237 -2.45 45.94 37.79
N ALA F 238 -3.49 46.32 38.56
CA ALA F 238 -4.66 46.98 38.00
C ALA F 238 -4.42 48.45 37.68
N ASP F 239 -3.43 49.08 38.30
CA ASP F 239 -3.13 50.48 38.03
C ASP F 239 -1.72 50.84 38.48
N GLN G 2 14.03 -57.44 -21.59
CA GLN G 2 13.12 -56.49 -22.21
C GLN G 2 12.78 -55.35 -21.25
N GLN G 3 12.38 -54.21 -21.81
CA GLN G 3 12.00 -53.04 -21.02
C GLN G 3 10.90 -52.28 -21.73
N LEU G 4 9.97 -51.74 -20.96
CA LEU G 4 8.90 -50.89 -21.48
C LEU G 4 9.00 -49.50 -20.86
N ASN G 5 8.98 -48.48 -21.70
CA ASN G 5 9.06 -47.09 -21.26
C ASN G 5 7.71 -46.41 -21.50
N GLN G 6 7.12 -45.89 -20.43
CA GLN G 6 5.85 -45.21 -20.50
C GLN G 6 6.04 -43.71 -20.36
N SER G 7 5.15 -42.94 -21.00
CA SER G 7 5.17 -41.50 -20.94
C SER G 7 3.78 -40.98 -21.27
N PRO G 8 3.32 -39.88 -20.64
CA PRO G 8 4.03 -39.15 -19.58
C PRO G 8 4.03 -39.93 -18.27
N GLN G 9 5.02 -39.67 -17.41
CA GLN G 9 5.13 -40.43 -16.17
C GLN G 9 3.96 -40.15 -15.23
N SER G 10 3.39 -38.95 -15.28
CA SER G 10 2.25 -38.59 -14.45
C SER G 10 1.46 -37.50 -15.15
N MET G 11 0.16 -37.48 -14.89
CA MET G 11 -0.76 -36.57 -15.56
C MET G 11 -1.69 -35.94 -14.54
N PHE G 12 -1.58 -34.62 -14.36
CA PHE G 12 -2.45 -33.84 -13.49
C PHE G 12 -3.29 -32.94 -14.39
N ILE G 13 -4.34 -33.50 -14.98
CA ILE G 13 -5.11 -32.81 -16.01
C ILE G 13 -6.45 -32.33 -15.44
N GLN G 14 -7.25 -31.69 -16.27
CA GLN G 14 -8.54 -31.15 -15.87
C GLN G 14 -9.67 -32.01 -16.42
N GLU G 15 -10.81 -31.98 -15.72
CA GLU G 15 -11.97 -32.76 -16.13
C GLU G 15 -12.42 -32.34 -17.53
N GLY G 16 -12.82 -33.33 -18.33
CA GLY G 16 -13.23 -33.10 -19.69
C GLY G 16 -12.11 -33.17 -20.71
N GLU G 17 -10.87 -32.92 -20.31
CA GLU G 17 -9.76 -33.00 -21.24
C GLU G 17 -9.53 -34.45 -21.67
N ASP G 18 -8.83 -34.61 -22.79
CA ASP G 18 -8.48 -35.93 -23.30
C ASP G 18 -7.09 -36.33 -22.82
N VAL G 19 -6.87 -37.63 -22.73
CA VAL G 19 -5.65 -38.21 -22.19
C VAL G 19 -4.98 -39.05 -23.26
N SER G 20 -3.66 -38.91 -23.39
CA SER G 20 -2.86 -39.75 -24.28
C SER G 20 -1.62 -40.19 -23.54
N MET G 21 -1.42 -41.51 -23.44
CA MET G 21 -0.27 -42.09 -22.77
C MET G 21 0.45 -43.03 -23.72
N ASN G 22 1.78 -42.95 -23.74
CA ASN G 22 2.60 -43.70 -24.66
C ASN G 22 3.21 -44.92 -23.98
N CYS G 23 3.62 -45.88 -24.80
CA CYS G 23 4.26 -47.10 -24.31
C CYS G 23 5.16 -47.61 -25.43
N THR G 24 6.47 -47.41 -25.27
CA THR G 24 7.44 -47.76 -26.29
C THR G 24 8.34 -48.89 -25.80
N SER G 25 8.98 -49.56 -26.74
CA SER G 25 9.86 -50.69 -26.44
C SER G 25 11.03 -50.70 -27.40
N SER G 26 12.23 -51.00 -26.86
CA SER G 26 13.38 -51.26 -27.70
C SER G 26 13.38 -52.68 -28.28
N SER G 27 12.47 -53.53 -27.83
CA SER G 27 12.29 -54.88 -28.34
C SER G 27 10.89 -54.99 -28.98
N ILE G 28 10.64 -56.15 -29.59
CA ILE G 28 9.40 -56.39 -30.32
C ILE G 28 8.45 -57.20 -29.45
N PHE G 29 7.17 -56.81 -29.45
CA PHE G 29 6.11 -57.54 -28.77
C PHE G 29 4.96 -57.78 -29.74
N ASN G 30 4.30 -58.92 -29.59
CA ASN G 30 3.20 -59.29 -30.46
C ASN G 30 1.83 -59.24 -29.78
N THR G 31 1.77 -58.87 -28.50
CA THR G 31 0.51 -58.72 -27.80
C THR G 31 0.69 -57.65 -26.73
N TRP G 32 -0.11 -56.59 -26.80
CA TRP G 32 -0.04 -55.48 -25.88
C TRP G 32 -1.33 -55.40 -25.05
N LEU G 33 -1.17 -55.18 -23.76
CA LEU G 33 -2.30 -55.07 -22.85
C LEU G 33 -2.15 -53.81 -22.01
N TRP G 34 -3.30 -53.24 -21.63
CA TRP G 34 -3.34 -52.05 -20.79
C TRP G 34 -4.10 -52.38 -19.52
N TYR G 35 -3.48 -52.07 -18.37
CA TYR G 35 -4.07 -52.33 -17.06
C TYR G 35 -4.29 -51.00 -16.34
N LYS G 36 -5.34 -50.97 -15.51
CA LYS G 36 -5.59 -49.85 -14.61
C LYS G 36 -5.52 -50.35 -13.18
N GLN G 37 -4.81 -49.61 -12.34
CA GLN G 37 -4.72 -49.91 -10.91
C GLN G 37 -5.34 -48.75 -10.14
N GLU G 38 -6.61 -48.90 -9.78
CA GLU G 38 -7.26 -47.90 -8.96
C GLU G 38 -6.60 -47.84 -7.57
N PRO G 39 -6.54 -46.66 -6.96
CA PRO G 39 -5.93 -46.56 -5.63
C PRO G 39 -6.56 -47.51 -4.63
N GLY G 40 -5.71 -48.24 -3.90
CA GLY G 40 -6.16 -49.25 -2.97
C GLY G 40 -6.43 -50.61 -3.56
N GLU G 41 -6.64 -50.71 -4.87
CA GLU G 41 -6.92 -51.98 -5.52
C GLU G 41 -5.68 -52.51 -6.22
N GLY G 42 -5.85 -53.65 -6.90
CA GLY G 42 -4.82 -54.21 -7.74
C GLY G 42 -5.05 -53.87 -9.19
N PRO G 43 -4.09 -54.25 -10.05
CA PRO G 43 -4.26 -53.98 -11.49
C PRO G 43 -5.38 -54.81 -12.09
N VAL G 44 -6.21 -54.17 -12.89
CA VAL G 44 -7.30 -54.82 -13.59
C VAL G 44 -7.15 -54.56 -15.08
N LEU G 45 -7.44 -55.58 -15.89
CA LEU G 45 -7.25 -55.48 -17.32
C LEU G 45 -8.22 -54.47 -17.93
N LEU G 46 -7.69 -53.54 -18.71
CA LEU G 46 -8.52 -52.58 -19.45
C LEU G 46 -8.83 -53.12 -20.84
N ILE G 47 -7.82 -53.18 -21.71
CA ILE G 47 -7.98 -53.61 -23.10
C ILE G 47 -6.87 -54.60 -23.43
N ALA G 48 -7.21 -55.61 -24.23
CA ALA G 48 -6.24 -56.57 -24.75
C ALA G 48 -6.13 -56.39 -26.26
N LEU G 49 -4.90 -56.27 -26.76
CA LEU G 49 -4.62 -56.04 -28.16
C LEU G 49 -3.84 -57.22 -28.72
N TYR G 50 -4.39 -57.87 -29.74
CA TYR G 50 -3.79 -59.06 -30.33
C TYR G 50 -3.39 -58.92 -31.78
N LYS G 51 -3.97 -57.97 -32.52
CA LYS G 51 -3.68 -57.79 -33.93
C LYS G 51 -2.85 -56.52 -34.13
N ALA G 52 -1.79 -56.62 -34.92
CA ALA G 52 -0.95 -55.46 -35.20
C ALA G 52 -1.75 -54.41 -35.97
N GLY G 53 -1.74 -53.18 -35.47
CA GLY G 53 -2.52 -52.12 -36.08
C GLY G 53 -3.97 -52.10 -35.66
N GLU G 54 -4.28 -52.56 -34.46
CA GLU G 54 -5.65 -52.75 -34.00
C GLU G 54 -6.13 -51.54 -33.22
N LEU G 55 -7.39 -51.18 -33.43
CA LEU G 55 -8.07 -50.12 -32.68
C LEU G 55 -9.21 -50.75 -31.90
N THR G 56 -9.01 -50.99 -30.61
CA THR G 56 -10.03 -51.55 -29.73
C THR G 56 -10.46 -50.49 -28.73
N SER G 57 -11.77 -50.28 -28.61
CA SER G 57 -12.31 -49.30 -27.69
C SER G 57 -12.97 -50.02 -26.51
N ASN G 58 -13.06 -49.30 -25.38
CA ASN G 58 -13.71 -49.81 -24.17
C ASN G 58 -14.39 -48.60 -23.51
N GLY G 59 -15.60 -48.30 -23.98
CA GLY G 59 -16.31 -47.13 -23.49
C GLY G 59 -15.67 -45.85 -23.97
N ARG G 60 -15.13 -45.06 -23.04
CA ARG G 60 -14.39 -43.85 -23.38
C ARG G 60 -12.90 -44.09 -23.54
N LEU G 61 -12.47 -45.35 -23.51
CA LEU G 61 -11.06 -45.70 -23.66
C LEU G 61 -10.79 -46.24 -25.06
N THR G 62 -9.56 -46.03 -25.51
CA THR G 62 -9.15 -46.48 -26.84
C THR G 62 -7.66 -46.79 -26.82
N ALA G 63 -7.31 -47.99 -27.28
CA ALA G 63 -5.93 -48.46 -27.29
C ALA G 63 -5.53 -48.83 -28.71
N GLN G 64 -4.26 -48.60 -29.03
CA GLN G 64 -3.74 -48.82 -30.38
C GLN G 64 -2.55 -49.77 -30.33
N PHE G 65 -2.54 -50.74 -31.22
CA PHE G 65 -1.41 -51.64 -31.41
C PHE G 65 -0.50 -51.03 -32.49
N GLY G 66 0.72 -50.69 -32.12
CA GLY G 66 1.65 -50.10 -33.07
C GLY G 66 2.05 -51.12 -34.13
N ILE G 67 2.00 -50.69 -35.40
CA ILE G 67 2.40 -51.59 -36.48
C ILE G 67 3.89 -51.89 -36.45
N THR G 68 4.68 -51.03 -35.80
CA THR G 68 6.08 -51.35 -35.54
C THR G 68 6.23 -52.51 -34.56
N ARG G 69 5.16 -52.89 -33.87
CA ARG G 69 5.18 -53.91 -32.83
C ARG G 69 6.10 -53.54 -31.67
N LYS G 70 6.42 -52.25 -31.54
CA LYS G 70 7.25 -51.76 -30.45
C LYS G 70 6.62 -50.55 -29.77
N ASP G 71 5.39 -50.19 -30.15
CA ASP G 71 4.72 -49.01 -29.62
C ASP G 71 3.26 -49.34 -29.33
N SER G 72 2.69 -48.65 -28.34
CA SER G 72 1.28 -48.77 -28.03
C SER G 72 0.83 -47.52 -27.30
N PHE G 73 -0.44 -47.15 -27.50
CA PHE G 73 -0.98 -45.93 -26.94
C PHE G 73 -2.38 -46.20 -26.39
N LEU G 74 -2.75 -45.45 -25.36
CA LEU G 74 -4.07 -45.54 -24.74
C LEU G 74 -4.65 -44.14 -24.61
N ASN G 75 -5.87 -43.95 -25.10
CA ASN G 75 -6.56 -42.68 -25.04
C ASN G 75 -7.77 -42.76 -24.13
N ILE G 76 -8.02 -41.68 -23.41
CA ILE G 76 -9.20 -41.54 -22.55
C ILE G 76 -9.90 -40.26 -22.97
N SER G 77 -11.10 -40.40 -23.54
CA SER G 77 -11.86 -39.26 -24.04
C SER G 77 -12.76 -38.72 -22.93
N ALA G 78 -12.74 -37.40 -22.75
CA ALA G 78 -13.55 -36.70 -21.76
C ALA G 78 -13.37 -37.32 -20.38
N SER G 79 -12.15 -37.18 -19.87
CA SER G 79 -11.80 -37.80 -18.60
C SER G 79 -12.63 -37.22 -17.46
N ILE G 80 -12.70 -37.98 -16.37
CA ILE G 80 -13.46 -37.58 -15.18
C ILE G 80 -12.65 -37.94 -13.95
N PRO G 81 -12.95 -37.30 -12.82
CA PRO G 81 -12.21 -37.62 -11.57
C PRO G 81 -12.20 -39.10 -11.23
N SER G 82 -13.20 -39.88 -11.65
CA SER G 82 -13.24 -41.29 -11.32
C SER G 82 -12.19 -42.09 -12.09
N ASP G 83 -11.56 -41.52 -13.11
CA ASP G 83 -10.53 -42.21 -13.88
C ASP G 83 -9.19 -42.26 -13.17
N VAL G 84 -9.11 -41.79 -11.92
CA VAL G 84 -7.84 -41.72 -11.22
C VAL G 84 -7.26 -43.13 -11.04
N GLY G 85 -5.94 -43.20 -11.10
CA GLY G 85 -5.25 -44.47 -10.91
C GLY G 85 -3.94 -44.47 -11.67
N ILE G 86 -3.26 -45.62 -11.60
CA ILE G 86 -2.03 -45.87 -12.34
C ILE G 86 -2.36 -46.75 -13.53
N TYR G 87 -1.82 -46.41 -14.69
CA TYR G 87 -2.10 -47.12 -15.94
C TYR G 87 -0.83 -47.81 -16.42
N PHE G 88 -0.88 -49.14 -16.48
CA PHE G 88 0.24 -49.95 -16.92
C PHE G 88 -0.01 -50.47 -18.34
N CYS G 89 1.07 -50.58 -19.11
CA CYS G 89 1.05 -51.29 -20.37
C CYS G 89 1.91 -52.54 -20.25
N ALA G 90 1.47 -53.62 -20.89
CA ALA G 90 2.12 -54.91 -20.78
C ALA G 90 2.33 -55.51 -22.16
N GLY G 91 3.51 -56.09 -22.37
CA GLY G 91 3.78 -56.83 -23.58
C GLY G 91 4.08 -58.28 -23.27
N GLN G 92 3.36 -59.19 -23.92
CA GLN G 92 3.59 -60.62 -23.70
C GLN G 92 4.99 -60.99 -24.18
N ASP G 93 5.78 -61.57 -23.28
CA ASP G 93 7.16 -61.93 -23.59
C ASP G 93 7.21 -62.92 -24.74
N VAL G 94 7.74 -62.47 -25.88
CA VAL G 94 7.78 -63.32 -27.06
C VAL G 94 8.69 -64.51 -26.80
N GLY G 95 8.30 -65.67 -27.34
CA GLY G 95 8.98 -66.91 -27.10
C GLY G 95 8.10 -67.87 -26.30
N ASN G 96 8.67 -69.03 -25.99
CA ASN G 96 7.99 -70.07 -25.23
C ASN G 96 8.60 -70.30 -23.86
N THR G 97 9.89 -70.02 -23.69
CA THR G 97 10.52 -70.18 -22.39
C THR G 97 9.98 -69.17 -21.39
N ASN G 98 10.15 -67.88 -21.70
CA ASN G 98 9.61 -66.80 -20.89
C ASN G 98 8.16 -66.48 -21.23
N ALA G 99 7.43 -67.43 -21.82
CA ALA G 99 6.03 -67.23 -22.15
C ALA G 99 5.19 -67.26 -20.87
N GLY G 100 3.93 -66.85 -21.01
CA GLY G 100 3.05 -66.74 -19.87
C GLY G 100 3.29 -65.48 -19.07
N LYS G 101 4.55 -65.11 -18.93
CA LYS G 101 4.96 -63.87 -18.30
C LYS G 101 4.70 -62.68 -19.22
N SER G 102 4.86 -61.49 -18.67
CA SER G 102 4.67 -60.27 -19.44
C SER G 102 5.54 -59.17 -18.85
N THR G 103 6.09 -58.31 -19.72
CA THR G 103 6.88 -57.17 -19.30
C THR G 103 5.96 -55.98 -19.10
N PHE G 104 5.95 -55.41 -17.90
CA PHE G 104 5.15 -54.24 -17.59
C PHE G 104 6.00 -52.98 -17.67
N GLY G 105 5.33 -51.83 -17.71
CA GLY G 105 5.98 -50.55 -17.64
C GLY G 105 5.93 -49.99 -16.23
N ASP G 106 6.73 -48.94 -16.00
CA ASP G 106 6.75 -48.30 -14.69
C ASP G 106 5.45 -47.56 -14.39
N GLY G 107 4.56 -47.43 -15.37
CA GLY G 107 3.24 -46.90 -15.13
C GLY G 107 3.17 -45.38 -15.24
N THR G 108 1.95 -44.90 -15.50
CA THR G 108 1.67 -43.48 -15.54
C THR G 108 0.54 -43.19 -14.55
N THR G 109 0.81 -42.31 -13.59
CA THR G 109 -0.21 -41.95 -12.60
C THR G 109 -1.09 -40.84 -13.16
N LEU G 110 -2.40 -41.06 -13.12
CA LEU G 110 -3.36 -40.11 -13.68
C LEU G 110 -4.20 -39.51 -12.56
N THR G 111 -4.25 -38.18 -12.51
CA THR G 111 -5.10 -37.44 -11.58
C THR G 111 -5.89 -36.42 -12.39
N VAL G 112 -7.20 -36.40 -12.19
CA VAL G 112 -8.11 -35.53 -12.94
C VAL G 112 -8.65 -34.47 -12.00
N LYS G 113 -8.41 -33.20 -12.34
CA LYS G 113 -8.93 -32.10 -11.54
C LYS G 113 -10.39 -31.87 -11.86
N PRO G 114 -11.24 -31.67 -10.86
CA PRO G 114 -12.67 -31.45 -11.13
C PRO G 114 -12.92 -30.07 -11.73
N ASN G 115 -13.96 -30.00 -12.55
CA ASN G 115 -14.36 -28.73 -13.15
C ASN G 115 -15.25 -28.00 -12.14
N ILE G 116 -14.69 -26.99 -11.49
CA ILE G 116 -15.42 -26.20 -10.51
C ILE G 116 -15.98 -24.96 -11.22
N GLN G 117 -17.30 -24.98 -11.47
CA GLN G 117 -17.92 -23.88 -12.18
C GLN G 117 -18.16 -22.68 -11.27
N ASN G 118 -18.56 -22.92 -10.02
CA ASN G 118 -18.88 -21.87 -9.06
C ASN G 118 -17.90 -21.98 -7.88
N PRO G 119 -16.70 -21.44 -8.02
CA PRO G 119 -15.74 -21.50 -6.91
C PRO G 119 -16.19 -20.60 -5.77
N ASP G 120 -16.16 -21.14 -4.55
CA ASP G 120 -16.56 -20.41 -3.35
C ASP G 120 -15.48 -20.50 -2.29
N PRO G 121 -14.26 -20.04 -2.59
CA PRO G 121 -13.14 -20.25 -1.66
C PRO G 121 -13.42 -19.66 -0.29
N ALA G 122 -13.13 -20.45 0.74
CA ALA G 122 -13.44 -20.06 2.11
C ALA G 122 -12.60 -20.90 3.06
N VAL G 123 -12.32 -20.34 4.23
CA VAL G 123 -11.54 -20.99 5.27
C VAL G 123 -12.38 -21.00 6.53
N TYR G 124 -12.78 -22.18 6.98
CA TYR G 124 -13.63 -22.34 8.15
C TYR G 124 -12.84 -22.90 9.32
N GLN G 125 -13.40 -22.75 10.51
CA GLN G 125 -12.86 -23.31 11.74
C GLN G 125 -13.88 -24.29 12.30
N LEU G 126 -13.47 -25.55 12.46
CA LEU G 126 -14.36 -26.61 12.91
C LEU G 126 -13.95 -27.06 14.30
N ARG G 127 -14.90 -27.08 15.22
CA ARG G 127 -14.63 -27.47 16.59
C ARG G 127 -14.91 -28.96 16.80
N ASP G 128 -14.28 -29.51 17.84
CA ASP G 128 -14.41 -30.93 18.13
C ASP G 128 -15.83 -31.26 18.58
N SER G 129 -16.34 -32.39 18.08
CA SER G 129 -17.66 -32.85 18.50
C SER G 129 -17.66 -33.30 19.96
N LYS G 130 -16.51 -33.68 20.49
CA LYS G 130 -16.36 -33.98 21.91
C LYS G 130 -16.00 -32.72 22.67
N SER G 131 -16.06 -32.81 24.00
CA SER G 131 -15.72 -31.69 24.88
C SER G 131 -14.22 -31.48 24.86
N SER G 132 -13.76 -30.56 24.02
CA SER G 132 -12.33 -30.27 23.90
C SER G 132 -12.14 -28.85 23.39
N ASP G 133 -10.92 -28.35 23.54
CA ASP G 133 -10.50 -27.09 22.94
C ASP G 133 -9.76 -27.31 21.62
N LYS G 134 -9.87 -28.50 21.04
CA LYS G 134 -9.19 -28.85 19.81
C LYS G 134 -10.03 -28.43 18.61
N SER G 135 -9.36 -27.99 17.54
CA SER G 135 -10.06 -27.53 16.35
C SER G 135 -9.17 -27.75 15.13
N VAL G 136 -9.80 -27.75 13.96
CA VAL G 136 -9.10 -27.85 12.69
C VAL G 136 -9.57 -26.72 11.78
N CYS G 137 -8.79 -26.45 10.74
CA CYS G 137 -9.12 -25.45 9.74
C CYS G 137 -9.36 -26.15 8.40
N LEU G 138 -10.35 -25.66 7.66
CA LEU G 138 -10.79 -26.31 6.43
C LEU G 138 -10.84 -25.28 5.31
N PHE G 139 -9.93 -25.42 4.35
CA PHE G 139 -9.99 -24.69 3.10
C PHE G 139 -10.78 -25.51 2.09
N THR G 140 -11.82 -24.93 1.52
CA THR G 140 -12.72 -25.69 0.66
C THR G 140 -13.31 -24.78 -0.40
N ASP G 141 -13.91 -25.42 -1.42
CA ASP G 141 -14.63 -24.74 -2.50
C ASP G 141 -13.73 -23.82 -3.32
N PHE G 142 -12.43 -24.10 -3.35
CA PHE G 142 -11.53 -23.33 -4.20
C PHE G 142 -11.39 -23.99 -5.57
N ASP G 143 -10.94 -23.19 -6.53
CA ASP G 143 -10.79 -23.69 -7.89
C ASP G 143 -9.63 -24.69 -7.98
N SER G 144 -9.77 -25.65 -8.90
CA SER G 144 -8.77 -26.69 -9.02
C SER G 144 -7.41 -26.17 -9.46
N GLN G 145 -7.35 -24.94 -9.99
CA GLN G 145 -6.07 -24.38 -10.39
C GLN G 145 -5.18 -24.06 -9.19
N THR G 146 -5.78 -23.67 -8.07
CA THR G 146 -5.00 -23.28 -6.90
C THR G 146 -4.44 -24.51 -6.20
N ASN G 147 -3.19 -24.40 -5.75
CA ASN G 147 -2.50 -25.49 -5.07
C ASN G 147 -2.29 -25.13 -3.60
N VAL G 148 -2.18 -26.17 -2.78
CA VAL G 148 -2.03 -26.03 -1.33
C VAL G 148 -0.58 -26.29 -0.95
N SER G 149 -0.02 -25.41 -0.13
CA SER G 149 1.36 -25.50 0.32
C SER G 149 1.46 -26.33 1.60
N GLN G 150 2.66 -26.88 1.82
CA GLN G 150 2.93 -27.66 3.01
C GLN G 150 3.30 -26.74 4.17
N SER G 151 3.60 -27.35 5.32
CA SER G 151 3.89 -26.59 6.53
C SER G 151 5.36 -26.21 6.60
N LYS G 152 5.61 -25.06 7.24
CA LYS G 152 6.96 -24.59 7.52
C LYS G 152 7.25 -24.55 9.01
N ASP G 153 6.29 -24.91 9.86
CA ASP G 153 6.48 -24.95 11.30
C ASP G 153 6.39 -26.39 11.79
N SER G 154 7.06 -26.66 12.91
CA SER G 154 7.14 -28.02 13.44
C SER G 154 5.85 -28.45 14.15
N ASP G 155 4.93 -27.53 14.44
CA ASP G 155 3.71 -27.85 15.15
C ASP G 155 2.46 -27.57 14.31
N VAL G 156 2.61 -27.44 13.00
CA VAL G 156 1.50 -27.18 12.09
C VAL G 156 1.49 -28.26 11.02
N TYR G 157 0.30 -28.71 10.64
CA TYR G 157 0.14 -29.76 9.65
C TYR G 157 -0.93 -29.35 8.65
N ILE G 158 -0.62 -29.50 7.36
CA ILE G 158 -1.55 -29.17 6.28
C ILE G 158 -1.60 -30.36 5.32
N THR G 159 -2.81 -30.80 5.00
CA THR G 159 -2.99 -31.87 4.04
C THR G 159 -3.19 -31.31 2.63
N ASP G 160 -2.83 -32.11 1.64
CA ASP G 160 -3.06 -31.73 0.27
C ASP G 160 -4.56 -31.78 -0.06
N LYS G 161 -4.92 -31.21 -1.21
CA LYS G 161 -6.31 -31.12 -1.60
C LYS G 161 -6.91 -32.51 -1.83
N CYS G 162 -8.11 -32.72 -1.28
CA CYS G 162 -8.90 -33.91 -1.54
C CYS G 162 -10.11 -33.52 -2.39
N VAL G 163 -10.49 -34.38 -3.33
CA VAL G 163 -11.58 -34.08 -4.25
C VAL G 163 -12.85 -34.76 -3.75
N LEU G 164 -13.82 -33.95 -3.30
CA LEU G 164 -15.09 -34.44 -2.82
C LEU G 164 -16.09 -34.53 -3.98
N ASP G 165 -17.20 -35.24 -3.75
CA ASP G 165 -18.21 -35.44 -4.78
C ASP G 165 -19.57 -35.70 -4.10
N MET G 166 -20.33 -34.62 -3.90
CA MET G 166 -21.77 -34.71 -3.66
C MET G 166 -22.42 -35.28 -4.91
N ARG G 167 -22.60 -36.60 -4.94
CA ARG G 167 -23.21 -37.30 -6.07
C ARG G 167 -24.67 -36.88 -6.29
N SER G 168 -25.44 -36.69 -5.22
CA SER G 168 -26.84 -36.28 -5.39
C SER G 168 -26.93 -34.84 -5.89
N MET G 169 -26.09 -33.96 -5.37
CA MET G 169 -26.10 -32.56 -5.76
C MET G 169 -25.40 -32.29 -7.09
N ASP G 170 -24.78 -33.31 -7.68
CA ASP G 170 -24.00 -33.17 -8.92
C ASP G 170 -22.95 -32.06 -8.77
N PHE G 171 -22.30 -32.04 -7.61
CA PHE G 171 -21.40 -30.95 -7.24
C PHE G 171 -20.17 -31.52 -6.56
N LYS G 172 -19.00 -31.24 -7.11
CA LYS G 172 -17.73 -31.64 -6.53
C LYS G 172 -17.10 -30.46 -5.79
N SER G 173 -16.05 -30.76 -5.03
CA SER G 173 -15.42 -29.75 -4.19
C SER G 173 -14.01 -30.18 -3.85
N ASN G 174 -13.05 -29.26 -4.04
CA ASN G 174 -11.68 -29.47 -3.57
C ASN G 174 -11.55 -28.88 -2.18
N SER G 175 -11.07 -29.69 -1.25
CA SER G 175 -10.96 -29.28 0.14
C SER G 175 -9.60 -29.63 0.70
N ALA G 176 -9.18 -28.87 1.71
CA ALA G 176 -7.91 -29.09 2.39
C ALA G 176 -8.08 -28.80 3.88
N VAL G 177 -7.37 -29.57 4.70
CA VAL G 177 -7.49 -29.50 6.15
C VAL G 177 -6.15 -29.12 6.75
N ALA G 178 -6.19 -28.26 7.78
CA ALA G 178 -5.01 -27.91 8.55
C ALA G 178 -5.39 -27.82 10.02
N TRP G 179 -4.42 -28.08 10.89
CA TRP G 179 -4.64 -28.00 12.33
C TRP G 179 -3.29 -27.85 13.02
N SER G 180 -3.35 -27.65 14.33
CA SER G 180 -2.15 -27.48 15.13
C SER G 180 -2.48 -27.68 16.59
N ASN G 181 -1.45 -27.95 17.39
CA ASN G 181 -1.58 -28.06 18.83
C ASN G 181 -1.09 -26.82 19.56
N LYS G 182 -0.50 -25.86 18.85
CA LYS G 182 -0.05 -24.63 19.47
C LYS G 182 -1.23 -23.72 19.81
N SER G 183 -1.02 -22.85 20.79
CA SER G 183 -2.06 -21.92 21.21
C SER G 183 -2.11 -20.65 20.35
N ASP G 184 -1.08 -20.39 19.55
CA ASP G 184 -1.04 -19.22 18.68
C ASP G 184 -1.45 -19.54 17.26
N PHE G 185 -2.07 -20.70 17.04
CA PHE G 185 -2.50 -21.09 15.70
C PHE G 185 -3.84 -20.46 15.38
N ALA G 186 -3.95 -19.88 14.18
CA ALA G 186 -5.18 -19.29 13.71
C ALA G 186 -5.47 -19.81 12.31
N CYS G 187 -6.76 -20.00 12.01
CA CYS G 187 -7.13 -20.55 10.71
C CYS G 187 -6.80 -19.57 9.59
N ALA G 188 -7.01 -18.28 9.82
CA ALA G 188 -6.67 -17.28 8.81
C ALA G 188 -5.16 -17.12 8.65
N ASN G 189 -4.38 -17.52 9.66
CA ASN G 189 -2.92 -17.48 9.54
C ASN G 189 -2.42 -18.62 8.67
N ALA G 190 -2.91 -19.83 8.91
CA ALA G 190 -2.56 -20.96 8.05
C ALA G 190 -3.24 -20.81 6.69
N PHE G 191 -2.94 -21.74 5.80
CA PHE G 191 -3.40 -21.73 4.41
C PHE G 191 -2.98 -20.49 3.64
N ASN G 192 -2.09 -19.67 4.21
CA ASN G 192 -1.66 -18.44 3.57
C ASN G 192 -0.37 -18.58 2.77
N ASN G 193 0.49 -19.55 3.11
CA ASN G 193 1.69 -19.78 2.31
C ASN G 193 1.35 -20.24 0.90
N SER G 194 0.18 -20.83 0.71
CA SER G 194 -0.27 -21.19 -0.63
C SER G 194 -0.91 -19.99 -1.32
N ILE G 195 -1.24 -20.18 -2.60
CA ILE G 195 -1.96 -19.15 -3.35
C ILE G 195 -3.36 -19.04 -2.76
N ILE G 196 -3.66 -17.91 -2.14
CA ILE G 196 -5.00 -17.63 -1.62
C ILE G 196 -5.71 -16.72 -2.60
N PRO G 197 -6.96 -16.98 -2.94
CA PRO G 197 -7.72 -16.03 -3.76
C PRO G 197 -8.04 -14.77 -2.97
N GLU G 198 -8.48 -13.76 -3.70
CA GLU G 198 -8.90 -12.51 -3.06
C GLU G 198 -10.39 -12.49 -2.73
N ASP G 199 -11.19 -13.30 -3.40
CA ASP G 199 -12.63 -13.39 -3.15
C ASP G 199 -12.98 -14.40 -2.07
N THR G 200 -12.03 -14.78 -1.24
CA THR G 200 -12.25 -15.89 -0.32
C THR G 200 -12.94 -15.41 0.96
N PHE G 201 -13.87 -16.22 1.45
CA PHE G 201 -14.65 -15.90 2.64
C PHE G 201 -13.89 -16.36 3.87
N PHE G 202 -13.45 -15.40 4.69
CA PHE G 202 -12.72 -15.68 5.93
C PHE G 202 -13.57 -15.30 7.13
N PRO G 203 -14.45 -16.18 7.59
CA PRO G 203 -15.34 -15.83 8.71
C PRO G 203 -14.56 -15.71 10.02
N SER G 204 -15.24 -15.11 11.00
CA SER G 204 -14.71 -15.01 12.35
C SER G 204 -15.51 -15.90 13.30
N PRO G 205 -14.86 -16.54 14.28
CA PRO G 205 -15.54 -17.40 15.23
C PRO G 205 -16.03 -16.64 16.47
N GLY H 1 -11.92 -66.61 -7.36
CA GLY H 1 -11.08 -65.46 -7.60
C GLY H 1 -9.70 -65.61 -6.97
N ILE H 2 -8.86 -64.60 -7.13
CA ILE H 2 -7.52 -64.61 -6.55
C ILE H 2 -7.58 -63.98 -5.17
N THR H 3 -7.08 -64.70 -4.17
CA THR H 3 -7.13 -64.29 -2.78
C THR H 3 -5.70 -64.19 -2.24
N GLN H 4 -5.44 -63.13 -1.47
CA GLN H 4 -4.15 -62.94 -0.82
C GLN H 4 -4.34 -62.93 0.69
N SER H 5 -3.39 -63.55 1.39
CA SER H 5 -3.39 -63.61 2.85
C SER H 5 -1.96 -63.65 3.36
N PRO H 6 -1.57 -62.71 4.24
CA PRO H 6 -2.44 -61.65 4.78
C PRO H 6 -2.51 -60.44 3.85
N ARG H 7 -3.55 -59.61 4.02
CA ARG H 7 -3.65 -58.36 3.28
C ARG H 7 -2.79 -57.27 3.89
N TYR H 8 -2.60 -57.32 5.21
CA TYR H 8 -1.72 -56.40 5.92
C TYR H 8 -0.90 -57.20 6.92
N LYS H 9 0.38 -56.86 7.05
CA LYS H 9 1.26 -57.61 7.94
C LYS H 9 2.41 -56.72 8.40
N ILE H 10 2.80 -56.90 9.65
CA ILE H 10 3.98 -56.26 10.23
C ILE H 10 4.92 -57.35 10.70
N THR H 11 6.18 -57.27 10.30
CA THR H 11 7.17 -58.28 10.65
C THR H 11 8.45 -57.62 11.13
N GLU H 12 9.18 -58.35 11.95
CA GLU H 12 10.44 -57.91 12.50
C GLU H 12 11.59 -58.30 11.56
N THR H 13 12.68 -57.55 11.64
CA THR H 13 13.85 -57.85 10.82
C THR H 13 14.46 -59.18 11.23
N GLY H 14 14.78 -60.01 10.25
CA GLY H 14 15.34 -61.32 10.51
C GLY H 14 14.34 -62.43 10.68
N ARG H 15 13.04 -62.14 10.55
CA ARG H 15 11.99 -63.13 10.70
C ARG H 15 11.57 -63.68 9.33
N GLN H 16 11.01 -64.89 9.35
CA GLN H 16 10.51 -65.53 8.15
C GLN H 16 9.00 -65.36 8.07
N VAL H 17 8.53 -64.82 6.94
CA VAL H 17 7.11 -64.55 6.73
C VAL H 17 6.70 -65.11 5.38
N THR H 18 5.44 -65.53 5.30
CA THR H 18 4.89 -66.14 4.10
C THR H 18 3.58 -65.48 3.74
N LEU H 19 3.42 -65.13 2.47
CA LEU H 19 2.18 -64.56 1.94
C LEU H 19 1.48 -65.62 1.10
N MET H 20 0.20 -65.84 1.38
CA MET H 20 -0.56 -66.86 0.68
C MET H 20 -1.24 -66.27 -0.55
N CYS H 21 -1.52 -67.15 -1.52
CA CYS H 21 -2.26 -66.76 -2.72
C CYS H 21 -3.10 -67.94 -3.17
N HIS H 22 -4.41 -67.73 -3.26
CA HIS H 22 -5.36 -68.77 -3.61
C HIS H 22 -6.18 -68.33 -4.81
N GLN H 23 -6.45 -69.27 -5.72
CA GLN H 23 -7.27 -68.99 -6.90
C GLN H 23 -8.13 -70.20 -7.20
N THR H 24 -9.37 -69.95 -7.63
CA THR H 24 -10.36 -71.00 -7.84
C THR H 24 -10.62 -71.30 -9.31
N TRP H 25 -9.78 -70.79 -10.22
CA TRP H 25 -9.98 -70.93 -11.65
C TRP H 25 -9.15 -72.03 -12.27
N SER H 26 -8.42 -72.81 -11.47
CA SER H 26 -7.52 -73.85 -11.97
C SER H 26 -6.53 -73.29 -12.99
N HIS H 27 -6.04 -72.08 -12.74
CA HIS H 27 -5.10 -71.45 -13.65
C HIS H 27 -3.72 -72.09 -13.54
N SER H 28 -3.11 -72.35 -14.70
CA SER H 28 -1.79 -72.98 -14.70
C SER H 28 -0.70 -72.01 -14.27
N TYR H 29 -0.74 -70.78 -14.77
CA TYR H 29 0.29 -69.78 -14.46
C TYR H 29 -0.11 -68.97 -13.23
N MET H 30 0.86 -68.73 -12.36
CA MET H 30 0.69 -67.84 -11.21
C MET H 30 1.96 -67.02 -11.03
N PHE H 31 1.79 -65.82 -10.48
CA PHE H 31 2.87 -64.85 -10.41
C PHE H 31 2.90 -64.19 -9.04
N TRP H 32 4.06 -63.62 -8.72
CA TRP H 32 4.24 -62.80 -7.52
C TRP H 32 4.97 -61.53 -7.90
N TYR H 33 4.37 -60.39 -7.60
CA TYR H 33 4.94 -59.08 -7.89
C TYR H 33 5.09 -58.27 -6.61
N ARG H 34 6.13 -57.44 -6.57
CA ARG H 34 6.27 -56.41 -5.54
C ARG H 34 6.18 -55.05 -6.22
N GLN H 35 5.35 -54.16 -5.66
CA GLN H 35 5.20 -52.84 -6.25
C GLN H 35 5.86 -51.78 -5.37
N ASP H 36 7.18 -51.88 -5.22
CA ASP H 36 7.94 -50.83 -4.54
C ASP H 36 7.84 -49.56 -5.36
N LEU H 37 7.14 -48.55 -4.85
CA LEU H 37 6.89 -47.33 -5.63
C LEU H 37 8.18 -46.68 -6.06
N GLY H 38 8.35 -46.51 -7.38
CA GLY H 38 9.57 -46.03 -7.97
C GLY H 38 10.22 -47.03 -8.91
N HIS H 39 9.68 -48.24 -8.98
CA HIS H 39 10.20 -49.29 -9.84
C HIS H 39 9.12 -50.00 -10.65
N GLY H 40 7.84 -49.78 -10.36
CA GLY H 40 6.78 -50.46 -11.07
C GLY H 40 6.43 -51.79 -10.44
N LEU H 41 5.91 -52.69 -11.28
CA LEU H 41 5.54 -54.04 -10.86
C LEU H 41 6.67 -54.98 -11.25
N ARG H 42 7.57 -55.26 -10.32
CA ARG H 42 8.71 -56.13 -10.57
C ARG H 42 8.38 -57.57 -10.20
N LEU H 43 8.77 -58.49 -11.07
CA LEU H 43 8.42 -59.89 -10.89
C LEU H 43 9.42 -60.58 -9.97
N ILE H 44 8.92 -61.22 -8.91
CA ILE H 44 9.75 -61.92 -7.93
C ILE H 44 9.95 -63.36 -8.38
N TYR H 45 8.84 -64.10 -8.43
CA TYR H 45 8.85 -65.48 -8.91
C TYR H 45 7.57 -65.71 -9.71
N TYR H 46 7.62 -66.70 -10.59
CA TYR H 46 6.44 -67.12 -11.32
C TYR H 46 6.45 -68.63 -11.50
N SER H 47 5.25 -69.21 -11.59
CA SER H 47 5.07 -70.65 -11.71
C SER H 47 4.20 -70.93 -12.94
N ALA H 48 4.75 -71.65 -13.91
CA ALA H 48 4.03 -72.03 -15.12
C ALA H 48 2.98 -73.11 -14.88
N ALA H 49 3.15 -73.94 -13.85
CA ALA H 49 2.21 -75.00 -13.51
C ALA H 49 2.61 -75.54 -12.14
N ALA H 50 2.01 -76.65 -11.74
CA ALA H 50 2.37 -77.27 -10.47
C ALA H 50 3.77 -77.88 -10.55
N ASP H 51 4.50 -77.79 -9.45
CA ASP H 51 5.85 -78.34 -9.31
C ASP H 51 6.86 -77.67 -10.25
N ILE H 52 6.54 -76.46 -10.72
CA ILE H 52 7.41 -75.71 -11.62
C ILE H 52 7.47 -74.28 -11.12
N THR H 53 8.65 -73.84 -10.69
CA THR H 53 8.88 -72.46 -10.29
C THR H 53 10.14 -71.92 -10.98
N ASP H 54 10.10 -70.64 -11.31
CA ASP H 54 11.23 -70.01 -11.99
C ASP H 54 11.43 -68.60 -11.43
N LYS H 55 12.67 -68.14 -11.49
CA LYS H 55 13.02 -66.84 -10.92
C LYS H 55 12.47 -65.70 -11.78
N GLY H 56 12.33 -64.54 -11.15
CA GLY H 56 11.95 -63.34 -11.84
C GLY H 56 13.11 -62.36 -11.96
N GLU H 57 12.80 -61.06 -11.91
CA GLU H 57 13.85 -60.05 -11.93
C GLU H 57 14.34 -59.66 -10.54
N VAL H 58 13.55 -59.91 -9.50
CA VAL H 58 13.95 -59.57 -8.13
C VAL H 58 13.74 -60.75 -7.19
N PRO H 59 14.35 -61.91 -7.44
CA PRO H 59 14.10 -63.09 -6.60
C PRO H 59 14.97 -63.18 -5.35
N ASP H 60 16.03 -62.38 -5.25
CA ASP H 60 16.94 -62.46 -4.11
C ASP H 60 16.20 -62.12 -2.82
N GLY H 61 16.19 -63.05 -1.87
CA GLY H 61 15.51 -62.87 -0.62
C GLY H 61 14.15 -63.54 -0.53
N TYR H 62 13.71 -64.22 -1.59
CA TYR H 62 12.42 -64.87 -1.62
C TYR H 62 12.57 -66.30 -2.12
N VAL H 63 11.68 -67.18 -1.64
CA VAL H 63 11.51 -68.51 -2.18
C VAL H 63 10.02 -68.76 -2.34
N VAL H 64 9.68 -69.70 -3.23
CA VAL H 64 8.30 -70.06 -3.51
C VAL H 64 8.21 -71.57 -3.69
N SER H 65 6.97 -72.03 -3.85
CA SER H 65 6.69 -73.41 -4.20
C SER H 65 5.31 -73.46 -4.82
N ARG H 66 5.05 -74.53 -5.59
CA ARG H 66 3.77 -74.70 -6.27
C ARG H 66 3.43 -76.20 -6.25
N SER H 67 3.08 -76.70 -5.07
CA SER H 67 2.66 -78.09 -4.96
C SER H 67 1.27 -78.29 -5.55
N LYS H 68 0.39 -77.30 -5.39
CA LYS H 68 -0.97 -77.37 -5.90
C LYS H 68 -1.19 -76.26 -6.92
N THR H 69 -2.17 -76.48 -7.80
CA THR H 69 -2.49 -75.49 -8.82
C THR H 69 -3.03 -74.20 -8.20
N GLU H 70 -3.78 -74.31 -7.11
CA GLU H 70 -4.52 -73.17 -6.58
C GLU H 70 -3.72 -72.32 -5.59
N ASN H 71 -2.55 -72.78 -5.15
CA ASN H 71 -1.79 -72.07 -4.12
C ASN H 71 -0.39 -71.74 -4.63
N PHE H 72 0.10 -70.56 -4.26
CA PHE H 72 1.42 -70.09 -4.64
C PHE H 72 2.01 -69.30 -3.48
N PRO H 73 2.50 -69.97 -2.44
CA PRO H 73 2.99 -69.24 -1.26
C PRO H 73 4.34 -68.59 -1.51
N LEU H 74 4.41 -67.30 -1.22
CA LEU H 74 5.65 -66.54 -1.28
C LEU H 74 6.22 -66.40 0.12
N THR H 75 7.48 -66.77 0.30
CA THR H 75 8.12 -66.78 1.60
C THR H 75 9.35 -65.87 1.57
N LEU H 76 9.49 -65.05 2.60
CA LEU H 76 10.68 -64.25 2.82
C LEU H 76 11.58 -65.00 3.80
N GLU H 77 12.79 -65.35 3.36
CA GLU H 77 13.71 -66.13 4.19
C GLU H 77 14.06 -65.37 5.47
N SER H 78 14.70 -64.22 5.33
CA SER H 78 15.03 -63.36 6.46
C SER H 78 14.59 -61.95 6.09
N ALA H 79 13.59 -61.43 6.80
CA ALA H 79 13.00 -60.15 6.45
C ALA H 79 14.02 -59.03 6.57
N THR H 80 13.98 -58.09 5.62
CA THR H 80 14.85 -56.93 5.59
C THR H 80 14.01 -55.68 5.35
N ARG H 81 14.56 -54.53 5.76
CA ARG H 81 13.87 -53.26 5.54
C ARG H 81 13.59 -53.04 4.05
N SER H 82 14.49 -53.47 3.17
CA SER H 82 14.29 -53.30 1.74
C SER H 82 13.12 -54.10 1.21
N GLN H 83 12.69 -55.13 1.93
CA GLN H 83 11.55 -55.93 1.50
C GLN H 83 10.21 -55.33 1.91
N THR H 84 10.22 -54.15 2.54
CA THR H 84 8.99 -53.42 2.81
C THR H 84 8.41 -52.94 1.48
N SER H 85 7.21 -53.41 1.14
CA SER H 85 6.60 -53.10 -0.14
C SER H 85 5.15 -53.59 -0.13
N VAL H 86 4.47 -53.35 -1.24
CA VAL H 86 3.17 -53.92 -1.51
C VAL H 86 3.37 -55.09 -2.47
N TYR H 87 2.93 -56.27 -2.06
CA TYR H 87 3.11 -57.49 -2.85
C TYR H 87 1.81 -57.87 -3.54
N PHE H 88 1.88 -58.16 -4.83
CA PHE H 88 0.72 -58.48 -5.64
C PHE H 88 0.88 -59.86 -6.24
N CYS H 89 -0.10 -60.73 -6.00
CA CYS H 89 -0.17 -62.03 -6.65
C CYS H 89 -1.01 -61.95 -7.91
N ALA H 90 -0.78 -62.89 -8.82
CA ALA H 90 -1.50 -62.88 -10.09
C ALA H 90 -1.50 -64.28 -10.67
N SER H 91 -2.52 -64.58 -11.48
CA SER H 91 -2.63 -65.86 -12.14
C SER H 91 -3.07 -65.64 -13.59
N SER H 92 -2.86 -66.68 -14.40
CA SER H 92 -3.24 -66.64 -15.80
C SER H 92 -3.78 -68.00 -16.21
N GLY H 93 -4.95 -68.01 -16.84
CA GLY H 93 -5.48 -69.22 -17.43
C GLY H 93 -4.86 -69.46 -18.79
N VAL H 94 -5.34 -68.73 -19.78
CA VAL H 94 -4.71 -68.68 -21.10
C VAL H 94 -3.91 -67.37 -21.18
N PRO H 95 -2.61 -67.42 -21.43
CA PRO H 95 -1.81 -66.18 -21.47
C PRO H 95 -2.30 -65.25 -22.56
N PRO H 96 -2.01 -63.94 -22.46
CA PRO H 96 -1.20 -63.32 -21.41
C PRO H 96 -1.99 -62.59 -20.33
N VAL H 97 -3.33 -62.61 -20.43
CA VAL H 97 -4.16 -61.85 -19.51
C VAL H 97 -3.90 -62.32 -18.09
N GLN H 98 -3.46 -61.40 -17.23
CA GLN H 98 -3.14 -61.70 -15.84
C GLN H 98 -4.20 -61.07 -14.94
N PHE H 99 -4.93 -61.90 -14.22
CA PHE H 99 -5.82 -61.42 -13.16
C PHE H 99 -5.00 -61.24 -11.90
N PHE H 100 -5.28 -60.17 -11.16
CA PHE H 100 -4.48 -59.79 -10.00
C PHE H 100 -5.28 -59.92 -8.71
N GLY H 101 -4.56 -60.00 -7.60
CA GLY H 101 -5.16 -60.05 -6.29
C GLY H 101 -5.25 -58.67 -5.67
N PRO H 102 -5.82 -58.59 -4.46
CA PRO H 102 -6.00 -57.27 -3.82
C PRO H 102 -4.70 -56.65 -3.37
N GLY H 103 -3.65 -57.44 -3.15
CA GLY H 103 -2.38 -56.91 -2.71
C GLY H 103 -2.16 -57.12 -1.21
N THR H 104 -0.88 -57.13 -0.83
CA THR H 104 -0.46 -57.29 0.55
C THR H 104 0.52 -56.19 0.89
N ARG H 105 0.16 -55.36 1.86
CA ARG H 105 1.06 -54.31 2.35
C ARG H 105 1.85 -54.87 3.53
N LEU H 106 3.14 -55.11 3.31
CA LEU H 106 4.03 -55.65 4.32
C LEU H 106 5.02 -54.57 4.75
N THR H 107 5.17 -54.40 6.07
CA THR H 107 6.10 -53.44 6.64
C THR H 107 7.11 -54.18 7.51
N VAL H 108 8.39 -53.97 7.22
CA VAL H 108 9.47 -54.62 7.95
C VAL H 108 10.11 -53.60 8.88
N LEU H 109 10.07 -53.87 10.18
CA LEU H 109 10.58 -52.97 11.19
C LEU H 109 11.69 -53.65 11.99
N GLU H 110 12.56 -52.83 12.58
CA GLU H 110 13.58 -53.33 13.48
C GLU H 110 13.13 -53.30 14.93
N ASP H 111 12.26 -52.35 15.29
CA ASP H 111 11.68 -52.26 16.61
C ASP H 111 10.16 -52.20 16.47
N LEU H 112 9.45 -53.00 17.28
CA LEU H 112 8.00 -53.00 17.25
C LEU H 112 7.39 -51.94 18.16
N ASN H 113 8.18 -51.29 19.01
CA ASN H 113 7.66 -50.21 19.82
C ASN H 113 7.30 -48.98 18.99
N LYS H 114 7.76 -48.90 17.74
CA LYS H 114 7.36 -47.83 16.85
C LYS H 114 5.93 -47.95 16.38
N VAL H 115 5.31 -49.11 16.56
CA VAL H 115 3.91 -49.29 16.15
C VAL H 115 2.99 -48.56 17.10
N PHE H 116 2.01 -47.85 16.55
CA PHE H 116 1.05 -47.09 17.35
C PHE H 116 -0.31 -47.10 16.69
N PRO H 117 -1.38 -47.27 17.46
CA PRO H 117 -2.74 -47.16 16.90
C PRO H 117 -3.13 -45.71 16.74
N PRO H 118 -4.12 -45.42 15.91
CA PRO H 118 -4.52 -44.03 15.69
C PRO H 118 -5.49 -43.53 16.76
N GLU H 119 -5.44 -42.23 16.99
CA GLU H 119 -6.44 -41.52 17.77
C GLU H 119 -7.34 -40.77 16.78
N VAL H 120 -8.64 -41.03 16.86
CA VAL H 120 -9.60 -40.51 15.90
C VAL H 120 -10.45 -39.43 16.56
N ALA H 121 -10.63 -38.32 15.85
CA ALA H 121 -11.49 -37.23 16.31
C ALA H 121 -12.32 -36.73 15.13
N VAL H 122 -13.58 -36.39 15.40
CA VAL H 122 -14.48 -35.85 14.39
C VAL H 122 -14.81 -34.42 14.77
N PHE H 123 -14.78 -33.53 13.78
CA PHE H 123 -15.03 -32.11 14.00
C PHE H 123 -16.30 -31.70 13.27
N GLU H 124 -17.15 -30.96 13.98
CA GLU H 124 -18.46 -30.59 13.46
C GLU H 124 -18.35 -29.47 12.44
N PRO H 125 -19.25 -29.45 11.45
CA PRO H 125 -19.23 -28.36 10.47
C PRO H 125 -19.37 -27.00 11.13
N SER H 126 -18.72 -26.00 10.52
CA SER H 126 -18.74 -24.66 11.07
C SER H 126 -20.09 -24.00 10.83
N GLU H 127 -20.41 -23.04 11.70
CA GLU H 127 -21.68 -22.33 11.56
C GLU H 127 -21.69 -21.42 10.34
N ALA H 128 -20.52 -20.92 9.94
CA ALA H 128 -20.44 -20.03 8.80
C ALA H 128 -20.65 -20.78 7.48
N GLU H 129 -20.20 -22.03 7.41
CA GLU H 129 -20.33 -22.80 6.17
C GLU H 129 -21.80 -23.05 5.83
N ILE H 130 -22.65 -23.24 6.84
CA ILE H 130 -24.06 -23.49 6.58
C ILE H 130 -24.73 -22.23 6.01
N SER H 131 -24.41 -21.08 6.59
CA SER H 131 -24.99 -19.83 6.10
C SER H 131 -24.40 -19.39 4.77
N HIS H 132 -23.23 -19.91 4.40
CA HIS H 132 -22.53 -19.46 3.21
C HIS H 132 -22.74 -20.37 2.01
N THR H 133 -22.90 -21.68 2.22
CA THR H 133 -23.03 -22.62 1.13
C THR H 133 -24.25 -23.53 1.25
N GLN H 134 -25.00 -23.46 2.34
CA GLN H 134 -26.11 -24.39 2.61
C GLN H 134 -25.63 -25.84 2.55
N LYS H 135 -24.36 -26.07 2.89
CA LYS H 135 -23.79 -27.39 2.99
C LYS H 135 -22.99 -27.49 4.28
N ALA H 136 -22.80 -28.72 4.75
CA ALA H 136 -22.10 -28.98 6.01
C ALA H 136 -21.00 -30.00 5.77
N THR H 137 -19.77 -29.64 6.09
CA THR H 137 -18.61 -30.50 5.90
C THR H 137 -18.15 -31.00 7.27
N LEU H 138 -18.27 -32.31 7.49
CA LEU H 138 -17.64 -32.95 8.63
C LEU H 138 -16.21 -33.30 8.28
N VAL H 139 -15.33 -33.22 9.28
CA VAL H 139 -13.91 -33.51 9.08
C VAL H 139 -13.48 -34.54 10.11
N CYS H 140 -12.81 -35.59 9.64
CA CYS H 140 -12.22 -36.60 10.50
C CYS H 140 -10.71 -36.44 10.51
N LEU H 141 -10.09 -36.86 11.61
CA LEU H 141 -8.65 -36.68 11.79
C LEU H 141 -8.12 -37.82 12.64
N ALA H 142 -7.32 -38.69 12.04
CA ALA H 142 -6.65 -39.77 12.74
C ALA H 142 -5.17 -39.45 12.83
N THR H 143 -4.63 -39.45 14.05
CA THR H 143 -3.27 -38.99 14.29
C THR H 143 -2.48 -40.02 15.09
N GLY H 144 -1.16 -39.90 15.01
CA GLY H 144 -0.28 -40.66 15.85
C GLY H 144 -0.18 -42.14 15.56
N PHE H 145 -0.51 -42.59 14.36
CA PHE H 145 -0.49 -44.00 14.04
C PHE H 145 0.74 -44.37 13.23
N PHE H 146 1.24 -45.59 13.47
CA PHE H 146 2.32 -46.17 12.69
C PHE H 146 2.21 -47.70 12.70
N PRO H 147 2.38 -48.38 11.56
CA PRO H 147 2.70 -47.74 10.28
C PRO H 147 1.45 -47.30 9.51
N ASP H 148 1.61 -47.09 8.21
CA ASP H 148 0.52 -46.67 7.33
C ASP H 148 -0.35 -47.84 6.91
N HIS H 149 -0.96 -48.50 7.90
CA HIS H 149 -1.91 -49.57 7.60
C HIS H 149 -3.30 -49.18 8.11
N VAL H 150 -3.87 -48.14 7.51
CA VAL H 150 -5.14 -47.60 7.98
C VAL H 150 -6.12 -47.50 6.84
N GLU H 151 -7.40 -47.71 7.16
CA GLU H 151 -8.50 -47.51 6.23
C GLU H 151 -9.57 -46.67 6.91
N LEU H 152 -10.20 -45.79 6.14
CA LEU H 152 -11.16 -44.85 6.69
C LEU H 152 -12.50 -44.97 5.97
N SER H 153 -13.57 -44.96 6.75
CA SER H 153 -14.93 -45.02 6.21
C SER H 153 -15.82 -44.10 7.03
N TRP H 154 -16.92 -43.68 6.41
CA TRP H 154 -17.92 -42.84 7.05
C TRP H 154 -19.23 -43.61 7.16
N TRP H 155 -19.88 -43.53 8.31
CA TRP H 155 -21.13 -44.22 8.58
C TRP H 155 -22.13 -43.23 9.14
N VAL H 156 -23.33 -43.19 8.56
CA VAL H 156 -24.43 -42.40 9.10
C VAL H 156 -25.62 -43.33 9.35
N ASN H 157 -26.23 -43.17 10.53
CA ASN H 157 -27.42 -43.95 10.92
C ASN H 157 -27.20 -45.44 10.72
N GLY H 158 -26.01 -45.92 11.06
CA GLY H 158 -25.70 -47.34 11.03
C GLY H 158 -25.29 -47.90 9.68
N LYS H 159 -25.45 -47.15 8.60
CA LYS H 159 -25.09 -47.61 7.26
C LYS H 159 -23.94 -46.77 6.72
N GLU H 160 -23.06 -47.42 5.95
CA GLU H 160 -21.93 -46.73 5.36
C GLU H 160 -22.38 -45.88 4.18
N VAL H 161 -21.65 -44.79 3.94
CA VAL H 161 -22.00 -43.83 2.91
C VAL H 161 -20.78 -43.56 2.04
N HIS H 162 -21.04 -43.05 0.83
CA HIS H 162 -19.98 -42.77 -0.11
C HIS H 162 -20.14 -41.40 -0.75
N SER H 163 -21.39 -40.96 -0.91
CA SER H 163 -21.67 -39.63 -1.42
C SER H 163 -21.11 -38.58 -0.46
N GLY H 164 -20.16 -37.79 -0.94
CA GLY H 164 -19.58 -36.73 -0.14
C GLY H 164 -18.35 -37.11 0.66
N VAL H 165 -17.90 -38.35 0.57
CA VAL H 165 -16.70 -38.78 1.29
C VAL H 165 -15.46 -38.28 0.57
N CYS H 166 -14.48 -37.82 1.35
CA CYS H 166 -13.24 -37.27 0.79
C CYS H 166 -12.09 -37.60 1.74
N THR H 167 -11.38 -38.68 1.48
CA THR H 167 -10.25 -39.09 2.29
C THR H 167 -8.94 -38.68 1.62
N ASP H 168 -7.96 -38.30 2.43
CA ASP H 168 -6.65 -37.94 1.90
C ASP H 168 -6.10 -39.09 1.07
N PRO H 169 -5.60 -38.83 -0.14
CA PRO H 169 -5.00 -39.92 -0.93
C PRO H 169 -3.78 -40.53 -0.27
N GLN H 170 -2.88 -39.70 0.24
CA GLN H 170 -1.66 -40.14 0.89
C GLN H 170 -1.62 -39.63 2.33
N PRO H 171 -1.10 -40.43 3.26
CA PRO H 171 -0.98 -39.96 4.66
C PRO H 171 -0.03 -38.79 4.78
N LEU H 172 0.01 -38.23 5.98
CA LEU H 172 0.84 -37.08 6.30
C LEU H 172 1.81 -37.46 7.41
N LYS H 173 3.11 -37.30 7.14
CA LYS H 173 4.13 -37.56 8.14
C LYS H 173 4.09 -36.48 9.20
N GLU H 174 3.83 -36.87 10.45
CA GLU H 174 3.74 -35.88 11.54
C GLU H 174 5.06 -35.16 11.73
N GLN H 175 6.16 -35.91 11.78
CA GLN H 175 7.50 -35.33 11.89
C GLN H 175 8.32 -35.81 10.70
N PRO H 176 8.39 -35.04 9.62
CA PRO H 176 9.09 -35.51 8.41
C PRO H 176 10.57 -35.78 8.63
N ALA H 177 11.15 -35.32 9.73
CA ALA H 177 12.58 -35.53 9.98
C ALA H 177 12.85 -36.89 10.60
N LEU H 178 11.94 -37.38 11.45
CA LEU H 178 12.16 -38.64 12.12
C LEU H 178 11.99 -39.82 11.16
N ASN H 179 12.91 -40.78 11.26
CA ASN H 179 12.75 -42.02 10.53
C ASN H 179 11.67 -42.88 11.18
N ASP H 180 10.79 -43.45 10.36
CA ASP H 180 9.65 -44.22 10.83
C ASP H 180 8.75 -43.39 11.74
N SER H 181 8.55 -42.12 11.37
CA SER H 181 7.71 -41.24 12.15
C SER H 181 6.24 -41.65 12.04
N ARG H 182 5.46 -41.23 13.02
CA ARG H 182 4.03 -41.51 13.03
C ARG H 182 3.32 -40.61 12.03
N TYR H 183 2.15 -41.06 11.57
CA TYR H 183 1.44 -40.41 10.49
C TYR H 183 0.10 -39.86 10.97
N ALA H 184 -0.47 -38.99 10.14
CA ALA H 184 -1.80 -38.45 10.34
C ALA H 184 -2.58 -38.52 9.03
N LEU H 185 -3.90 -38.59 9.14
CA LEU H 185 -4.77 -38.73 7.97
C LEU H 185 -6.04 -37.92 8.18
N SER H 186 -6.50 -37.26 7.11
CA SER H 186 -7.70 -36.46 7.14
C SER H 186 -8.75 -37.04 6.19
N SER H 187 -10.01 -36.76 6.49
CA SER H 187 -11.12 -37.13 5.62
C SER H 187 -12.26 -36.17 5.85
N ARG H 188 -13.10 -36.00 4.81
CA ARG H 188 -14.22 -35.08 4.87
C ARG H 188 -15.49 -35.80 4.44
N LEU H 189 -16.61 -35.42 5.06
CA LEU H 189 -17.94 -35.89 4.70
C LEU H 189 -18.84 -34.67 4.59
N ARG H 190 -19.31 -34.38 3.38
CA ARG H 190 -20.15 -33.22 3.14
C ARG H 190 -21.56 -33.66 2.81
N VAL H 191 -22.53 -33.10 3.55
CA VAL H 191 -23.94 -33.37 3.35
C VAL H 191 -24.66 -32.03 3.22
N SER H 192 -25.95 -32.09 2.89
CA SER H 192 -26.73 -30.87 2.79
C SER H 192 -26.90 -30.24 4.17
N ALA H 193 -27.26 -28.96 4.17
CA ALA H 193 -27.46 -28.24 5.42
C ALA H 193 -28.58 -28.89 6.23
N THR H 194 -29.76 -29.05 5.63
CA THR H 194 -30.91 -29.59 6.34
C THR H 194 -30.64 -30.99 6.89
N PHE H 195 -29.73 -31.73 6.26
CA PHE H 195 -29.42 -33.07 6.77
C PHE H 195 -28.59 -32.99 8.05
N TRP H 196 -27.63 -32.06 8.10
CA TRP H 196 -26.81 -31.90 9.30
C TRP H 196 -27.58 -31.21 10.42
N GLN H 197 -28.51 -30.31 10.08
N GLN H 197 -28.52 -30.32 10.08
CA GLN H 197 -29.31 -29.64 11.09
CA GLN H 197 -29.31 -29.64 11.09
C GLN H 197 -30.29 -30.58 11.80
C GLN H 197 -30.32 -30.56 11.76
N ASN H 198 -30.40 -31.83 11.34
CA ASN H 198 -31.26 -32.82 11.97
C ASN H 198 -30.52 -33.44 13.14
N PRO H 199 -30.96 -33.19 14.38
CA PRO H 199 -30.26 -33.73 15.56
C PRO H 199 -30.39 -35.23 15.73
N ARG H 200 -31.16 -35.91 14.88
CA ARG H 200 -31.33 -37.35 14.97
C ARG H 200 -30.38 -38.13 14.07
N ASN H 201 -29.61 -37.45 13.23
CA ASN H 201 -28.63 -38.12 12.39
C ASN H 201 -27.35 -38.37 13.17
N HIS H 202 -26.87 -39.61 13.12
CA HIS H 202 -25.67 -40.03 13.84
C HIS H 202 -24.57 -40.30 12.84
N PHE H 203 -23.47 -39.56 12.95
CA PHE H 203 -22.33 -39.70 12.05
C PHE H 203 -21.19 -40.39 12.79
N ARG H 204 -20.49 -41.29 12.11
CA ARG H 204 -19.34 -41.98 12.68
C ARG H 204 -18.22 -42.05 11.66
N CYS H 205 -17.02 -41.68 12.08
CA CYS H 205 -15.82 -41.86 11.27
C CYS H 205 -15.09 -43.10 11.75
N GLN H 206 -15.12 -44.15 10.95
CA GLN H 206 -14.56 -45.44 11.32
C GLN H 206 -13.20 -45.61 10.68
N VAL H 207 -12.16 -45.76 11.50
CA VAL H 207 -10.79 -45.88 11.03
C VAL H 207 -10.29 -47.27 11.38
N GLN H 208 -10.10 -48.11 10.37
CA GLN H 208 -9.56 -49.45 10.54
C GLN H 208 -8.03 -49.38 10.56
N PHE H 209 -7.42 -49.91 11.61
CA PHE H 209 -5.98 -49.91 11.76
C PHE H 209 -5.47 -51.34 11.82
N TYR H 210 -4.40 -51.62 11.09
CA TYR H 210 -3.76 -52.94 11.07
C TYR H 210 -2.41 -52.83 11.75
N GLY H 211 -2.28 -53.50 12.90
CA GLY H 211 -1.04 -53.47 13.64
C GLY H 211 -0.49 -54.85 13.90
N LEU H 212 0.04 -55.07 15.10
CA LEU H 212 0.53 -56.38 15.47
C LEU H 212 -0.64 -57.37 15.59
N SER H 213 -0.32 -58.65 15.44
CA SER H 213 -1.31 -59.69 15.67
C SER H 213 -1.28 -60.12 17.13
N GLU H 214 -2.40 -60.71 17.58
CA GLU H 214 -2.52 -61.15 18.96
C GLU H 214 -1.48 -62.21 19.33
N ASN H 215 -0.78 -62.77 18.34
CA ASN H 215 0.31 -63.72 18.62
C ASN H 215 1.56 -63.02 19.09
N ASP H 216 1.84 -61.82 18.55
CA ASP H 216 3.11 -61.15 18.77
C ASP H 216 3.34 -60.84 20.24
N GLU H 217 4.60 -60.62 20.58
CA GLU H 217 5.04 -60.38 21.96
C GLU H 217 5.20 -58.88 22.20
N TRP H 218 4.78 -58.43 23.38
CA TRP H 218 4.83 -57.02 23.76
C TRP H 218 5.52 -56.90 25.10
N THR H 219 6.60 -56.13 25.15
CA THR H 219 7.43 -56.01 26.34
C THR H 219 7.28 -54.66 27.03
N GLN H 220 6.31 -53.85 26.61
CA GLN H 220 6.11 -52.52 27.18
C GLN H 220 4.82 -52.49 28.03
N ASP H 221 4.62 -51.35 28.69
CA ASP H 221 3.47 -51.19 29.57
C ASP H 221 2.22 -50.78 28.80
N ARG H 222 2.37 -50.05 27.71
CA ARG H 222 1.20 -49.64 26.92
C ARG H 222 0.57 -50.85 26.25
N ALA H 223 -0.70 -50.69 25.87
CA ALA H 223 -1.43 -51.78 25.24
C ALA H 223 -0.80 -52.14 23.91
N LYS H 224 -0.88 -53.43 23.57
CA LYS H 224 -0.25 -53.92 22.35
C LYS H 224 -0.93 -53.30 21.13
N PRO H 225 -0.19 -52.57 20.28
CA PRO H 225 -0.82 -51.91 19.13
C PRO H 225 -1.30 -52.91 18.10
N VAL H 226 -2.46 -53.51 18.35
CA VAL H 226 -2.96 -54.60 17.53
C VAL H 226 -3.93 -54.06 16.49
N THR H 227 -4.24 -54.89 15.50
CA THR H 227 -5.24 -54.58 14.49
C THR H 227 -6.60 -54.35 15.14
N GLN H 228 -7.07 -53.11 15.11
CA GLN H 228 -8.28 -52.72 15.81
C GLN H 228 -9.01 -51.65 15.00
N ILE H 229 -10.20 -51.28 15.45
CA ILE H 229 -10.99 -50.24 14.82
C ILE H 229 -11.20 -49.12 15.84
N VAL H 230 -10.72 -47.93 15.52
CA VAL H 230 -10.92 -46.74 16.35
C VAL H 230 -11.85 -45.80 15.61
N SER H 231 -12.88 -45.32 16.30
CA SER H 231 -13.90 -44.50 15.67
C SER H 231 -14.33 -43.37 16.60
N ALA H 232 -14.70 -42.25 16.01
CA ALA H 232 -15.27 -41.10 16.70
C ALA H 232 -16.62 -40.76 16.07
N GLU H 233 -17.57 -40.35 16.90
CA GLU H 233 -18.95 -40.15 16.47
C GLU H 233 -19.35 -38.69 16.64
N ALA H 234 -20.52 -38.36 16.09
CA ALA H 234 -21.05 -37.01 16.18
C ALA H 234 -22.55 -37.05 15.89
N TRP H 235 -23.29 -36.16 16.55
CA TRP H 235 -24.71 -35.98 16.31
C TRP H 235 -24.95 -34.65 15.61
N GLY H 236 -26.00 -34.61 14.79
CA GLY H 236 -26.38 -33.37 14.15
C GLY H 236 -26.83 -32.33 15.15
N ARG H 237 -26.71 -31.06 14.75
CA ARG H 237 -27.05 -29.94 15.61
C ARG H 237 -28.06 -29.03 14.92
N ALA H 238 -29.18 -28.77 15.60
CA ALA H 238 -30.19 -27.83 15.08
C ALA H 238 -29.84 -26.38 15.35
N ASP H 239 -28.68 -26.12 15.96
CA ASP H 239 -28.24 -24.75 16.27
C ASP H 239 -28.05 -23.90 15.02
C1 EDO I . 33.85 33.03 -6.45
O1 EDO I . 33.63 32.12 -7.53
C2 EDO I . 32.53 33.28 -5.72
O2 EDO I . 32.75 34.25 -4.68
C1 EDO J . 16.67 37.50 13.63
O1 EDO J . 17.43 37.44 12.42
C2 EDO J . 17.44 38.34 14.65
O2 EDO J . 17.65 39.65 14.13
#